data_7AHQ
#
_entry.id   7AHQ
#
loop_
_entity.id
_entity.type
_entity.pdbx_description
1 polymer 'Actin, alpha skeletal muscle'
2 non-polymer "ADENOSINE-5'-DIPHOSPHATE"
3 non-polymer 'PHOSPHATE ION'
4 non-polymer 'MAGNESIUM ION'
5 non-polymer "~{N}-[4-[(4~{R},7~{R},10~{S},13~{S},15~{E},19~{S})-4-(4-hydroxyphenyl)-7-(1~{H}-indol-3-ylmethyl)-8,13,15,19-tetramethyl-2,6,9,12-tetrakis(oxidanylidene)-1-oxa-5,8,11-triazacyclononadec-15-en-10-yl]butyl]-~{N}'-[5-methoxy-2-[(~{Z})-(3,4,5-trimethoxyphenyl)diazenyl]phenyl]butanediamide"
#
_entity_poly.entity_id   1
_entity_poly.type   'polypeptide(L)'
_entity_poly.pdbx_seq_one_letter_code
;MCDEDETTALVCDNGSGLVKAGFAGDDAPRAVFPSIVGRPRHQGVMVGMGQKDSYVGDEAQSKRGILTLKYPIE(HIC)G
IITNWDDMEKIWHHTFYNELRVAPEEHPTLLTEAPLNPKANREKMTQIMFETFNVPAMYVAIQAVLSLYASGRTTGIVLD
SGDGVTHNVPIYEGYALPHAIMRLDLAGRDLTDYLMKILTERGYSFVTTAEREIVRDIKEKLCYVALDFENEMATAASSS
SLEKSYELPDGQVITIGNERFRCPETLFQPSFIGMESAGIHETTYNSIMKCDIDIRKDLYANNVMSGGTTMYPGIADRMQ
KEITALAPSTMKIKIIAPPERKYSVWIGGSILASLSTFQQMWITKQEYDEAGPSIVHRKCF
;
_entity_poly.pdbx_strand_id   A,B,C,D,E
#
# COMPACT_ATOMS: atom_id res chain seq x y z
N THR A 7 -16.96 -46.95 54.63
CA THR A 7 -17.66 -46.17 53.63
C THR A 7 -16.75 -45.88 52.44
N THR A 8 -15.84 -44.94 52.61
CA THR A 8 -14.98 -44.48 51.54
C THR A 8 -13.79 -43.79 52.18
N ALA A 9 -12.70 -43.65 51.43
CA ALA A 9 -11.73 -42.63 51.77
C ALA A 9 -11.11 -42.06 50.52
N LEU A 10 -10.86 -40.75 50.53
CA LEU A 10 -10.29 -40.04 49.39
C LEU A 10 -8.81 -39.84 49.65
N VAL A 11 -7.97 -40.40 48.80
CA VAL A 11 -6.53 -40.28 48.94
C VAL A 11 -6.06 -39.31 47.88
N CYS A 12 -5.27 -38.31 48.26
CA CYS A 12 -4.74 -37.38 47.29
C CYS A 12 -3.23 -37.25 47.43
N ASP A 13 -2.49 -37.56 46.37
CA ASP A 13 -1.10 -37.14 46.32
C ASP A 13 -1.18 -35.67 45.97
N ASN A 14 -0.92 -34.83 46.93
CA ASN A 14 -1.07 -33.40 46.72
C ASN A 14 0.21 -32.75 46.25
N GLY A 15 1.29 -33.50 46.10
CA GLY A 15 2.55 -32.90 45.74
C GLY A 15 2.59 -32.25 44.37
N SER A 16 3.76 -31.70 44.09
CA SER A 16 4.00 -30.86 42.92
C SER A 16 3.99 -31.68 41.64
N GLY A 17 3.55 -31.05 40.56
CA GLY A 17 3.13 -31.83 39.43
C GLY A 17 1.83 -32.55 39.72
N LEU A 18 1.63 -33.67 39.06
CA LEU A 18 0.33 -34.32 38.97
C LEU A 18 -0.32 -34.43 40.33
N VAL A 19 -1.52 -33.86 40.45
CA VAL A 19 -2.44 -34.26 41.50
C VAL A 19 -3.00 -35.63 41.14
N LYS A 20 -2.81 -36.60 42.02
CA LYS A 20 -3.42 -37.91 41.94
C LYS A 20 -4.48 -38.03 43.01
N ALA A 21 -5.70 -38.34 42.62
CA ALA A 21 -6.79 -38.40 43.58
C ALA A 21 -7.81 -39.43 43.15
N GLY A 22 -8.60 -39.89 44.10
CA GLY A 22 -9.59 -40.91 43.85
C GLY A 22 -9.60 -41.96 44.93
N PHE A 23 -10.72 -42.66 45.02
CA PHE A 23 -11.13 -43.31 46.25
C PHE A 23 -10.17 -44.42 46.63
N ALA A 24 -10.01 -44.61 47.94
CA ALA A 24 -9.34 -45.79 48.44
C ALA A 24 -10.20 -47.02 48.17
N GLY A 25 -9.54 -48.18 48.19
CA GLY A 25 -10.21 -49.37 47.73
C GLY A 25 -10.23 -49.55 46.22
N ASP A 26 -9.42 -48.81 45.49
CA ASP A 26 -9.28 -48.99 44.06
C ASP A 26 -7.82 -49.22 43.71
N ASP A 27 -7.62 -49.83 42.54
CA ASP A 27 -6.30 -50.21 42.07
C ASP A 27 -5.51 -49.09 41.41
N ALA A 28 -6.16 -47.99 41.04
CA ALA A 28 -5.45 -46.91 40.38
C ALA A 28 -6.14 -45.60 40.66
N PRO A 29 -5.43 -44.48 40.57
CA PRO A 29 -6.08 -43.18 40.68
C PRO A 29 -7.23 -43.04 39.69
N ARG A 30 -8.27 -42.35 40.12
CA ARG A 30 -9.36 -41.98 39.25
C ARG A 30 -9.14 -40.63 38.58
N ALA A 31 -8.39 -39.74 39.22
CA ALA A 31 -8.05 -38.43 38.68
C ALA A 31 -6.54 -38.27 38.62
N VAL A 32 -6.02 -37.90 37.46
CA VAL A 32 -4.63 -37.52 37.31
C VAL A 32 -4.58 -36.33 36.37
N PHE A 33 -4.13 -35.18 36.86
CA PHE A 33 -4.07 -34.00 36.02
C PHE A 33 -2.99 -33.04 36.48
N PRO A 34 -2.43 -32.25 35.57
CA PRO A 34 -1.15 -31.57 35.83
C PRO A 34 -1.10 -30.59 36.99
N SER A 35 -2.20 -30.21 37.65
CA SER A 35 -2.11 -29.33 38.80
C SER A 35 -1.55 -27.95 38.47
N ILE A 36 -1.70 -27.50 37.27
CA ILE A 36 -1.28 -26.16 36.88
C ILE A 36 -2.44 -25.20 37.04
N VAL A 37 -2.15 -23.93 37.28
CA VAL A 37 -3.14 -22.86 37.19
C VAL A 37 -2.71 -21.87 36.10
N GLY A 38 -3.66 -21.43 35.29
CA GLY A 38 -3.34 -20.53 34.21
C GLY A 38 -4.26 -19.34 34.04
N ARG A 39 -3.68 -18.14 33.95
CA ARG A 39 -4.44 -16.94 33.59
C ARG A 39 -4.19 -16.58 32.13
N PRO A 40 -5.19 -16.09 31.42
CA PRO A 40 -4.96 -15.51 30.10
C PRO A 40 -3.86 -14.47 30.10
N ARG A 41 -2.85 -14.66 29.27
CA ARG A 41 -1.68 -13.79 29.29
C ARG A 41 -1.88 -12.53 28.47
N HIS A 42 -2.26 -12.71 27.21
CA HIS A 42 -2.07 -11.67 26.21
C HIS A 42 -2.91 -10.43 26.49
N GLN A 43 -4.14 -10.60 26.91
CA GLN A 43 -5.00 -9.45 27.17
C GLN A 43 -5.85 -9.68 28.40
N GLY A 44 -6.08 -8.62 29.15
CA GLY A 44 -6.99 -8.62 30.27
C GLY A 44 -8.36 -9.15 29.91
N VAL A 45 -8.92 -9.96 30.81
CA VAL A 45 -10.02 -10.86 30.48
C VAL A 45 -11.30 -10.08 30.18
N MET A 46 -12.00 -10.52 29.14
CA MET A 46 -13.25 -9.92 28.68
C MET A 46 -14.40 -10.36 29.59
N VAL A 47 -14.24 -10.05 30.87
CA VAL A 47 -15.11 -10.57 31.93
C VAL A 47 -16.57 -10.27 31.67
N GLY A 48 -16.89 -9.10 31.11
CA GLY A 48 -18.28 -8.84 30.77
C GLY A 48 -18.88 -9.81 29.78
N MET A 49 -18.07 -10.42 28.92
CA MET A 49 -18.62 -11.47 28.07
C MET A 49 -18.50 -12.85 28.69
N GLY A 50 -17.86 -12.98 29.85
CA GLY A 50 -17.82 -14.27 30.51
C GLY A 50 -16.70 -15.18 30.05
N GLN A 51 -15.65 -14.64 29.45
CA GLN A 51 -14.47 -15.45 29.19
C GLN A 51 -13.87 -15.89 30.51
N LYS A 52 -13.75 -17.19 30.71
CA LYS A 52 -13.31 -17.69 32.00
C LYS A 52 -11.84 -17.38 32.21
N ASP A 53 -11.53 -16.71 33.32
CA ASP A 53 -10.20 -16.19 33.54
C ASP A 53 -9.27 -17.17 34.25
N SER A 54 -9.77 -18.32 34.67
CA SER A 54 -8.96 -19.31 35.35
C SER A 54 -9.05 -20.63 34.61
N TYR A 55 -7.92 -21.30 34.46
CA TYR A 55 -7.86 -22.61 33.81
C TYR A 55 -6.97 -23.49 34.64
N VAL A 56 -7.53 -24.53 35.25
CA VAL A 56 -6.78 -25.37 36.17
C VAL A 56 -6.79 -26.80 35.66
N GLY A 57 -5.67 -27.49 35.85
CA GLY A 57 -5.62 -28.91 35.62
C GLY A 57 -5.46 -29.33 34.18
N ASP A 58 -6.53 -29.82 33.55
CA ASP A 58 -6.45 -30.34 32.20
C ASP A 58 -6.68 -29.26 31.15
N GLU A 59 -7.67 -28.40 31.37
CA GLU A 59 -7.96 -27.36 30.39
C GLU A 59 -6.75 -26.48 30.18
N ALA A 60 -5.98 -26.22 31.23
CA ALA A 60 -4.79 -25.39 31.08
C ALA A 60 -3.83 -26.00 30.08
N GLN A 61 -3.53 -27.29 30.20
CA GLN A 61 -2.60 -27.88 29.24
C GLN A 61 -3.24 -27.95 27.86
N SER A 62 -4.55 -28.20 27.81
CA SER A 62 -5.24 -28.27 26.53
C SER A 62 -5.19 -26.95 25.79
N LYS A 63 -5.31 -25.84 26.50
CA LYS A 63 -5.28 -24.53 25.89
C LYS A 63 -4.06 -23.79 26.39
N ARG A 64 -2.93 -24.48 26.27
CA ARG A 64 -1.68 -24.05 26.88
C ARG A 64 -1.20 -22.71 26.37
N GLY A 65 -1.26 -22.48 25.06
CA GLY A 65 -0.43 -21.44 24.48
C GLY A 65 -0.80 -20.03 24.87
N ILE A 66 -2.03 -19.79 25.32
CA ILE A 66 -2.46 -18.45 25.68
C ILE A 66 -2.34 -18.17 27.17
N LEU A 67 -1.78 -19.07 27.95
CA LEU A 67 -1.89 -19.00 29.40
C LEU A 67 -0.54 -18.87 30.08
N THR A 68 -0.49 -18.05 31.12
CA THR A 68 0.61 -17.97 32.08
C THR A 68 0.49 -19.09 33.10
N LEU A 69 1.02 -20.25 32.74
CA LEU A 69 0.95 -21.41 33.62
C LEU A 69 1.83 -21.18 34.84
N LYS A 70 1.20 -21.09 36.01
CA LYS A 70 1.89 -21.02 37.29
C LYS A 70 1.75 -22.35 37.98
N TYR A 71 2.79 -22.75 38.70
CA TYR A 71 2.70 -23.90 39.57
C TYR A 71 2.50 -23.44 41.00
N PRO A 72 1.43 -23.85 41.67
CA PRO A 72 1.15 -23.32 43.00
C PRO A 72 1.90 -24.04 44.09
N ILE A 73 2.57 -25.14 43.77
CA ILE A 73 3.43 -25.84 44.72
C ILE A 73 4.86 -25.80 44.21
N GLU A 74 5.74 -25.23 44.99
CA GLU A 74 7.11 -25.02 44.61
C GLU A 74 8.02 -25.63 45.66
N GLY A 76 7.63 -28.40 47.02
CA GLY A 76 6.77 -29.08 47.95
C GLY A 76 6.09 -28.17 48.95
N ILE A 77 6.43 -26.89 48.91
CA ILE A 77 5.83 -25.89 49.78
C ILE A 77 4.73 -25.19 49.01
N ILE A 78 3.52 -25.18 49.55
CA ILE A 78 2.44 -24.44 48.93
C ILE A 78 2.72 -22.94 49.04
N THR A 79 2.73 -22.25 47.91
CA THR A 79 3.07 -20.83 47.91
C THR A 79 1.84 -19.95 47.75
N ASN A 80 1.01 -20.21 46.73
CA ASN A 80 -0.19 -19.43 46.50
C ASN A 80 -1.36 -20.13 47.19
N TRP A 81 -1.88 -19.51 48.25
CA TRP A 81 -3.00 -20.10 48.95
C TRP A 81 -4.31 -19.82 48.23
N ASP A 82 -4.39 -18.69 47.54
CA ASP A 82 -5.58 -18.36 46.78
C ASP A 82 -5.74 -19.30 45.60
N ASP A 83 -4.66 -19.86 45.09
CA ASP A 83 -4.69 -20.61 43.85
C ASP A 83 -4.66 -22.12 44.07
N MET A 84 -3.98 -22.59 45.10
CA MET A 84 -4.04 -24.00 45.46
C MET A 84 -5.46 -24.41 45.81
N GLU A 85 -6.19 -23.53 46.48
CA GLU A 85 -7.58 -23.84 46.78
C GLU A 85 -8.43 -23.97 45.53
N LYS A 86 -8.05 -23.31 44.44
CA LYS A 86 -8.75 -23.56 43.19
C LYS A 86 -8.51 -24.97 42.67
N ILE A 87 -7.33 -25.53 42.93
CA ILE A 87 -7.05 -26.88 42.49
C ILE A 87 -7.81 -27.90 43.31
N TRP A 88 -7.84 -27.76 44.62
CA TRP A 88 -8.73 -28.65 45.38
C TRP A 88 -10.19 -28.48 44.98
N HIS A 89 -10.63 -27.24 44.77
CA HIS A 89 -11.99 -27.01 44.30
C HIS A 89 -12.28 -27.81 43.05
N HIS A 90 -11.36 -27.76 42.10
CA HIS A 90 -11.56 -28.45 40.83
C HIS A 90 -11.52 -29.96 41.03
N THR A 91 -10.65 -30.46 41.90
CA THR A 91 -10.55 -31.89 42.05
C THR A 91 -11.83 -32.45 42.61
N PHE A 92 -12.32 -31.88 43.71
CA PHE A 92 -13.51 -32.47 44.32
C PHE A 92 -14.76 -32.23 43.49
N TYR A 93 -15.03 -30.99 43.09
CA TYR A 93 -16.32 -30.78 42.44
C TYR A 93 -16.34 -31.17 40.97
N ASN A 94 -15.28 -30.93 40.19
CA ASN A 94 -15.36 -31.16 38.76
C ASN A 94 -14.82 -32.50 38.33
N GLU A 95 -13.68 -32.93 38.86
CA GLU A 95 -13.05 -34.13 38.35
C GLU A 95 -13.61 -35.41 38.98
N LEU A 96 -13.64 -35.51 40.30
CA LEU A 96 -14.23 -36.67 40.94
C LEU A 96 -15.75 -36.58 41.06
N ARG A 97 -16.29 -35.37 41.04
CA ARG A 97 -17.73 -35.14 41.25
C ARG A 97 -18.22 -35.77 42.54
N VAL A 98 -17.41 -35.67 43.58
CA VAL A 98 -17.71 -36.23 44.89
C VAL A 98 -18.02 -35.10 45.86
N ALA A 99 -19.05 -35.29 46.67
CA ALA A 99 -19.43 -34.28 47.65
C ALA A 99 -18.51 -34.39 48.87
N PRO A 100 -17.61 -33.44 49.07
CA PRO A 100 -16.49 -33.67 49.99
C PRO A 100 -16.86 -33.64 51.45
N GLU A 101 -18.04 -33.11 51.80
CA GLU A 101 -18.43 -33.09 53.21
C GLU A 101 -18.66 -34.48 53.78
N GLU A 102 -18.61 -35.51 52.93
CA GLU A 102 -19.12 -36.82 53.27
C GLU A 102 -18.04 -37.88 53.46
N HIS A 103 -16.83 -37.64 52.95
CA HIS A 103 -15.80 -38.67 52.93
C HIS A 103 -14.51 -38.13 53.53
N PRO A 104 -13.86 -38.91 54.37
CA PRO A 104 -12.55 -38.51 54.90
C PRO A 104 -11.51 -38.45 53.82
N THR A 105 -10.52 -37.58 54.02
CA THR A 105 -9.50 -37.31 53.02
C THR A 105 -8.13 -37.47 53.62
N LEU A 106 -7.29 -38.30 53.00
CA LEU A 106 -5.92 -38.52 53.44
C LEU A 106 -4.97 -37.70 52.57
N LEU A 107 -4.56 -36.55 53.07
CA LEU A 107 -3.63 -35.68 52.36
C LEU A 107 -2.19 -36.14 52.61
N THR A 108 -1.29 -35.82 51.69
CA THR A 108 0.08 -36.27 51.85
C THR A 108 1.05 -35.12 51.63
N GLU A 109 2.24 -35.26 52.23
CA GLU A 109 3.18 -34.17 52.39
C GLU A 109 4.60 -34.69 52.23
N ALA A 110 5.52 -33.78 51.94
CA ALA A 110 6.95 -34.06 52.05
C ALA A 110 7.38 -34.04 53.51
N PRO A 111 8.50 -34.70 53.84
CA PRO A 111 9.08 -34.49 55.16
C PRO A 111 9.78 -33.14 55.29
N LEU A 112 10.00 -32.74 56.54
CA LEU A 112 10.75 -31.53 56.87
C LEU A 112 10.13 -30.27 56.27
N ASN A 113 8.84 -30.27 56.03
CA ASN A 113 8.19 -29.05 55.62
C ASN A 113 8.03 -28.07 56.78
N PRO A 114 7.89 -26.79 56.50
CA PRO A 114 7.47 -25.85 57.52
C PRO A 114 6.14 -26.25 58.14
N LYS A 115 6.07 -26.15 59.47
CA LYS A 115 4.81 -26.41 60.16
C LYS A 115 3.66 -25.55 59.64
N ALA A 116 3.94 -24.29 59.32
CA ALA A 116 2.88 -23.41 58.84
C ALA A 116 2.19 -23.95 57.60
N ASN A 117 2.90 -24.70 56.77
CA ASN A 117 2.28 -25.25 55.57
C ASN A 117 1.29 -26.36 55.91
N ARG A 118 1.61 -27.17 56.91
CA ARG A 118 0.67 -28.18 57.35
C ARG A 118 -0.52 -27.56 58.06
N GLU A 119 -0.30 -26.48 58.81
CA GLU A 119 -1.42 -25.86 59.52
C GLU A 119 -2.38 -25.16 58.58
N LYS A 120 -1.87 -24.38 57.62
CA LYS A 120 -2.76 -23.82 56.60
C LYS A 120 -3.49 -24.90 55.81
N MET A 121 -2.76 -25.90 55.32
CA MET A 121 -3.39 -26.97 54.57
C MET A 121 -4.51 -27.64 55.36
N THR A 122 -4.32 -27.82 56.66
CA THR A 122 -5.38 -28.37 57.49
C THR A 122 -6.54 -27.39 57.65
N GLN A 123 -6.22 -26.14 57.98
CA GLN A 123 -7.25 -25.16 58.27
C GLN A 123 -8.18 -24.95 57.09
N ILE A 124 -7.65 -24.96 55.87
CA ILE A 124 -8.51 -24.81 54.70
C ILE A 124 -9.46 -26.00 54.58
N MET A 125 -8.95 -27.21 54.76
CA MET A 125 -9.78 -28.39 54.57
C MET A 125 -10.90 -28.44 55.61
N PHE A 126 -10.63 -27.97 56.82
CA PHE A 126 -11.69 -27.89 57.82
C PHE A 126 -12.55 -26.64 57.71
N GLU A 127 -12.07 -25.57 57.08
CA GLU A 127 -12.85 -24.34 57.06
C GLU A 127 -13.75 -24.23 55.82
N THR A 128 -13.18 -24.38 54.62
CA THR A 128 -13.95 -24.11 53.42
C THR A 128 -14.58 -25.36 52.81
N PHE A 129 -13.83 -26.44 52.70
CA PHE A 129 -14.41 -27.69 52.24
C PHE A 129 -15.21 -28.40 53.32
N ASN A 130 -14.96 -28.08 54.59
CA ASN A 130 -15.64 -28.70 55.70
C ASN A 130 -15.51 -30.23 55.64
N VAL A 131 -14.28 -30.69 55.44
CA VAL A 131 -14.03 -32.13 55.41
C VAL A 131 -14.44 -32.75 56.74
N PRO A 132 -15.06 -33.92 56.77
CA PRO A 132 -15.47 -34.47 58.08
C PRO A 132 -14.31 -34.99 58.88
N ALA A 133 -13.31 -35.58 58.25
CA ALA A 133 -12.14 -36.03 58.98
C ALA A 133 -10.98 -36.11 58.02
N MET A 134 -9.77 -35.91 58.53
CA MET A 134 -8.67 -35.65 57.63
C MET A 134 -7.37 -36.08 58.28
N TYR A 135 -6.36 -36.29 57.45
CA TYR A 135 -5.05 -36.71 57.92
C TYR A 135 -3.99 -36.25 56.94
N VAL A 136 -2.81 -35.96 57.46
CA VAL A 136 -1.67 -35.61 56.62
C VAL A 136 -0.57 -36.62 56.90
N ALA A 137 -0.25 -37.41 55.90
CA ALA A 137 0.78 -38.42 56.02
C ALA A 137 2.01 -37.99 55.25
N ILE A 138 3.08 -38.75 55.41
CA ILE A 138 4.34 -38.49 54.74
C ILE A 138 4.48 -39.45 53.56
N GLN A 139 4.84 -38.93 52.40
CA GLN A 139 4.84 -39.72 51.19
C GLN A 139 5.73 -40.95 51.25
N ALA A 140 6.92 -40.84 51.87
CA ALA A 140 7.83 -41.97 51.84
C ALA A 140 7.37 -43.14 52.71
N VAL A 141 6.53 -42.91 53.71
CA VAL A 141 6.00 -44.03 54.49
C VAL A 141 4.93 -44.75 53.72
N LEU A 142 4.01 -43.99 53.11
CA LEU A 142 2.97 -44.61 52.32
C LEU A 142 3.59 -45.41 51.18
N SER A 143 4.68 -44.90 50.61
CA SER A 143 5.26 -45.56 49.46
C SER A 143 5.74 -46.95 49.77
N LEU A 144 5.98 -47.26 51.04
CA LEU A 144 6.47 -48.56 51.44
C LEU A 144 5.36 -49.61 51.52
N TYR A 145 4.22 -49.25 52.09
CA TYR A 145 3.05 -50.13 52.09
C TYR A 145 2.70 -50.62 50.69
N ALA A 146 2.92 -49.78 49.67
CA ALA A 146 2.62 -50.20 48.31
C ALA A 146 3.36 -51.46 47.91
N SER A 147 4.56 -51.69 48.43
CA SER A 147 5.23 -52.94 48.10
C SER A 147 4.80 -54.10 48.99
N GLY A 148 4.17 -53.82 50.12
CA GLY A 148 3.90 -54.85 51.11
C GLY A 148 5.03 -55.11 52.09
N ARG A 149 6.22 -54.58 51.82
CA ARG A 149 7.36 -54.72 52.70
C ARG A 149 7.16 -53.96 54.00
N THR A 150 7.96 -54.33 55.00
CA THR A 150 8.03 -53.59 56.25
C THR A 150 9.46 -53.21 56.59
N THR A 151 10.34 -53.19 55.59
CA THR A 151 11.70 -52.72 55.77
C THR A 151 12.16 -52.18 54.44
N GLY A 152 12.99 -51.16 54.48
CA GLY A 152 13.59 -50.66 53.26
C GLY A 152 13.90 -49.19 53.39
N ILE A 153 14.78 -48.73 52.53
CA ILE A 153 15.10 -47.32 52.44
C ILE A 153 14.34 -46.75 51.24
N VAL A 154 13.25 -46.04 51.54
CA VAL A 154 12.34 -45.52 50.53
C VAL A 154 12.99 -44.30 49.88
N LEU A 155 13.51 -44.45 48.67
CA LEU A 155 14.07 -43.31 47.96
C LEU A 155 12.99 -42.76 47.05
N ASP A 156 12.42 -41.64 47.43
CA ASP A 156 11.27 -41.07 46.77
C ASP A 156 11.66 -39.80 46.03
N SER A 157 11.44 -39.80 44.74
CA SER A 157 11.71 -38.67 43.89
C SER A 157 10.39 -37.97 43.64
N GLY A 158 10.36 -37.06 42.68
CA GLY A 158 9.14 -36.34 42.42
C GLY A 158 9.40 -35.19 41.47
N ASP A 159 8.41 -34.32 41.35
CA ASP A 159 8.61 -33.09 40.62
C ASP A 159 9.26 -32.03 41.47
N GLY A 160 9.07 -32.09 42.78
CA GLY A 160 9.58 -31.04 43.63
C GLY A 160 10.69 -31.45 44.57
N VAL A 161 10.43 -32.46 45.40
CA VAL A 161 11.32 -32.83 46.48
C VAL A 161 11.73 -34.28 46.37
N THR A 162 13.02 -34.54 46.56
CA THR A 162 13.53 -35.90 46.72
C THR A 162 13.80 -36.11 48.21
N HIS A 163 13.43 -37.28 48.72
CA HIS A 163 13.72 -37.54 50.12
C HIS A 163 13.85 -39.03 50.38
N ASN A 164 14.61 -39.36 51.42
CA ASN A 164 14.82 -40.73 51.85
C ASN A 164 14.17 -40.90 53.20
N VAL A 165 13.49 -42.03 53.39
CA VAL A 165 13.02 -42.38 54.73
C VAL A 165 13.35 -43.85 54.96
N PRO A 166 14.37 -44.17 55.74
CA PRO A 166 14.56 -45.56 56.11
C PRO A 166 13.50 -45.97 57.11
N ILE A 167 12.99 -47.17 56.93
CA ILE A 167 12.03 -47.79 57.81
C ILE A 167 12.51 -49.20 58.11
N TYR A 168 12.24 -49.68 59.31
CA TYR A 168 12.69 -51.02 59.67
C TYR A 168 11.66 -51.60 60.62
N GLU A 169 11.28 -52.85 60.36
CA GLU A 169 10.26 -53.57 61.15
C GLU A 169 9.02 -52.69 61.40
N GLY A 170 8.65 -51.87 60.43
CA GLY A 170 7.54 -51.00 60.67
C GLY A 170 7.85 -49.78 61.50
N TYR A 171 8.99 -49.73 62.18
CA TYR A 171 9.34 -48.51 62.87
C TYR A 171 9.89 -47.52 61.87
N ALA A 172 9.70 -46.24 62.15
CA ALA A 172 10.23 -45.17 61.33
C ALA A 172 11.36 -44.52 62.08
N LEU A 173 12.48 -44.30 61.40
CA LEU A 173 13.57 -43.65 62.09
C LEU A 173 13.47 -42.18 61.70
N PRO A 174 13.14 -41.27 62.62
CA PRO A 174 13.02 -39.86 62.24
C PRO A 174 14.29 -39.05 62.28
N HIS A 175 15.41 -39.61 62.72
CA HIS A 175 16.67 -38.90 62.77
C HIS A 175 17.50 -39.07 61.51
N ALA A 176 17.07 -39.91 60.58
CA ALA A 176 17.82 -40.08 59.33
C ALA A 176 16.96 -39.85 58.10
N ILE A 177 15.89 -39.07 58.23
CA ILE A 177 15.26 -38.51 57.03
C ILE A 177 16.19 -37.48 56.41
N MET A 178 16.34 -37.57 55.10
CA MET A 178 17.10 -36.62 54.32
C MET A 178 16.16 -36.00 53.30
N ARG A 179 16.40 -34.75 52.95
CA ARG A 179 15.62 -34.10 51.92
C ARG A 179 16.55 -33.32 51.01
N LEU A 180 16.47 -33.57 49.72
CA LEU A 180 17.14 -32.72 48.76
C LEU A 180 16.14 -31.80 48.08
N ASP A 181 16.66 -30.84 47.34
CA ASP A 181 15.79 -29.98 46.56
C ASP A 181 16.10 -30.19 45.09
N LEU A 182 15.95 -31.43 44.63
CA LEU A 182 16.42 -31.83 43.32
C LEU A 182 15.44 -32.81 42.73
N ALA A 183 14.83 -32.46 41.61
CA ALA A 183 13.69 -33.22 41.14
C ALA A 183 13.40 -32.80 39.71
N GLY A 184 12.34 -33.38 39.17
CA GLY A 184 11.99 -33.16 37.78
C GLY A 184 11.87 -31.71 37.36
N ARG A 185 11.52 -30.81 38.27
CA ARG A 185 11.50 -29.41 37.86
C ARG A 185 12.90 -28.85 37.67
N ASP A 186 13.88 -29.36 38.38
CA ASP A 186 15.25 -28.92 38.16
C ASP A 186 15.89 -29.62 36.98
N LEU A 187 15.53 -30.87 36.72
CA LEU A 187 15.96 -31.48 35.47
C LEU A 187 15.31 -30.83 34.25
N THR A 188 14.07 -30.38 34.37
CA THR A 188 13.49 -29.62 33.27
C THR A 188 14.22 -28.30 33.06
N ASP A 189 14.45 -27.55 34.13
CA ASP A 189 15.15 -26.29 33.99
C ASP A 189 16.60 -26.47 33.55
N TYR A 190 17.18 -27.66 33.74
CA TYR A 190 18.48 -27.94 33.16
C TYR A 190 18.39 -28.31 31.69
N LEU A 191 17.44 -29.16 31.31
CA LEU A 191 17.28 -29.49 29.90
C LEU A 191 16.96 -28.28 29.06
N MET A 192 16.13 -27.37 29.57
CA MET A 192 15.91 -26.11 28.87
C MET A 192 17.18 -25.31 28.68
N LYS A 193 18.21 -25.56 29.48
CA LYS A 193 19.47 -24.87 29.33
C LYS A 193 20.47 -25.61 28.45
N ILE A 194 20.42 -26.94 28.41
CA ILE A 194 21.35 -27.66 27.56
C ILE A 194 20.82 -27.85 26.15
N LEU A 195 19.52 -27.67 25.93
CA LEU A 195 18.99 -27.75 24.58
C LEU A 195 19.30 -26.50 23.78
N THR A 196 19.69 -25.41 24.43
CA THR A 196 20.12 -24.24 23.69
C THR A 196 21.47 -24.45 23.04
N GLU A 197 22.23 -25.44 23.48
CA GLU A 197 23.44 -25.80 22.75
C GLU A 197 23.14 -26.27 21.34
N ARG A 198 21.95 -26.79 21.08
CA ARG A 198 21.58 -27.13 19.72
C ARG A 198 20.79 -26.02 19.04
N GLY A 199 20.55 -24.93 19.72
CA GLY A 199 19.81 -23.80 19.20
C GLY A 199 18.32 -23.81 19.46
N TYR A 200 17.76 -24.91 19.90
CA TYR A 200 16.38 -24.88 20.36
C TYR A 200 16.33 -24.06 21.63
N SER A 201 15.50 -23.04 21.69
CA SER A 201 15.43 -22.17 22.86
C SER A 201 14.01 -22.08 23.36
N PHE A 202 13.74 -22.68 24.51
CA PHE A 202 12.42 -22.64 25.12
C PHE A 202 12.45 -21.65 26.27
N VAL A 203 11.48 -20.75 26.32
CA VAL A 203 11.51 -19.66 27.27
C VAL A 203 10.27 -19.63 28.15
N THR A 204 9.11 -19.51 27.53
CA THR A 204 7.86 -19.37 28.26
C THR A 204 7.46 -20.65 28.97
N THR A 205 6.55 -20.52 29.93
CA THR A 205 6.09 -21.65 30.72
C THR A 205 5.39 -22.69 29.85
N ALA A 206 4.69 -22.25 28.82
CA ALA A 206 4.06 -23.19 27.91
C ALA A 206 5.10 -24.06 27.22
N GLU A 207 6.24 -23.48 26.86
CA GLU A 207 7.29 -24.23 26.21
C GLU A 207 8.02 -25.11 27.21
N ARG A 208 7.98 -24.73 28.47
CA ARG A 208 8.50 -25.59 29.51
C ARG A 208 7.64 -26.84 29.64
N GLU A 209 6.34 -26.70 29.48
CA GLU A 209 5.47 -27.88 29.45
C GLU A 209 5.64 -28.72 28.19
N ILE A 210 6.53 -28.35 27.29
CA ILE A 210 6.96 -29.23 26.20
C ILE A 210 8.29 -29.89 26.50
N VAL A 211 9.22 -29.16 27.10
CA VAL A 211 10.45 -29.80 27.54
C VAL A 211 10.18 -30.83 28.64
N ARG A 212 9.21 -30.55 29.51
CA ARG A 212 8.74 -31.53 30.47
C ARG A 212 8.11 -32.74 29.83
N ASP A 213 7.90 -32.73 28.53
CA ASP A 213 7.43 -33.93 27.84
C ASP A 213 8.52 -34.56 27.02
N ILE A 214 9.47 -33.76 26.54
CA ILE A 214 10.64 -34.34 25.91
C ILE A 214 11.32 -35.29 26.87
N LYS A 215 11.66 -34.78 28.07
CA LYS A 215 12.47 -35.61 28.96
C LYS A 215 11.75 -36.88 29.35
N GLU A 216 10.42 -36.86 29.36
CA GLU A 216 9.67 -38.05 29.72
C GLU A 216 9.90 -39.18 28.72
N LYS A 217 9.99 -38.85 27.43
CA LYS A 217 10.10 -39.89 26.43
C LYS A 217 11.52 -40.12 25.94
N LEU A 218 12.19 -39.07 25.49
CA LEU A 218 13.50 -39.25 24.88
C LEU A 218 14.58 -39.67 25.86
N CYS A 219 14.58 -39.14 27.08
CA CYS A 219 15.73 -39.37 27.94
C CYS A 219 15.80 -40.79 28.48
N TYR A 220 17.01 -41.19 28.87
CA TYR A 220 17.31 -42.45 29.52
C TYR A 220 18.58 -42.24 30.31
N VAL A 221 18.79 -43.03 31.36
CA VAL A 221 20.00 -42.92 32.16
C VAL A 221 21.12 -43.74 31.54
N ALA A 222 22.20 -43.07 31.18
CA ALA A 222 23.41 -43.73 30.73
C ALA A 222 24.00 -44.61 31.82
N LEU A 223 24.26 -45.87 31.48
CA LEU A 223 24.85 -46.77 32.47
C LEU A 223 26.19 -46.24 32.96
N ASP A 224 27.10 -45.97 32.03
CA ASP A 224 28.39 -45.34 32.35
C ASP A 224 28.41 -44.01 31.60
N PHE A 225 28.31 -42.91 32.35
CA PHE A 225 28.23 -41.60 31.72
C PHE A 225 29.47 -41.27 30.89
N GLU A 226 30.64 -41.68 31.35
CA GLU A 226 31.84 -41.25 30.65
C GLU A 226 32.14 -42.05 29.39
N ASN A 227 31.57 -43.24 29.25
CA ASN A 227 31.61 -43.92 27.96
C ASN A 227 30.59 -43.38 26.98
N GLU A 228 29.38 -43.06 27.46
CA GLU A 228 28.41 -42.51 26.53
C GLU A 228 28.79 -41.12 26.06
N MET A 229 29.46 -40.32 26.88
CA MET A 229 30.02 -39.09 26.33
C MET A 229 31.10 -39.33 25.29
N ALA A 230 31.63 -40.56 25.17
CA ALA A 230 32.43 -40.91 24.02
C ALA A 230 31.58 -41.28 22.82
N THR A 231 30.69 -42.25 23.00
CA THR A 231 29.87 -42.74 21.89
C THR A 231 29.06 -41.63 21.23
N ALA A 232 28.48 -40.74 22.03
CA ALA A 232 27.73 -39.61 21.50
C ALA A 232 28.60 -38.60 20.77
N ALA A 233 29.92 -38.68 20.94
CA ALA A 233 30.86 -37.82 20.23
C ALA A 233 31.35 -38.45 18.92
N SER A 234 31.54 -39.76 18.89
CA SER A 234 32.09 -40.44 17.72
C SER A 234 31.03 -40.86 16.72
N SER A 235 29.77 -40.97 17.13
CA SER A 235 28.78 -41.69 16.35
C SER A 235 27.41 -41.10 16.64
N SER A 236 26.44 -41.47 15.80
CA SER A 236 25.11 -40.88 15.87
C SER A 236 23.98 -41.90 15.99
N SER A 237 24.28 -43.16 16.32
CA SER A 237 23.22 -44.08 16.69
C SER A 237 22.51 -43.63 17.97
N LEU A 238 23.20 -42.87 18.82
CA LEU A 238 22.57 -42.29 19.99
C LEU A 238 21.55 -41.21 19.67
N GLU A 239 21.65 -40.56 18.51
CA GLU A 239 20.76 -39.45 18.23
C GLU A 239 19.35 -39.93 17.93
N LYS A 240 18.38 -39.16 18.37
CA LYS A 240 16.97 -39.53 18.24
C LYS A 240 16.19 -38.25 18.02
N SER A 241 14.98 -38.40 17.49
CA SER A 241 14.24 -37.29 16.93
C SER A 241 12.81 -37.33 17.41
N TYR A 242 12.24 -36.14 17.57
CA TYR A 242 10.96 -35.97 18.24
C TYR A 242 10.24 -34.83 17.57
N GLU A 243 8.91 -34.94 17.53
CA GLU A 243 8.07 -34.01 16.79
C GLU A 243 7.31 -33.07 17.72
N LEU A 244 7.41 -31.78 17.45
CA LEU A 244 6.79 -30.78 18.29
C LEU A 244 5.31 -30.69 17.95
N PRO A 245 4.53 -29.95 18.74
CA PRO A 245 3.09 -29.82 18.42
C PRO A 245 2.83 -29.22 17.05
N ASP A 246 3.64 -28.26 16.61
CA ASP A 246 3.46 -27.59 15.33
C ASP A 246 3.88 -28.44 14.14
N GLY A 247 4.56 -29.55 14.38
CA GLY A 247 5.00 -30.44 13.34
C GLY A 247 6.46 -30.32 12.96
N GLN A 248 7.23 -29.52 13.68
CA GLN A 248 8.65 -29.38 13.44
C GLN A 248 9.35 -30.50 14.19
N VAL A 249 10.44 -31.00 13.64
CA VAL A 249 11.16 -32.11 14.25
C VAL A 249 12.44 -31.60 14.90
N ILE A 250 12.62 -31.97 16.13
CA ILE A 250 13.82 -31.80 16.93
C ILE A 250 14.76 -32.95 16.64
N THR A 251 16.06 -32.73 16.70
CA THR A 251 17.03 -33.79 16.88
C THR A 251 17.83 -33.52 18.14
N ILE A 252 17.71 -34.43 19.11
CA ILE A 252 18.10 -34.14 20.48
C ILE A 252 19.50 -34.63 20.84
N GLY A 253 19.97 -35.69 20.20
CA GLY A 253 21.32 -36.20 20.40
C GLY A 253 21.92 -36.28 21.80
N ASN A 254 23.13 -35.75 21.98
CA ASN A 254 23.88 -35.80 23.23
C ASN A 254 23.08 -35.46 24.49
N GLU A 255 22.15 -34.51 24.38
CA GLU A 255 21.42 -34.04 25.54
C GLU A 255 20.59 -35.13 26.16
N ARG A 256 20.32 -36.18 25.39
CA ARG A 256 19.36 -37.20 25.74
C ARG A 256 19.67 -37.91 27.04
N PHE A 257 20.94 -38.01 27.43
CA PHE A 257 21.29 -38.67 28.68
C PHE A 257 22.01 -37.80 29.69
N ARG A 258 22.28 -36.53 29.39
CA ARG A 258 22.88 -35.64 30.36
C ARG A 258 21.88 -35.11 31.38
N CYS A 259 20.59 -35.10 31.03
CA CYS A 259 19.60 -34.58 31.98
C CYS A 259 19.41 -35.47 33.19
N PRO A 260 19.27 -36.79 33.06
CA PRO A 260 19.14 -37.59 34.28
C PRO A 260 20.45 -37.74 35.00
N GLU A 261 21.57 -37.52 34.32
CA GLU A 261 22.85 -37.56 34.99
C GLU A 261 22.93 -36.56 36.14
N THR A 262 22.24 -35.42 36.04
CA THR A 262 22.28 -34.46 37.14
C THR A 262 21.72 -35.02 38.42
N LEU A 263 20.95 -36.10 38.35
CA LEU A 263 20.51 -36.77 39.57
C LEU A 263 21.73 -37.21 40.37
N PHE A 264 22.66 -37.86 39.70
CA PHE A 264 23.84 -38.42 40.34
C PHE A 264 24.95 -37.39 40.53
N GLN A 265 24.91 -36.27 39.80
CA GLN A 265 25.91 -35.21 39.94
C GLN A 265 25.22 -33.86 40.08
N PRO A 266 24.67 -33.57 41.25
CA PRO A 266 24.03 -32.27 41.49
C PRO A 266 24.93 -31.07 41.27
N SER A 267 26.23 -31.27 41.15
CA SER A 267 27.13 -30.17 40.83
C SER A 267 26.74 -29.55 39.50
N PHE A 268 26.28 -30.38 38.57
CA PHE A 268 25.92 -29.93 37.24
C PHE A 268 24.91 -28.80 37.28
N ILE A 269 23.97 -28.83 38.22
CA ILE A 269 22.94 -27.81 38.29
C ILE A 269 23.31 -26.70 39.28
N GLY A 270 24.58 -26.64 39.69
CA GLY A 270 24.93 -25.66 40.68
C GLY A 270 24.55 -26.02 42.10
N MET A 271 23.98 -27.20 42.31
CA MET A 271 23.58 -27.64 43.63
C MET A 271 24.77 -28.30 44.32
N GLU A 272 25.18 -27.74 45.45
CA GLU A 272 26.26 -28.34 46.23
C GLU A 272 25.66 -29.47 47.05
N SER A 273 25.67 -30.67 46.50
CA SER A 273 25.12 -31.79 47.24
C SER A 273 25.74 -33.08 46.76
N ALA A 274 25.65 -34.08 47.61
CA ALA A 274 25.67 -35.47 47.18
C ALA A 274 24.56 -35.75 46.16
N GLY A 275 24.82 -36.68 45.25
CA GLY A 275 23.78 -37.16 44.39
C GLY A 275 22.80 -38.00 45.20
N ILE A 276 21.83 -38.58 44.48
CA ILE A 276 20.93 -39.52 45.14
C ILE A 276 21.64 -40.82 45.53
N HIS A 277 22.68 -41.22 44.81
CA HIS A 277 23.42 -42.41 45.22
C HIS A 277 24.23 -42.16 46.48
N GLU A 278 24.80 -40.98 46.65
CA GLU A 278 25.46 -40.69 47.91
C GLU A 278 24.50 -40.36 49.02
N THR A 279 23.27 -39.99 48.70
CA THR A 279 22.35 -39.65 49.78
C THR A 279 21.68 -40.89 50.35
N THR A 280 21.33 -41.87 49.52
CA THR A 280 20.92 -43.14 50.11
C THR A 280 22.02 -43.74 50.95
N TYR A 281 23.24 -43.77 50.43
CA TYR A 281 24.36 -44.32 51.17
C TYR A 281 24.66 -43.56 52.46
N ASN A 282 24.60 -42.22 52.45
CA ASN A 282 24.73 -41.48 53.70
C ASN A 282 23.62 -41.75 54.69
N SER A 283 22.38 -41.84 54.22
CA SER A 283 21.30 -42.14 55.16
C SER A 283 21.38 -43.55 55.71
N ILE A 284 21.99 -44.47 54.97
CA ILE A 284 22.27 -45.78 55.53
C ILE A 284 23.41 -45.73 56.53
N MET A 285 24.54 -45.13 56.14
CA MET A 285 25.68 -45.06 57.06
C MET A 285 25.34 -44.35 58.35
N LYS A 286 24.43 -43.39 58.31
CA LYS A 286 24.00 -42.72 59.54
C LYS A 286 23.32 -43.69 60.48
N CYS A 287 22.62 -44.68 59.95
CA CYS A 287 21.85 -45.61 60.76
C CYS A 287 22.78 -46.57 61.49
N ASP A 288 22.22 -47.27 62.46
CA ASP A 288 22.99 -48.18 63.29
C ASP A 288 23.52 -49.35 62.48
N ILE A 289 24.72 -49.79 62.84
CA ILE A 289 25.42 -50.86 62.11
C ILE A 289 24.60 -52.14 62.01
N ASP A 290 23.75 -52.40 62.99
CA ASP A 290 22.97 -53.64 62.96
C ASP A 290 21.96 -53.64 61.84
N ILE A 291 21.48 -52.47 61.43
CA ILE A 291 20.40 -52.38 60.45
C ILE A 291 20.90 -52.63 59.03
N ARG A 292 22.11 -52.19 58.72
CA ARG A 292 22.48 -51.84 57.34
C ARG A 292 22.37 -53.02 56.38
N LYS A 293 22.66 -54.23 56.83
CA LYS A 293 22.52 -55.35 55.92
C LYS A 293 21.07 -55.56 55.50
N ASP A 294 20.11 -55.08 56.28
CA ASP A 294 18.71 -55.24 55.88
C ASP A 294 18.25 -54.12 54.98
N LEU A 295 18.74 -52.90 55.18
CA LEU A 295 18.43 -51.82 54.25
C LEU A 295 19.00 -52.07 52.87
N TYR A 296 20.26 -52.53 52.78
CA TYR A 296 20.80 -52.79 51.45
C TYR A 296 19.96 -53.76 50.64
N ALA A 297 19.28 -54.69 51.29
CA ALA A 297 18.50 -55.68 50.57
C ALA A 297 17.08 -55.22 50.22
N ASN A 298 16.66 -54.04 50.68
CA ASN A 298 15.27 -53.63 50.55
C ASN A 298 15.13 -52.21 50.02
N ASN A 299 16.07 -51.76 49.21
CA ASN A 299 16.12 -50.38 48.74
C ASN A 299 15.05 -50.15 47.68
N VAL A 300 13.94 -49.53 48.08
CA VAL A 300 12.76 -49.31 47.26
C VAL A 300 12.82 -47.93 46.61
N MET A 301 12.31 -47.83 45.39
CA MET A 301 12.23 -46.57 44.66
C MET A 301 10.76 -46.21 44.43
N SER A 302 10.49 -44.90 44.34
CA SER A 302 9.14 -44.47 43.99
C SER A 302 9.16 -43.12 43.30
N GLY A 303 8.03 -42.80 42.66
CA GLY A 303 7.83 -41.53 42.01
C GLY A 303 8.50 -41.44 40.66
N GLY A 304 7.95 -40.56 39.82
CA GLY A 304 8.62 -40.18 38.59
C GLY A 304 9.93 -39.47 38.87
N THR A 305 10.69 -39.23 37.80
CA THR A 305 12.14 -39.09 37.89
C THR A 305 12.78 -40.26 38.59
N THR A 306 12.04 -41.35 38.71
CA THR A 306 12.65 -42.64 38.99
C THR A 306 12.00 -43.68 38.09
N MET A 307 11.60 -43.24 36.89
CA MET A 307 11.11 -44.12 35.86
C MET A 307 11.93 -44.01 34.59
N TYR A 308 13.02 -43.25 34.61
CA TYR A 308 13.88 -43.24 33.44
C TYR A 308 14.39 -44.65 33.19
N PRO A 309 14.42 -45.10 31.95
CA PRO A 309 14.93 -46.44 31.67
C PRO A 309 16.32 -46.66 32.22
N GLY A 310 16.50 -47.78 32.92
CA GLY A 310 17.78 -48.11 33.49
C GLY A 310 18.22 -47.35 34.72
N ILE A 311 17.37 -46.53 35.34
CA ILE A 311 17.82 -45.82 36.53
C ILE A 311 18.19 -46.79 37.63
N ALA A 312 17.44 -47.88 37.77
CA ALA A 312 17.74 -48.86 38.80
C ALA A 312 19.08 -49.54 38.52
N ASP A 313 19.25 -50.02 37.29
CA ASP A 313 20.47 -50.70 36.92
C ASP A 313 21.72 -49.83 37.03
N ARG A 314 21.60 -48.51 36.89
CA ARG A 314 22.73 -47.68 37.27
C ARG A 314 22.86 -47.55 38.78
N MET A 315 21.78 -47.19 39.47
CA MET A 315 21.84 -46.96 40.90
C MET A 315 22.50 -48.12 41.63
N GLN A 316 22.09 -49.35 41.29
CA GLN A 316 22.62 -50.53 41.95
C GLN A 316 24.12 -50.70 41.75
N LYS A 317 24.63 -50.38 40.56
CA LYS A 317 26.07 -50.32 40.35
C LYS A 317 26.73 -49.20 41.12
N GLU A 318 26.05 -48.07 41.25
CA GLU A 318 26.74 -46.92 41.78
C GLU A 318 26.79 -46.95 43.30
N ILE A 319 25.76 -47.49 43.94
CA ILE A 319 25.87 -47.75 45.37
C ILE A 319 26.71 -48.99 45.65
N THR A 320 26.70 -50.01 44.78
CA THR A 320 27.62 -51.12 44.92
C THR A 320 29.06 -50.66 44.95
N ALA A 321 29.39 -49.61 44.22
CA ALA A 321 30.74 -49.09 44.27
C ALA A 321 31.11 -48.47 45.61
N LEU A 322 30.13 -48.08 46.43
CA LEU A 322 30.41 -47.54 47.76
C LEU A 322 30.42 -48.61 48.84
N ALA A 323 29.28 -49.28 49.03
CA ALA A 323 29.13 -50.20 50.14
C ALA A 323 30.06 -51.40 50.01
N PRO A 324 30.34 -52.09 51.11
CA PRO A 324 31.21 -53.27 51.07
C PRO A 324 30.73 -54.34 50.10
N SER A 325 31.70 -55.03 49.50
CA SER A 325 31.47 -56.07 48.51
C SER A 325 30.91 -57.37 49.10
N THR A 326 30.86 -57.52 50.41
CA THR A 326 30.16 -58.65 51.00
C THR A 326 28.65 -58.50 50.97
N MET A 327 28.14 -57.30 50.69
CA MET A 327 26.71 -57.02 50.74
C MET A 327 26.10 -57.17 49.37
N LYS A 328 25.12 -58.06 49.26
CA LYS A 328 24.20 -58.03 48.14
C LYS A 328 23.34 -56.78 48.21
N ILE A 329 23.17 -56.12 47.08
CA ILE A 329 22.33 -54.93 46.99
C ILE A 329 21.30 -55.16 45.91
N LYS A 330 20.04 -55.13 46.29
CA LYS A 330 18.91 -55.31 45.40
C LYS A 330 18.05 -54.06 45.44
N ILE A 331 17.73 -53.52 44.29
CA ILE A 331 16.94 -52.30 44.19
C ILE A 331 15.57 -52.65 43.67
N ILE A 332 14.58 -52.46 44.52
CA ILE A 332 13.20 -52.87 44.23
C ILE A 332 12.54 -51.70 43.53
N ALA A 333 12.56 -51.73 42.21
CA ALA A 333 11.84 -50.75 41.39
C ALA A 333 10.68 -51.42 40.68
N PRO A 334 9.51 -51.51 41.31
CA PRO A 334 8.40 -52.22 40.69
C PRO A 334 7.84 -51.42 39.54
N PRO A 335 7.05 -52.04 38.67
CA PRO A 335 6.24 -51.26 37.73
C PRO A 335 5.17 -50.44 38.43
N GLU A 336 4.79 -49.33 37.79
CA GLU A 336 3.88 -48.33 38.37
C GLU A 336 4.45 -47.64 39.61
N ARG A 337 5.74 -47.35 39.61
CA ARG A 337 6.27 -46.43 40.61
C ARG A 337 5.50 -45.11 40.67
N LYS A 338 5.01 -44.62 39.53
CA LYS A 338 4.24 -43.37 39.53
C LYS A 338 3.07 -43.40 40.48
N TYR A 339 2.49 -44.56 40.73
CA TYR A 339 1.32 -44.65 41.59
C TYR A 339 1.62 -45.25 42.95
N SER A 340 2.89 -45.49 43.25
CA SER A 340 3.24 -46.19 44.48
C SER A 340 2.64 -45.49 45.69
N VAL A 341 2.86 -44.18 45.80
CA VAL A 341 2.33 -43.44 46.93
C VAL A 341 0.81 -43.46 46.96
N TRP A 342 0.15 -43.35 45.82
CA TRP A 342 -1.30 -43.41 45.87
C TRP A 342 -1.81 -44.78 46.27
N ILE A 343 -1.21 -45.86 45.77
CA ILE A 343 -1.68 -47.17 46.20
C ILE A 343 -1.38 -47.42 47.67
N GLY A 344 -0.27 -46.89 48.16
CA GLY A 344 -0.03 -46.89 49.59
C GLY A 344 -1.13 -46.20 50.37
N GLY A 345 -1.60 -45.08 49.88
CA GLY A 345 -2.76 -44.46 50.50
C GLY A 345 -4.02 -45.29 50.38
N SER A 346 -4.23 -45.92 49.23
CA SER A 346 -5.41 -46.76 49.04
C SER A 346 -5.40 -48.01 49.88
N ILE A 347 -4.25 -48.40 50.41
CA ILE A 347 -4.17 -49.52 51.34
C ILE A 347 -4.27 -49.05 52.78
N LEU A 348 -3.51 -48.02 53.12
CA LEU A 348 -3.46 -47.50 54.47
C LEU A 348 -4.78 -46.89 54.90
N ALA A 349 -5.52 -46.29 53.98
CA ALA A 349 -6.82 -45.73 54.31
C ALA A 349 -7.88 -46.80 54.49
N SER A 350 -7.65 -48.00 53.97
CA SER A 350 -8.58 -49.10 54.16
C SER A 350 -8.13 -50.04 55.28
N LEU A 351 -7.00 -49.75 55.91
CA LEU A 351 -6.43 -50.60 56.95
C LEU A 351 -7.23 -50.42 58.24
N SER A 352 -7.65 -51.53 58.83
CA SER A 352 -8.56 -51.51 59.97
C SER A 352 -7.97 -50.89 61.24
N THR A 353 -6.64 -50.92 61.40
CA THR A 353 -6.04 -50.28 62.57
C THR A 353 -6.00 -48.77 62.46
N PHE A 354 -5.97 -48.22 61.25
CA PHE A 354 -5.73 -46.79 61.05
C PHE A 354 -6.88 -45.92 61.55
N GLN A 355 -8.07 -46.47 61.65
CA GLN A 355 -9.28 -45.68 61.81
C GLN A 355 -9.32 -44.86 63.11
N GLN A 356 -8.38 -45.07 64.03
CA GLN A 356 -8.24 -44.21 65.20
C GLN A 356 -7.38 -42.98 64.99
N MET A 357 -6.63 -42.90 63.89
CA MET A 357 -5.71 -41.78 63.71
C MET A 357 -6.32 -40.58 63.00
N TRP A 358 -7.48 -40.73 62.39
CA TRP A 358 -8.17 -39.60 61.78
C TRP A 358 -8.28 -38.43 62.74
N ILE A 359 -8.02 -37.22 62.24
CA ILE A 359 -8.16 -36.01 63.03
C ILE A 359 -9.57 -35.49 62.81
N THR A 360 -10.48 -35.84 63.71
CA THR A 360 -11.87 -35.45 63.56
C THR A 360 -12.01 -33.94 63.61
N LYS A 361 -12.96 -33.41 62.83
CA LYS A 361 -13.15 -31.97 62.76
C LYS A 361 -13.41 -31.38 64.14
N GLN A 362 -14.24 -32.04 64.92
CA GLN A 362 -14.51 -31.62 66.28
C GLN A 362 -13.22 -31.50 67.09
N GLU A 363 -12.33 -32.47 66.95
CA GLU A 363 -11.12 -32.49 67.75
C GLU A 363 -10.21 -31.32 67.42
N TYR A 364 -10.08 -30.98 66.14
CA TYR A 364 -9.35 -29.77 65.76
C TYR A 364 -10.04 -28.50 66.20
N ASP A 365 -11.37 -28.45 66.09
CA ASP A 365 -12.11 -27.28 66.54
C ASP A 365 -11.91 -26.99 68.02
N GLU A 366 -11.81 -28.03 68.85
CA GLU A 366 -11.60 -27.77 70.27
C GLU A 366 -10.14 -27.70 70.70
N ALA A 367 -9.28 -28.58 70.19
CA ALA A 367 -7.89 -28.65 70.64
C ALA A 367 -6.95 -27.68 69.94
N GLY A 368 -7.39 -27.04 68.85
CA GLY A 368 -6.60 -26.04 68.18
C GLY A 368 -5.51 -26.59 67.28
N PRO A 369 -5.04 -25.74 66.36
CA PRO A 369 -4.25 -26.21 65.22
C PRO A 369 -3.00 -27.01 65.57
N SER A 370 -2.47 -26.87 66.77
CA SER A 370 -1.33 -27.72 67.16
C SER A 370 -1.64 -29.20 67.10
N ILE A 371 -2.91 -29.60 67.07
CA ILE A 371 -3.29 -31.01 66.93
C ILE A 371 -2.59 -31.69 65.77
N VAL A 372 -2.30 -30.96 64.69
CA VAL A 372 -1.88 -31.62 63.46
C VAL A 372 -0.49 -32.21 63.52
N HIS A 373 0.32 -31.81 64.49
CA HIS A 373 1.68 -32.33 64.60
C HIS A 373 1.79 -33.56 65.49
N ARG A 374 0.69 -34.00 66.11
CA ARG A 374 0.74 -35.20 66.92
C ARG A 374 1.13 -36.40 66.05
N LYS A 375 1.72 -37.41 66.67
CA LYS A 375 2.12 -38.61 65.94
C LYS A 375 1.91 -39.86 66.79
N CYS A 376 0.73 -39.96 67.40
CA CYS A 376 0.34 -41.21 68.03
C CYS A 376 -0.02 -42.20 66.92
N PHE A 377 1.00 -42.60 66.18
CA PHE A 377 0.86 -43.31 64.91
C PHE A 377 0.47 -44.76 65.13
N THR B 7 52.93 -6.95 19.48
CA THR B 7 52.74 -6.43 18.13
C THR B 7 51.45 -5.64 18.04
N THR B 8 50.33 -6.36 17.96
CA THR B 8 49.04 -5.74 17.76
C THR B 8 48.00 -6.76 18.20
N ALA B 9 46.78 -6.29 18.48
CA ALA B 9 45.64 -7.19 18.46
C ALA B 9 44.41 -6.45 17.96
N LEU B 10 43.60 -7.15 17.17
CA LEU B 10 42.38 -6.59 16.60
C LEU B 10 41.20 -7.06 17.43
N VAL B 11 40.49 -6.13 18.03
CA VAL B 11 39.33 -6.45 18.85
C VAL B 11 38.10 -6.07 18.04
N CYS B 12 37.14 -6.98 17.94
CA CYS B 12 35.91 -6.67 17.23
C CYS B 12 34.70 -6.99 18.08
N ASP B 13 33.86 -5.99 18.38
CA ASP B 13 32.53 -6.29 18.88
C ASP B 13 31.76 -6.74 17.66
N ASN B 14 31.51 -8.02 17.54
CA ASN B 14 30.88 -8.54 16.36
C ASN B 14 29.37 -8.58 16.47
N GLY B 15 28.82 -8.18 17.60
CA GLY B 15 27.39 -8.29 17.80
C GLY B 15 26.55 -7.45 16.87
N SER B 16 25.24 -7.60 17.07
CA SER B 16 24.22 -7.05 16.19
C SER B 16 24.14 -5.53 16.32
N GLY B 17 23.78 -4.88 15.21
CA GLY B 17 24.09 -3.47 15.12
C GLY B 17 25.57 -3.24 14.97
N LEU B 18 26.02 -2.08 15.42
CA LEU B 18 27.33 -1.55 15.07
C LEU B 18 28.41 -2.61 15.26
N VAL B 19 29.13 -2.89 14.17
CA VAL B 19 30.45 -3.49 14.30
C VAL B 19 31.42 -2.44 14.80
N LYS B 20 32.06 -2.73 15.94
CA LYS B 20 33.13 -1.93 16.48
C LYS B 20 34.43 -2.70 16.33
N ALA B 21 35.41 -2.08 15.68
CA ALA B 21 36.66 -2.77 15.42
C ALA B 21 37.80 -1.78 15.40
N GLY B 22 39.00 -2.29 15.60
CA GLY B 22 40.18 -1.47 15.65
C GLY B 22 41.10 -1.86 16.79
N PHE B 23 42.36 -1.48 16.65
CA PHE B 23 43.46 -2.16 17.33
C PHE B 23 43.36 -2.03 18.83
N ALA B 24 43.79 -3.07 19.53
CA ALA B 24 44.01 -2.96 20.96
C ALA B 24 45.18 -2.03 21.24
N GLY B 25 45.22 -1.51 22.46
CA GLY B 25 46.15 -0.45 22.76
C GLY B 25 45.70 0.92 22.33
N ASP B 26 44.42 1.10 22.02
CA ASP B 26 43.87 2.41 21.73
C ASP B 26 42.69 2.69 22.63
N ASP B 27 42.39 3.98 22.78
CA ASP B 27 41.35 4.44 23.67
C ASP B 27 39.94 4.36 23.09
N ALA B 28 39.79 4.19 21.78
CA ALA B 28 38.46 4.15 21.20
C ALA B 28 38.49 3.31 19.94
N PRO B 29 37.36 2.75 19.53
CA PRO B 29 37.29 2.07 18.24
C PRO B 29 37.78 2.95 17.10
N ARG B 30 38.44 2.32 16.15
CA ARG B 30 38.82 3.00 14.92
C ARG B 30 37.75 2.87 13.84
N ALA B 31 36.97 1.80 13.88
CA ALA B 31 35.87 1.57 12.95
C ALA B 31 34.57 1.39 13.70
N VAL B 32 33.56 2.16 13.33
CA VAL B 32 32.21 1.96 13.83
C VAL B 32 31.25 2.16 12.67
N PHE B 33 30.52 1.11 12.29
CA PHE B 33 29.60 1.24 11.17
C PHE B 33 28.45 0.25 11.29
N PRO B 34 27.30 0.58 10.73
CA PRO B 34 26.05 -0.11 11.09
C PRO B 34 25.97 -1.61 10.83
N SER B 35 26.91 -2.25 10.14
CA SER B 35 26.84 -3.70 9.97
C SER B 35 25.62 -4.17 9.19
N ILE B 36 25.07 -3.35 8.36
CA ILE B 36 23.95 -3.73 7.50
C ILE B 36 24.48 -4.24 6.18
N VAL B 37 23.73 -5.12 5.52
CA VAL B 37 23.98 -5.48 4.13
C VAL B 37 22.77 -5.10 3.29
N GLY B 38 23.02 -4.54 2.11
CA GLY B 38 21.93 -4.09 1.27
C GLY B 38 22.03 -4.46 -0.20
N ARG B 39 20.97 -5.04 -0.76
CA ARG B 39 20.86 -5.27 -2.19
C ARG B 39 19.96 -4.22 -2.83
N PRO B 40 20.26 -3.76 -4.03
CA PRO B 40 19.30 -2.95 -4.78
C PRO B 40 17.94 -3.58 -4.88
N ARG B 41 16.91 -2.86 -4.43
CA ARG B 41 15.58 -3.43 -4.35
C ARG B 41 14.84 -3.35 -5.67
N HIS B 42 14.76 -2.14 -6.22
CA HIS B 42 13.74 -1.82 -7.22
C HIS B 42 13.92 -2.60 -8.51
N GLN B 43 15.14 -2.77 -8.97
CA GLN B 43 15.38 -3.48 -10.22
C GLN B 43 16.62 -4.34 -10.11
N GLY B 44 16.57 -5.50 -10.75
CA GLY B 44 17.71 -6.38 -10.88
C GLY B 44 18.93 -5.67 -11.44
N VAL B 45 20.09 -5.98 -10.87
CA VAL B 45 21.28 -5.14 -11.00
C VAL B 45 21.82 -5.15 -12.42
N MET B 46 22.20 -3.97 -12.90
CA MET B 46 22.73 -3.76 -14.24
C MET B 46 24.20 -4.20 -14.29
N VAL B 47 24.39 -5.48 -13.96
CA VAL B 47 25.73 -6.04 -13.71
C VAL B 47 26.66 -5.82 -14.89
N GLY B 48 26.15 -5.91 -16.13
CA GLY B 48 27.00 -5.63 -17.26
C GLY B 48 27.59 -4.23 -17.28
N MET B 49 26.92 -3.25 -16.68
CA MET B 49 27.53 -1.94 -16.54
C MET B 49 28.33 -1.79 -15.26
N GLY B 50 28.30 -2.78 -14.37
CA GLY B 50 29.12 -2.70 -13.18
C GLY B 50 28.50 -1.95 -12.02
N GLN B 51 27.18 -1.81 -11.99
CA GLN B 51 26.53 -1.29 -10.80
C GLN B 51 26.76 -2.26 -9.66
N LYS B 52 27.34 -1.78 -8.58
CA LYS B 52 27.72 -2.68 -7.50
C LYS B 52 26.47 -3.15 -6.78
N ASP B 53 26.32 -4.47 -6.67
CA ASP B 53 25.08 -5.05 -6.18
C ASP B 53 25.08 -5.25 -4.67
N SER B 54 26.18 -4.99 -3.99
CA SER B 54 26.26 -5.14 -2.55
C SER B 54 26.69 -3.83 -1.93
N TYR B 55 26.04 -3.47 -0.82
CA TYR B 55 26.38 -2.27 -0.08
C TYR B 55 26.40 -2.62 1.40
N VAL B 56 27.57 -2.56 2.03
CA VAL B 56 27.71 -2.99 3.41
C VAL B 56 28.20 -1.83 4.24
N GLY B 57 27.71 -1.76 5.47
CA GLY B 57 28.27 -0.85 6.44
C GLY B 57 27.80 0.59 6.32
N ASP B 58 28.66 1.47 5.82
CA ASP B 58 28.34 2.89 5.75
C ASP B 58 27.62 3.27 4.47
N GLU B 59 28.09 2.74 3.34
CA GLU B 59 27.47 3.08 2.07
C GLU B 59 26.00 2.69 2.07
N ALA B 60 25.65 1.59 2.72
CA ALA B 60 24.26 1.19 2.78
C ALA B 60 23.40 2.26 3.43
N GLN B 61 23.82 2.78 4.58
CA GLN B 61 23.02 3.81 5.22
C GLN B 61 23.05 5.10 4.40
N SER B 62 24.18 5.39 3.79
CA SER B 62 24.30 6.60 2.96
C SER B 62 23.36 6.55 1.78
N LYS B 63 23.19 5.39 1.17
CA LYS B 63 22.31 5.26 0.02
C LYS B 63 21.17 4.33 0.39
N ARG B 64 20.55 4.68 1.51
CA ARG B 64 19.57 3.82 2.17
C ARG B 64 18.37 3.53 1.30
N GLY B 65 17.82 4.55 0.64
CA GLY B 65 16.45 4.44 0.18
C GLY B 65 16.21 3.42 -0.91
N ILE B 66 17.24 3.03 -1.66
CA ILE B 66 17.09 2.09 -2.76
C ILE B 66 17.41 0.66 -2.36
N LEU B 67 17.68 0.39 -1.09
CA LEU B 67 18.27 -0.87 -0.68
C LEU B 67 17.37 -1.65 0.27
N THR B 68 17.34 -2.96 0.07
CA THR B 68 16.77 -3.93 1.01
C THR B 68 17.78 -4.23 2.11
N LEU B 69 17.79 -3.39 3.13
CA LEU B 69 18.71 -3.56 4.25
C LEU B 69 18.36 -4.80 5.04
N LYS B 70 19.24 -5.79 5.02
CA LYS B 70 19.13 -6.99 5.83
C LYS B 70 20.14 -6.89 6.96
N TYR B 71 19.76 -7.40 8.12
CA TYR B 71 20.70 -7.56 9.21
C TYR B 71 21.16 -9.00 9.27
N PRO B 72 22.46 -9.27 9.16
CA PRO B 72 22.92 -10.65 9.09
C PRO B 72 23.07 -11.29 10.44
N ILE B 73 22.95 -10.53 11.52
CA ILE B 73 22.94 -11.07 12.87
C ILE B 73 21.60 -10.79 13.51
N GLU B 74 20.91 -11.83 13.92
CA GLU B 74 19.58 -11.74 14.44
C GLU B 74 19.53 -12.41 15.80
N GLY B 76 21.66 -12.14 18.04
CA GLY B 76 23.02 -12.51 18.35
C GLY B 76 23.49 -13.77 17.65
N ILE B 77 22.59 -14.42 16.91
CA ILE B 77 22.93 -15.61 16.15
C ILE B 77 23.18 -15.20 14.71
N ILE B 78 24.34 -15.55 14.18
CA ILE B 78 24.62 -15.30 12.78
C ILE B 78 23.73 -16.17 11.91
N THR B 79 22.97 -15.55 11.01
CA THR B 79 22.02 -16.30 10.19
C THR B 79 22.52 -16.48 8.77
N ASN B 80 22.93 -15.40 8.11
CA ASN B 80 23.44 -15.48 6.75
C ASN B 80 24.95 -15.62 6.80
N TRP B 81 25.46 -16.78 6.42
CA TRP B 81 26.90 -16.97 6.43
C TRP B 81 27.55 -16.39 5.18
N ASP B 82 26.82 -16.35 4.08
CA ASP B 82 27.34 -15.75 2.87
C ASP B 82 27.47 -14.25 3.02
N ASP B 83 26.68 -13.64 3.89
CA ASP B 83 26.61 -12.19 3.98
C ASP B 83 27.38 -11.61 5.14
N MET B 84 27.45 -12.33 6.27
CA MET B 84 28.30 -11.92 7.37
C MET B 84 29.76 -11.87 6.94
N GLU B 85 30.17 -12.83 6.11
CA GLU B 85 31.53 -12.80 5.62
C GLU B 85 31.80 -11.58 4.76
N LYS B 86 30.78 -11.01 4.12
CA LYS B 86 31.00 -9.74 3.43
C LYS B 86 31.30 -8.61 4.41
N ILE B 87 30.72 -8.67 5.60
CA ILE B 87 30.97 -7.62 6.58
C ILE B 87 32.38 -7.74 7.16
N TRP B 88 32.82 -8.94 7.51
CA TRP B 88 34.23 -9.05 7.90
C TRP B 88 35.16 -8.66 6.76
N HIS B 89 34.85 -9.06 5.53
CA HIS B 89 35.64 -8.65 4.39
C HIS B 89 35.80 -7.14 4.35
N HIS B 90 34.69 -6.43 4.52
CA HIS B 90 34.72 -4.98 4.44
C HIS B 90 35.47 -4.40 5.62
N THR B 91 35.33 -4.98 6.80
CA THR B 91 35.99 -4.39 7.96
C THR B 91 37.49 -4.46 7.79
N PHE B 92 38.02 -5.65 7.49
CA PHE B 92 39.47 -5.76 7.43
C PHE B 92 40.04 -5.04 6.21
N TYR B 93 39.53 -5.31 5.01
CA TYR B 93 40.21 -4.74 3.85
C TYR B 93 39.87 -3.27 3.60
N ASN B 94 38.62 -2.83 3.77
CA ASN B 94 38.27 -1.47 3.38
C ASN B 94 38.31 -0.48 4.52
N GLU B 95 37.82 -0.83 5.70
CA GLU B 95 37.69 0.15 6.76
C GLU B 95 38.97 0.32 7.57
N LEU B 96 39.54 -0.77 8.10
CA LEU B 96 40.81 -0.67 8.81
C LEU B 96 42.01 -0.68 7.89
N ARG B 97 41.86 -1.22 6.67
CA ARG B 97 42.96 -1.37 5.73
C ARG B 97 44.14 -2.12 6.35
N VAL B 98 43.83 -3.13 7.14
CA VAL B 98 44.83 -3.94 7.83
C VAL B 98 44.89 -5.32 7.18
N ALA B 99 46.10 -5.82 6.99
CA ALA B 99 46.28 -7.14 6.39
C ALA B 99 46.06 -8.21 7.45
N PRO B 100 44.96 -8.96 7.37
CA PRO B 100 44.50 -9.74 8.53
C PRO B 100 45.34 -10.96 8.81
N GLU B 101 46.15 -11.42 7.86
CA GLU B 101 46.97 -12.61 8.11
C GLU B 101 48.03 -12.36 9.18
N GLU B 102 48.17 -11.13 9.65
CA GLU B 102 49.32 -10.70 10.41
C GLU B 102 49.03 -10.43 11.87
N HIS B 103 47.77 -10.23 12.25
CA HIS B 103 47.43 -9.79 13.59
C HIS B 103 46.37 -10.70 14.19
N PRO B 104 46.53 -11.10 15.44
CA PRO B 104 45.49 -11.87 16.12
C PRO B 104 44.22 -11.07 16.30
N THR B 105 43.10 -11.78 16.34
CA THR B 105 41.79 -11.16 16.39
C THR B 105 40.99 -11.73 17.55
N LEU B 106 40.49 -10.85 18.42
CA LEU B 106 39.67 -11.26 19.55
C LEU B 106 38.20 -11.01 19.22
N LEU B 107 37.50 -12.06 18.81
CA LEU B 107 36.09 -11.99 18.49
C LEU B 107 35.25 -12.10 19.75
N THR B 108 34.05 -11.56 19.74
CA THR B 108 33.22 -11.59 20.93
C THR B 108 31.81 -12.08 20.60
N GLU B 109 31.17 -12.64 21.62
CA GLU B 109 29.94 -13.42 21.46
C GLU B 109 29.01 -13.15 22.63
N ALA B 110 27.73 -13.45 22.42
CA ALA B 110 26.76 -13.54 23.51
C ALA B 110 26.94 -14.84 24.27
N PRO B 111 26.49 -14.91 25.52
CA PRO B 111 26.41 -16.20 26.20
C PRO B 111 25.26 -17.05 25.69
N LEU B 112 25.36 -18.35 25.98
CA LEU B 112 24.31 -19.32 25.67
C LEU B 112 23.96 -19.37 24.18
N ASN B 113 24.91 -19.05 23.33
CA ASN B 113 24.70 -19.26 21.91
C ASN B 113 24.80 -20.72 21.54
N PRO B 114 24.19 -21.11 20.42
CA PRO B 114 24.45 -22.44 19.86
C PRO B 114 25.93 -22.64 19.59
N LYS B 115 26.44 -23.81 19.94
CA LYS B 115 27.82 -24.16 19.63
C LYS B 115 28.13 -24.03 18.14
N ALA B 116 27.19 -24.42 17.29
CA ALA B 116 27.43 -24.36 15.85
C ALA B 116 27.79 -22.96 15.37
N ASN B 117 27.28 -21.93 16.05
CA ASN B 117 27.59 -20.57 15.64
C ASN B 117 29.02 -20.20 15.98
N ARG B 118 29.52 -20.67 17.10
CA ARG B 118 30.93 -20.45 17.43
C ARG B 118 31.84 -21.26 16.52
N GLU B 119 31.44 -22.48 16.16
CA GLU B 119 32.29 -23.29 15.31
C GLU B 119 32.37 -22.73 13.88
N LYS B 120 31.24 -22.36 13.28
CA LYS B 120 31.30 -21.69 11.98
C LYS B 120 32.11 -20.40 12.04
N MET B 121 31.82 -19.54 13.03
CA MET B 121 32.57 -18.29 13.15
C MET B 121 34.06 -18.53 13.25
N THR B 122 34.48 -19.57 13.96
CA THR B 122 35.90 -19.91 14.01
C THR B 122 36.41 -20.43 12.68
N GLN B 123 35.68 -21.37 12.09
CA GLN B 123 36.15 -22.02 10.87
C GLN B 123 36.35 -21.01 9.74
N ILE B 124 35.47 -20.03 9.63
CA ILE B 124 35.67 -19.01 8.59
C ILE B 124 36.94 -18.22 8.84
N MET B 125 37.17 -17.80 10.08
CA MET B 125 38.34 -16.97 10.36
C MET B 125 39.63 -17.72 10.10
N PHE B 126 39.64 -19.03 10.36
CA PHE B 126 40.82 -19.82 10.03
C PHE B 126 40.87 -20.28 8.58
N GLU B 127 39.76 -20.33 7.87
CA GLU B 127 39.77 -20.85 6.52
C GLU B 127 39.98 -19.77 5.46
N THR B 128 39.17 -18.72 5.47
CA THR B 128 39.20 -17.74 4.39
C THR B 128 40.07 -16.54 4.70
N PHE B 129 39.95 -15.96 5.89
CA PHE B 129 40.84 -14.88 6.28
C PHE B 129 42.21 -15.38 6.69
N ASN B 130 42.32 -16.65 7.06
CA ASN B 130 43.58 -17.22 7.51
C ASN B 130 44.18 -16.41 8.66
N VAL B 131 43.34 -16.13 9.65
CA VAL B 131 43.82 -15.39 10.83
C VAL B 131 44.92 -16.19 11.50
N PRO B 132 46.00 -15.56 11.99
CA PRO B 132 47.06 -16.36 12.61
C PRO B 132 46.69 -16.90 13.95
N ALA B 133 45.93 -16.16 14.75
CA ALA B 133 45.49 -16.67 16.04
C ALA B 133 44.24 -15.91 16.45
N MET B 134 43.37 -16.56 17.20
CA MET B 134 42.04 -16.03 17.35
C MET B 134 41.45 -16.49 18.67
N TYR B 135 40.44 -15.77 19.11
CA TYR B 135 39.76 -16.09 20.37
C TYR B 135 38.34 -15.59 20.32
N VAL B 136 37.46 -16.28 21.01
CA VAL B 136 36.07 -15.86 21.12
C VAL B 136 35.77 -15.69 22.60
N ALA B 137 35.52 -14.46 23.01
CA ALA B 137 35.23 -14.15 24.39
C ALA B 137 33.76 -13.83 24.54
N ILE B 138 33.32 -13.69 25.78
CA ILE B 138 31.94 -13.36 26.10
C ILE B 138 31.86 -11.88 26.45
N GLN B 139 30.89 -11.18 25.88
CA GLN B 139 30.82 -9.73 26.01
C GLN B 139 30.71 -9.26 27.46
N ALA B 140 29.95 -9.95 28.29
CA ALA B 140 29.76 -9.45 29.65
C ALA B 140 30.99 -9.56 30.53
N VAL B 141 31.93 -10.45 30.22
CA VAL B 141 33.17 -10.51 30.98
C VAL B 141 34.08 -9.38 30.59
N LEU B 142 34.23 -9.16 29.28
CA LEU B 142 35.07 -8.06 28.83
C LEU B 142 34.53 -6.74 29.36
N SER B 143 33.21 -6.61 29.44
CA SER B 143 32.63 -5.34 29.84
C SER B 143 33.03 -4.94 31.25
N LEU B 144 33.44 -5.90 32.07
CA LEU B 144 33.82 -5.64 33.44
C LEU B 144 35.24 -5.08 33.56
N TYR B 145 36.20 -5.64 32.83
CA TYR B 145 37.54 -5.08 32.76
C TYR B 145 37.54 -3.60 32.40
N ALA B 146 36.59 -3.17 31.58
CA ALA B 146 36.53 -1.77 31.20
C ALA B 146 36.38 -0.85 32.40
N SER B 147 35.73 -1.30 33.47
CA SER B 147 35.67 -0.45 34.66
C SER B 147 36.88 -0.59 35.55
N GLY B 148 37.68 -1.64 35.39
CA GLY B 148 38.75 -1.94 36.32
C GLY B 148 38.34 -2.75 37.52
N ARG B 149 37.04 -2.90 37.75
CA ARG B 149 36.52 -3.70 38.85
C ARG B 149 36.80 -5.18 38.65
N THR B 150 36.70 -5.92 39.75
CA THR B 150 36.76 -7.39 39.70
C THR B 150 35.56 -8.00 40.40
N THR B 151 34.48 -7.23 40.56
CA THR B 151 33.24 -7.75 41.10
C THR B 151 32.12 -6.93 40.50
N GLY B 152 30.99 -7.56 40.27
CA GLY B 152 29.82 -6.83 39.83
C GLY B 152 28.92 -7.71 39.01
N ILE B 153 27.68 -7.28 38.90
CA ILE B 153 26.71 -7.95 38.03
C ILE B 153 26.61 -7.15 36.75
N VAL B 154 27.25 -7.65 35.71
CA VAL B 154 27.36 -6.96 34.42
C VAL B 154 26.02 -7.08 33.70
N LEU B 155 25.24 -6.03 33.69
CA LEU B 155 23.97 -6.03 32.94
C LEU B 155 24.25 -5.43 31.58
N ASP B 156 24.29 -6.28 30.57
CA ASP B 156 24.71 -5.89 29.23
C ASP B 156 23.52 -5.93 28.29
N SER B 157 23.22 -4.80 27.70
CA SER B 157 22.15 -4.68 26.74
C SER B 157 22.77 -4.69 25.36
N GLY B 158 22.01 -4.32 24.34
CA GLY B 158 22.53 -4.33 23.00
C GLY B 158 21.43 -4.13 21.99
N ASP B 159 21.78 -4.38 20.74
CA ASP B 159 20.76 -4.38 19.71
C ASP B 159 20.05 -5.71 19.64
N GLY B 160 20.70 -6.80 20.04
CA GLY B 160 20.11 -8.09 19.89
C GLY B 160 19.77 -8.81 21.18
N VAL B 161 20.76 -8.98 22.04
CA VAL B 161 20.64 -9.80 23.23
C VAL B 161 20.95 -9.00 24.49
N THR B 162 20.12 -9.16 25.50
CA THR B 162 20.41 -8.67 26.84
C THR B 162 20.86 -9.86 27.68
N HIS B 163 21.90 -9.67 28.48
CA HIS B 163 22.30 -10.76 29.35
C HIS B 163 23.01 -10.26 30.60
N ASN B 164 22.94 -11.06 31.66
CA ASN B 164 23.58 -10.75 32.92
C ASN B 164 24.69 -11.76 33.14
N VAL B 165 25.84 -11.30 33.62
CA VAL B 165 26.87 -12.21 34.08
C VAL B 165 27.39 -11.71 35.40
N PRO B 166 27.02 -12.31 36.52
CA PRO B 166 27.67 -11.95 37.77
C PRO B 166 29.07 -12.49 37.79
N ILE B 167 29.99 -11.68 38.28
CA ILE B 167 31.38 -12.04 38.48
C ILE B 167 31.78 -11.62 39.88
N TYR B 168 32.67 -12.38 40.49
CA TYR B 168 33.08 -12.06 41.85
C TYR B 168 34.53 -12.48 41.99
N GLU B 169 35.33 -11.59 42.57
CA GLU B 169 36.78 -11.81 42.76
C GLU B 169 37.44 -12.35 41.49
N GLY B 170 36.99 -11.90 40.34
CA GLY B 170 37.54 -12.44 39.13
C GLY B 170 37.03 -13.79 38.74
N TYR B 171 36.34 -14.50 39.62
CA TYR B 171 35.73 -15.75 39.20
C TYR B 171 34.46 -15.44 38.45
N ALA B 172 34.10 -16.31 37.52
CA ALA B 172 32.87 -16.20 36.77
C ALA B 172 31.93 -17.29 37.24
N LEU B 173 30.68 -16.91 37.50
CA LEU B 173 29.76 -17.93 37.94
C LEU B 173 28.99 -18.33 36.68
N PRO B 174 29.16 -19.55 36.16
CA PRO B 174 28.45 -19.93 34.94
C PRO B 174 27.06 -20.50 35.12
N HIS B 175 26.60 -20.70 36.35
CA HIS B 175 25.26 -21.21 36.60
C HIS B 175 24.22 -20.13 36.76
N ALA B 176 24.62 -18.86 36.80
CA ALA B 176 23.65 -17.79 36.91
C ALA B 176 23.77 -16.77 35.79
N ILE B 177 24.29 -17.16 34.63
CA ILE B 177 24.09 -16.37 33.43
C ILE B 177 22.64 -16.44 33.03
N MET B 178 22.07 -15.28 32.72
CA MET B 178 20.72 -15.16 32.20
C MET B 178 20.80 -14.50 30.84
N ARG B 179 19.89 -14.87 29.95
CA ARG B 179 19.82 -14.23 28.66
C ARG B 179 18.37 -13.95 28.32
N LEU B 180 18.07 -12.70 27.99
CA LEU B 180 16.77 -12.36 27.44
C LEU B 180 16.89 -12.16 25.94
N ASP B 181 15.74 -12.05 25.28
CA ASP B 181 15.74 -11.74 23.87
C ASP B 181 15.06 -10.40 23.68
N LEU B 182 15.59 -9.36 24.32
CA LEU B 182 14.92 -8.08 24.41
C LEU B 182 15.95 -6.99 24.34
N ALA B 183 15.85 -6.15 23.32
CA ALA B 183 16.95 -5.25 23.01
C ALA B 183 16.46 -4.20 22.04
N GLY B 184 17.38 -3.35 21.62
CA GLY B 184 17.03 -2.24 20.76
C GLY B 184 16.28 -2.59 19.49
N ARG B 185 16.47 -3.80 18.96
CA ARG B 185 15.68 -4.16 17.80
C ARG B 185 14.22 -4.40 18.15
N ASP B 186 13.94 -4.86 19.37
CA ASP B 186 12.56 -5.02 19.79
C ASP B 186 11.94 -3.72 20.25
N LEU B 187 12.73 -2.82 20.84
CA LEU B 187 12.21 -1.48 21.09
C LEU B 187 11.98 -0.70 19.80
N THR B 188 12.79 -0.91 18.78
CA THR B 188 12.49 -0.29 17.50
C THR B 188 11.21 -0.85 16.90
N ASP B 189 11.06 -2.18 16.89
CA ASP B 189 9.84 -2.76 16.35
C ASP B 189 8.62 -2.43 17.18
N TYR B 190 8.79 -2.04 18.44
CA TYR B 190 7.66 -1.53 19.21
C TYR B 190 7.37 -0.07 18.90
N LEU B 191 8.39 0.77 18.81
CA LEU B 191 8.17 2.17 18.45
C LEU B 191 7.52 2.30 17.08
N MET B 192 7.94 1.49 16.12
CA MET B 192 7.27 1.48 14.83
C MET B 192 5.80 1.10 14.95
N LYS B 193 5.40 0.45 16.03
CA LYS B 193 3.99 0.12 16.22
C LYS B 193 3.23 1.14 17.05
N ILE B 194 3.89 1.85 17.95
CA ILE B 194 3.17 2.86 18.72
C ILE B 194 3.17 4.22 18.04
N LEU B 195 4.04 4.43 17.05
CA LEU B 195 4.01 5.68 16.31
C LEU B 195 2.86 5.71 15.32
N THR B 196 2.27 4.57 15.00
CA THR B 196 1.10 4.57 14.15
C THR B 196 -0.11 5.10 14.88
N GLU B 197 -0.09 5.15 16.20
CA GLU B 197 -1.16 5.84 16.90
C GLU B 197 -1.21 7.32 16.56
N ARG B 198 -0.11 7.92 16.13
CA ARG B 198 -0.15 9.30 15.67
C ARG B 198 -0.31 9.39 14.16
N GLY B 199 -0.38 8.27 13.47
CA GLY B 199 -0.52 8.23 12.04
C GLY B 199 0.76 8.15 11.25
N TYR B 200 1.91 8.39 11.86
CA TYR B 200 3.16 8.10 11.18
C TYR B 200 3.27 6.60 11.03
N SER B 201 3.47 6.12 9.81
CA SER B 201 3.55 4.69 9.57
C SER B 201 4.82 4.35 8.83
N PHE B 202 5.75 3.69 9.51
CA PHE B 202 7.01 3.27 8.92
C PHE B 202 6.93 1.78 8.63
N VAL B 203 7.31 1.38 7.42
CA VAL B 203 7.11 -0.01 7.00
C VAL B 203 8.41 -0.65 6.56
N THR B 204 9.05 -0.06 5.56
CA THR B 204 10.24 -0.65 4.97
C THR B 204 11.43 -0.56 5.91
N THR B 205 12.45 -1.37 5.62
CA THR B 205 13.66 -1.43 6.44
C THR B 205 14.38 -0.09 6.47
N ALA B 206 14.34 0.64 5.36
CA ALA B 206 14.98 1.95 5.33
C ALA B 206 14.30 2.88 6.33
N GLU B 207 12.99 2.78 6.47
CA GLU B 207 12.26 3.63 7.40
C GLU B 207 12.47 3.15 8.84
N ARG B 208 12.79 1.87 8.98
CA ARG B 208 13.17 1.36 10.28
C ARG B 208 14.48 1.97 10.71
N GLU B 209 15.41 2.16 9.78
CA GLU B 209 16.65 2.87 10.10
C GLU B 209 16.44 4.35 10.35
N ILE B 210 15.22 4.86 10.31
CA ILE B 210 14.90 6.20 10.80
C ILE B 210 14.27 6.14 12.18
N VAL B 211 13.40 5.17 12.41
CA VAL B 211 12.89 5.01 13.77
C VAL B 211 14.00 4.60 14.74
N ARG B 212 14.95 3.81 14.27
CA ARG B 212 16.15 3.52 15.04
C ARG B 212 17.00 4.75 15.31
N ASP B 213 16.68 5.88 14.70
CA ASP B 213 17.37 7.11 15.04
C ASP B 213 16.50 8.03 15.86
N ILE B 214 15.19 7.96 15.67
CA ILE B 214 14.29 8.68 16.56
C ILE B 214 14.55 8.27 17.99
N LYS B 215 14.49 6.95 18.26
CA LYS B 215 14.56 6.52 19.66
C LYS B 215 15.89 6.89 20.28
N GLU B 216 16.95 7.01 19.47
CA GLU B 216 18.25 7.38 20.02
C GLU B 216 18.22 8.77 20.61
N LYS B 217 17.53 9.70 19.96
CA LYS B 217 17.56 11.08 20.41
C LYS B 217 16.36 11.48 21.26
N LEU B 218 15.15 11.27 20.75
CA LEU B 218 13.97 11.76 21.43
C LEU B 218 13.67 11.03 22.73
N CYS B 219 13.87 9.71 22.78
CA CYS B 219 13.38 8.98 23.94
C CYS B 219 14.21 9.23 25.19
N TYR B 220 13.57 8.98 26.33
CA TYR B 220 14.16 9.03 27.66
C TYR B 220 13.35 8.13 28.55
N VAL B 221 13.95 7.61 29.62
CA VAL B 221 13.23 6.75 30.55
C VAL B 221 12.50 7.59 31.57
N ALA B 222 11.18 7.45 31.60
CA ALA B 222 10.36 8.07 32.64
C ALA B 222 10.71 7.52 34.01
N LEU B 223 10.98 8.41 34.96
CA LEU B 223 11.31 7.96 36.31
C LEU B 223 10.16 7.16 36.89
N ASP B 224 8.96 7.73 36.92
CA ASP B 224 7.76 7.02 37.33
C ASP B 224 6.84 6.98 36.14
N PHE B 225 6.66 5.79 35.55
CA PHE B 225 5.86 5.67 34.34
C PHE B 225 4.42 6.10 34.54
N GLU B 226 3.84 5.80 35.70
CA GLU B 226 2.41 6.07 35.86
C GLU B 226 2.11 7.53 36.15
N ASN B 227 3.08 8.31 36.62
CA ASN B 227 2.89 9.75 36.68
C ASN B 227 3.09 10.42 35.33
N GLU B 228 4.06 9.96 34.55
CA GLU B 228 4.24 10.57 33.24
C GLU B 228 3.10 10.24 32.29
N MET B 229 2.49 9.06 32.41
CA MET B 229 1.25 8.86 31.67
C MET B 229 0.12 9.77 32.12
N ALA B 230 0.24 10.44 33.26
CA ALA B 230 -0.67 11.53 33.58
C ALA B 230 -0.25 12.84 32.92
N THR B 231 0.99 13.25 33.15
CA THR B 231 1.47 14.52 32.62
C THR B 231 1.34 14.60 31.10
N ALA B 232 1.68 13.53 30.40
CA ALA B 232 1.54 13.48 28.95
C ALA B 232 0.09 13.52 28.49
N ALA B 233 -0.85 13.28 29.39
CA ALA B 233 -2.27 13.37 29.07
C ALA B 233 -2.85 14.76 29.34
N SER B 234 -2.39 15.43 30.40
CA SER B 234 -2.94 16.72 30.79
C SER B 234 -2.26 17.90 30.11
N SER B 235 -1.05 17.73 29.59
CA SER B 235 -0.20 18.85 29.23
C SER B 235 0.71 18.44 28.09
N SER B 236 1.36 19.43 27.49
CA SER B 236 2.16 19.21 26.29
C SER B 236 3.59 19.73 26.40
N SER B 237 4.07 20.06 27.60
CA SER B 237 5.49 20.29 27.77
C SER B 237 6.32 19.04 27.46
N LEU B 238 5.72 17.87 27.64
CA LEU B 238 6.38 16.62 27.27
C LEU B 238 6.56 16.46 25.77
N GLU B 239 5.74 17.11 24.95
CA GLU B 239 5.82 16.87 23.51
C GLU B 239 7.07 17.52 22.93
N LYS B 240 7.64 16.83 21.94
CA LYS B 240 8.88 17.25 21.33
C LYS B 240 8.82 16.88 19.85
N SER B 241 9.65 17.54 19.06
CA SER B 241 9.50 17.53 17.62
C SER B 241 10.84 17.26 16.96
N TYR B 242 10.80 16.58 15.82
CA TYR B 242 11.97 16.04 15.19
C TYR B 242 11.77 16.11 13.69
N GLU B 243 12.86 16.32 12.96
CA GLU B 243 12.82 16.56 11.53
C GLU B 243 13.31 15.37 10.74
N LEU B 244 12.53 14.95 9.77
CA LEU B 244 12.85 13.78 8.98
C LEU B 244 13.86 14.16 7.91
N PRO B 245 14.43 13.18 7.20
CA PRO B 245 15.39 13.53 6.14
C PRO B 245 14.82 14.43 5.05
N ASP B 246 13.55 14.24 4.70
CA ASP B 246 12.89 15.03 3.65
C ASP B 246 12.53 16.43 4.09
N GLY B 247 12.60 16.72 5.38
CA GLY B 247 12.30 18.02 5.90
C GLY B 247 10.93 18.15 6.55
N GLN B 248 10.20 17.05 6.69
CA GLN B 248 8.91 17.05 7.35
C GLN B 248 9.16 16.90 8.83
N VAL B 249 8.32 17.53 9.65
CA VAL B 249 8.50 17.49 11.10
C VAL B 249 7.49 16.56 11.72
N ILE B 250 7.98 15.67 12.54
CA ILE B 250 7.23 14.78 13.42
C ILE B 250 6.93 15.54 14.70
N THR B 251 5.80 15.23 15.34
CA THR B 251 5.59 15.53 16.74
C THR B 251 5.30 14.23 17.47
N ILE B 252 6.18 13.88 18.40
CA ILE B 252 6.24 12.51 18.92
C ILE B 252 5.50 12.32 20.23
N GLY B 253 5.38 13.37 21.05
CA GLY B 253 4.63 13.31 22.29
C GLY B 253 4.70 12.11 23.20
N ASN B 254 3.55 11.57 23.61
CA ASN B 254 3.43 10.44 24.54
C ASN B 254 4.37 9.27 24.26
N GLU B 255 4.63 8.97 22.99
CA GLU B 255 5.41 7.80 22.63
C GLU B 255 6.83 7.90 23.15
N ARG B 256 7.25 9.13 23.46
CA ARG B 256 8.65 9.44 23.75
C ARG B 256 9.21 8.64 24.92
N PHE B 257 8.39 8.24 25.87
CA PHE B 257 8.89 7.47 27.01
C PHE B 257 8.27 6.09 27.17
N ARG B 258 7.35 5.69 26.31
CA ARG B 258 6.79 4.33 26.37
C ARG B 258 7.71 3.30 25.76
N CYS B 259 8.61 3.71 24.86
CA CYS B 259 9.50 2.73 24.24
C CYS B 259 10.53 2.16 25.19
N PRO B 260 11.22 2.95 26.02
CA PRO B 260 12.15 2.33 26.95
C PRO B 260 11.44 1.65 28.10
N GLU B 261 10.20 2.01 28.36
CA GLU B 261 9.44 1.33 29.40
C GLU B 261 9.34 -0.15 29.14
N THR B 262 9.29 -0.58 27.87
CA THR B 262 9.20 -2.01 27.59
C THR B 262 10.40 -2.77 28.12
N LEU B 263 11.51 -2.09 28.41
CA LEU B 263 12.62 -2.75 29.07
C LEU B 263 12.16 -3.34 30.39
N PHE B 264 11.48 -2.52 31.18
CA PHE B 264 11.03 -2.90 32.52
C PHE B 264 9.74 -3.70 32.50
N GLN B 265 8.96 -3.63 31.42
CA GLN B 265 7.71 -4.39 31.30
C GLN B 265 7.67 -5.12 29.96
N PRO B 266 8.40 -6.22 29.84
CA PRO B 266 8.38 -7.02 28.61
C PRO B 266 7.01 -7.51 28.20
N SER B 267 6.02 -7.44 29.08
CA SER B 267 4.66 -7.81 28.71
C SER B 267 4.19 -6.94 27.57
N PHE B 268 4.61 -5.68 27.55
CA PHE B 268 4.19 -4.73 26.53
C PHE B 268 4.48 -5.24 25.13
N ILE B 269 5.59 -5.94 24.93
CA ILE B 269 5.95 -6.42 23.61
C ILE B 269 5.48 -7.86 23.39
N GLY B 270 4.60 -8.37 24.24
CA GLY B 270 4.22 -9.75 24.10
C GLY B 270 5.21 -10.74 24.64
N MET B 271 6.31 -10.28 25.22
CA MET B 271 7.33 -11.15 25.78
C MET B 271 6.94 -11.52 27.21
N GLU B 272 6.77 -12.81 27.46
CA GLU B 272 6.48 -13.27 28.81
C GLU B 272 7.80 -13.36 29.55
N SER B 273 8.16 -12.28 30.23
CA SER B 273 9.40 -12.30 30.97
C SER B 273 9.34 -11.29 32.10
N ALA B 274 10.21 -11.50 33.08
CA ALA B 274 10.70 -10.43 33.92
C ALA B 274 11.34 -9.32 33.10
N GLY B 275 11.24 -8.10 33.60
CA GLY B 275 11.99 -7.01 33.02
C GLY B 275 13.46 -7.18 33.32
N ILE B 276 14.24 -6.18 32.92
CA ILE B 276 15.66 -6.19 33.29
C ILE B 276 15.86 -5.93 34.79
N HIS B 277 14.95 -5.21 35.43
CA HIS B 277 15.08 -5.03 36.88
C HIS B 277 14.78 -6.31 37.64
N GLU B 278 13.83 -7.11 37.18
CA GLU B 278 13.62 -8.41 37.83
C GLU B 278 14.65 -9.43 37.41
N THR B 279 15.33 -9.23 36.29
CA THR B 279 16.30 -10.24 35.89
C THR B 279 17.63 -10.04 36.58
N THR B 280 18.07 -8.80 36.78
CA THR B 280 19.23 -8.62 37.66
C THR B 280 18.94 -9.16 39.05
N TYR B 281 17.79 -8.80 39.61
CA TYR B 281 17.44 -9.28 40.94
C TYR B 281 17.30 -10.79 41.03
N ASN B 282 16.72 -11.44 40.03
CA ASN B 282 16.72 -12.90 40.02
C ASN B 282 18.10 -13.50 39.90
N SER B 283 18.97 -12.94 39.06
CA SER B 283 20.31 -13.50 38.97
C SER B 283 21.12 -13.27 40.23
N ILE B 284 20.80 -12.22 41.00
CA ILE B 284 21.42 -12.06 42.31
C ILE B 284 20.84 -13.07 43.30
N MET B 285 19.51 -13.14 43.40
CA MET B 285 18.91 -14.06 44.36
C MET B 285 19.33 -15.50 44.11
N LYS B 286 19.58 -15.87 42.86
CA LYS B 286 20.04 -17.22 42.56
C LYS B 286 21.41 -17.47 43.19
N CYS B 287 22.25 -16.44 43.30
CA CYS B 287 23.60 -16.59 43.79
C CYS B 287 23.59 -16.84 45.30
N ASP B 288 24.73 -17.25 45.83
CA ASP B 288 24.84 -17.58 47.23
C ASP B 288 24.67 -16.34 48.10
N ILE B 289 24.06 -16.54 49.27
CA ILE B 289 23.75 -15.45 50.19
C ILE B 289 24.97 -14.65 50.58
N ASP B 290 26.14 -15.27 50.62
CA ASP B 290 27.34 -14.54 51.03
C ASP B 290 27.74 -13.47 50.03
N ILE B 291 27.41 -13.67 48.76
CA ILE B 291 27.86 -12.77 47.70
C ILE B 291 27.05 -11.49 47.66
N ARG B 292 25.76 -11.56 47.96
CA ARG B 292 24.81 -10.59 47.43
C ARG B 292 25.10 -9.16 47.87
N LYS B 293 25.61 -8.95 49.08
CA LYS B 293 25.92 -7.59 49.48
C LYS B 293 27.02 -6.99 48.63
N ASP B 294 27.84 -7.80 47.98
CA ASP B 294 28.88 -7.26 47.12
C ASP B 294 28.39 -6.99 45.71
N LEU B 295 27.49 -7.83 45.20
CA LEU B 295 26.89 -7.55 43.91
C LEU B 295 26.04 -6.29 43.94
N TYR B 296 25.23 -6.10 44.98
CA TYR B 296 24.41 -4.90 45.02
C TYR B 296 25.24 -3.62 44.92
N ALA B 297 26.47 -3.64 45.42
CA ALA B 297 27.30 -2.45 45.40
C ALA B 297 28.08 -2.25 44.11
N ASN B 298 28.04 -3.19 43.17
CA ASN B 298 28.90 -3.16 42.01
C ASN B 298 28.14 -3.41 40.70
N ASN B 299 26.87 -3.03 40.65
CA ASN B 299 26.00 -3.33 39.53
C ASN B 299 26.36 -2.44 38.35
N VAL B 300 27.09 -3.00 37.38
CA VAL B 300 27.63 -2.29 36.22
C VAL B 300 26.68 -2.43 35.04
N MET B 301 26.60 -1.38 34.23
CA MET B 301 25.79 -1.39 33.01
C MET B 301 26.68 -1.23 31.79
N SER B 302 26.26 -1.78 30.66
CA SER B 302 27.00 -1.57 29.42
C SER B 302 26.09 -1.67 28.21
N GLY B 303 26.60 -1.18 27.09
CA GLY B 303 25.91 -1.24 25.82
C GLY B 303 24.84 -0.18 25.67
N GLY B 304 24.54 0.14 24.42
CA GLY B 304 23.38 0.93 24.10
C GLY B 304 22.10 0.22 24.47
N THR B 305 20.98 0.94 24.36
CA THR B 305 19.78 0.65 25.16
C THR B 305 20.10 0.58 26.63
N THR B 306 21.24 1.10 27.02
CA THR B 306 21.48 1.45 28.41
C THR B 306 22.16 2.81 28.45
N MET B 307 21.83 3.65 27.47
CA MET B 307 22.26 5.03 27.43
C MET B 307 21.07 5.98 27.39
N TYR B 308 19.85 5.48 27.51
CA TYR B 308 18.73 6.40 27.59
C TYR B 308 18.90 7.27 28.81
N PRO B 309 18.63 8.56 28.71
CA PRO B 309 18.76 9.44 29.88
C PRO B 309 17.96 8.93 31.06
N GLY B 310 18.61 8.90 32.22
CA GLY B 310 17.97 8.43 33.43
C GLY B 310 17.69 6.96 33.58
N ILE B 311 18.23 6.10 32.70
CA ILE B 311 17.96 4.67 32.89
C ILE B 311 18.53 4.18 34.20
N ALA B 312 19.70 4.69 34.59
CA ALA B 312 20.30 4.28 35.84
C ALA B 312 19.47 4.73 37.02
N ASP B 313 19.10 6.00 37.03
CA ASP B 313 18.31 6.56 38.12
C ASP B 313 16.95 5.91 38.28
N ARG B 314 16.37 5.37 37.21
CA ARG B 314 15.20 4.51 37.43
C ARG B 314 15.60 3.13 37.94
N MET B 315 16.55 2.47 37.28
CA MET B 315 16.92 1.12 37.67
C MET B 315 17.20 1.03 39.15
N GLN B 316 17.99 1.96 39.67
CA GLN B 316 18.38 1.96 41.08
C GLN B 316 17.19 2.06 42.02
N LYS B 317 16.20 2.87 41.67
CA LYS B 317 14.94 2.88 42.41
C LYS B 317 14.16 1.59 42.26
N GLU B 318 14.20 0.98 41.10
CA GLU B 318 13.30 -0.12 40.87
C GLU B 318 13.84 -1.42 41.46
N ILE B 319 15.16 -1.59 41.47
CA ILE B 319 15.72 -2.70 42.23
C ILE B 319 15.74 -2.40 43.73
N THR B 320 15.92 -1.14 44.13
CA THR B 320 15.77 -0.78 45.55
C THR B 320 14.41 -1.18 46.09
N ALA B 321 13.38 -1.11 45.25
CA ALA B 321 12.07 -1.55 45.71
C ALA B 321 11.98 -3.05 45.96
N LEU B 322 12.87 -3.85 45.38
CA LEU B 322 12.88 -5.28 45.64
C LEU B 322 13.79 -5.67 46.80
N ALA B 323 15.08 -5.39 46.68
CA ALA B 323 16.05 -5.86 47.64
C ALA B 323 15.83 -5.24 49.01
N PRO B 324 16.36 -5.86 50.07
CA PRO B 324 16.20 -5.31 51.43
C PRO B 324 16.74 -3.89 51.56
N SER B 325 16.06 -3.12 52.42
CA SER B 325 16.40 -1.73 52.68
C SER B 325 17.67 -1.52 53.48
N THR B 326 18.26 -2.57 54.03
CA THR B 326 19.57 -2.43 54.64
C THR B 326 20.70 -2.35 53.62
N MET B 327 20.44 -2.66 52.36
CA MET B 327 21.45 -2.71 51.33
C MET B 327 21.50 -1.39 50.58
N LYS B 328 22.67 -0.76 50.60
CA LYS B 328 22.99 0.28 49.63
C LYS B 328 23.10 -0.33 48.25
N ILE B 329 22.50 0.32 47.25
CA ILE B 329 22.56 -0.13 45.87
C ILE B 329 23.10 1.02 45.04
N LYS B 330 24.24 0.79 44.40
CA LYS B 330 24.90 1.76 43.55
C LYS B 330 24.99 1.17 42.15
N ILE B 331 24.56 1.93 41.15
CA ILE B 331 24.58 1.45 39.77
C ILE B 331 25.65 2.22 39.03
N ILE B 332 26.66 1.49 38.59
CA ILE B 332 27.84 2.06 37.97
C ILE B 332 27.56 2.14 36.48
N ALA B 333 27.06 3.30 36.04
CA ALA B 333 26.87 3.57 34.62
C ALA B 333 27.86 4.62 34.16
N PRO B 334 29.06 4.24 33.74
CA PRO B 334 30.06 5.24 33.39
C PRO B 334 29.71 5.88 32.05
N PRO B 335 30.30 7.02 31.72
CA PRO B 335 30.23 7.50 30.34
C PRO B 335 30.96 6.59 29.36
N GLU B 336 30.49 6.61 28.11
CA GLU B 336 30.96 5.69 27.06
C GLU B 336 30.64 4.23 27.35
N ARG B 337 29.47 3.96 27.91
CA ARG B 337 28.96 2.59 27.92
C ARG B 337 28.98 1.94 26.53
N LYS B 338 28.70 2.72 25.48
CA LYS B 338 28.73 2.17 24.12
C LYS B 338 30.04 1.47 23.78
N TYR B 339 31.15 1.90 24.35
CA TYR B 339 32.43 1.32 24.04
C TYR B 339 32.98 0.43 25.13
N SER B 340 32.19 0.17 26.17
CA SER B 340 32.70 -0.56 27.32
C SER B 340 33.30 -1.89 26.90
N VAL B 341 32.55 -2.67 26.13
CA VAL B 341 33.03 -3.97 25.66
C VAL B 341 34.26 -3.84 24.79
N TRP B 342 34.31 -2.85 23.91
CA TRP B 342 35.51 -2.72 23.10
C TRP B 342 36.72 -2.34 23.94
N ILE B 343 36.57 -1.42 24.89
CA ILE B 343 37.73 -1.07 25.71
C ILE B 343 38.15 -2.23 26.59
N GLY B 344 37.19 -3.03 27.04
CA GLY B 344 37.53 -4.28 27.71
C GLY B 344 38.37 -5.19 26.84
N GLY B 345 38.03 -5.30 25.56
CA GLY B 345 38.89 -6.02 24.65
C GLY B 345 40.25 -5.38 24.46
N SER B 346 40.30 -4.06 24.38
CA SER B 346 41.56 -3.36 24.21
C SER B 346 42.46 -3.45 25.42
N ILE B 347 41.92 -3.82 26.58
CA ILE B 347 42.74 -4.07 27.76
C ILE B 347 43.12 -5.53 27.87
N LEU B 348 42.15 -6.41 27.70
CA LEU B 348 42.36 -7.83 27.85
C LEU B 348 43.28 -8.39 26.77
N ALA B 349 43.25 -7.83 25.56
CA ALA B 349 44.14 -8.26 24.51
C ALA B 349 45.56 -7.78 24.71
N SER B 350 45.77 -6.75 25.53
CA SER B 350 47.10 -6.28 25.84
C SER B 350 47.60 -6.80 27.18
N LEU B 351 46.80 -7.59 27.88
CA LEU B 351 47.13 -8.11 29.19
C LEU B 351 48.15 -9.24 29.05
N SER B 352 49.24 -9.14 29.81
CA SER B 352 50.38 -10.04 29.65
C SER B 352 50.07 -11.50 30.01
N THR B 353 49.10 -11.74 30.89
CA THR B 353 48.74 -13.13 31.21
C THR B 353 47.94 -13.81 30.10
N PHE B 354 47.21 -13.05 29.29
CA PHE B 354 46.27 -13.62 28.34
C PHE B 354 46.95 -14.38 27.21
N GLN B 355 48.21 -14.08 26.93
CA GLN B 355 48.84 -14.50 25.69
C GLN B 355 48.97 -16.02 25.54
N GLN B 356 48.66 -16.79 26.59
CA GLN B 356 48.58 -18.24 26.46
C GLN B 356 47.22 -18.77 26.02
N MET B 357 46.18 -17.94 26.01
CA MET B 357 44.84 -18.43 25.70
C MET B 357 44.50 -18.38 24.22
N TRP B 358 45.28 -17.67 23.40
CA TRP B 358 45.06 -17.64 21.97
C TRP B 358 44.94 -19.05 21.40
N ILE B 359 43.98 -19.25 20.51
CA ILE B 359 43.80 -20.53 19.83
C ILE B 359 44.60 -20.47 18.55
N THR B 360 45.82 -20.97 18.58
CA THR B 360 46.69 -20.91 17.42
C THR B 360 46.10 -21.71 16.26
N LYS B 361 46.31 -21.21 15.04
CA LYS B 361 45.75 -21.87 13.86
C LYS B 361 46.19 -23.32 13.78
N GLN B 362 47.45 -23.57 14.04
CA GLN B 362 47.98 -24.93 14.07
C GLN B 362 47.19 -25.81 15.03
N GLU B 363 46.89 -25.28 16.21
CA GLU B 363 46.23 -26.08 17.24
C GLU B 363 44.81 -26.47 16.82
N TYR B 364 44.08 -25.56 16.18
CA TYR B 364 42.78 -25.90 15.61
C TYR B 364 42.90 -26.87 14.44
N ASP B 365 43.89 -26.67 13.59
CA ASP B 365 44.09 -27.58 12.46
C ASP B 365 44.33 -29.01 12.90
N GLU B 366 45.05 -29.20 14.00
CA GLU B 366 45.30 -30.56 14.45
C GLU B 366 44.26 -31.11 15.41
N ALA B 367 43.80 -30.32 16.39
CA ALA B 367 42.89 -30.81 17.43
C ALA B 367 41.42 -30.79 17.02
N GLY B 368 41.06 -30.12 15.93
CA GLY B 368 39.71 -30.13 15.44
C GLY B 368 38.76 -29.20 16.16
N PRO B 369 37.64 -28.87 15.49
CA PRO B 369 36.82 -27.73 15.90
C PRO B 369 36.33 -27.75 17.34
N SER B 370 36.29 -28.90 18.00
CA SER B 370 35.92 -28.92 19.41
C SER B 370 36.85 -28.08 20.28
N ILE B 371 38.05 -27.74 19.80
CA ILE B 371 38.97 -26.87 20.54
C ILE B 371 38.31 -25.59 21.02
N VAL B 372 37.32 -25.06 20.29
CA VAL B 372 36.86 -23.72 20.57
C VAL B 372 36.05 -23.61 21.85
N HIS B 373 35.57 -24.71 22.39
CA HIS B 373 34.78 -24.68 23.61
C HIS B 373 35.60 -24.82 24.88
N ARG B 374 36.91 -25.02 24.77
CA ARG B 374 37.75 -25.12 25.95
C ARG B 374 37.69 -23.81 26.72
N LYS B 375 37.93 -23.89 28.03
CA LYS B 375 37.91 -22.70 28.87
C LYS B 375 38.99 -22.77 29.95
N CYS B 376 40.20 -23.13 29.54
CA CYS B 376 41.35 -23.00 30.43
C CYS B 376 41.69 -21.52 30.52
N PHE B 377 40.80 -20.77 31.16
CA PHE B 377 40.79 -19.32 31.13
C PHE B 377 41.86 -18.74 32.03
N THR C 7 -34.70 -3.80 19.69
CA THR C 7 -35.29 -2.89 18.72
C THR C 7 -34.68 -3.08 17.34
N THR C 8 -33.47 -2.56 17.17
CA THR C 8 -32.80 -2.57 15.88
C THR C 8 -31.32 -2.34 16.15
N ALA C 9 -30.48 -2.69 15.19
CA ALA C 9 -29.15 -2.11 15.14
C ALA C 9 -28.70 -1.93 13.71
N LEU C 10 -28.02 -0.83 13.44
CA LEU C 10 -27.52 -0.50 12.11
C LEU C 10 -26.05 -0.86 12.03
N VAL C 11 -25.71 -1.78 11.15
CA VAL C 11 -24.33 -2.22 10.98
C VAL C 11 -23.83 -1.60 9.69
N CYS C 12 -22.66 -0.96 9.74
CA CYS C 12 -22.10 -0.39 8.52
C CYS C 12 -20.66 -0.85 8.34
N ASP C 13 -20.37 -1.52 7.24
CA ASP C 13 -18.97 -1.68 6.84
C ASP C 13 -18.61 -0.32 6.25
N ASN C 14 -17.84 0.44 6.98
CA ASN C 14 -17.53 1.78 6.56
C ASN C 14 -16.26 1.86 5.74
N GLY C 15 -15.58 0.73 5.51
CA GLY C 15 -14.32 0.76 4.82
C GLY C 15 -14.39 1.21 3.38
N SER C 16 -13.21 1.25 2.77
CA SER C 16 -12.99 1.81 1.45
C SER C 16 -13.60 0.94 0.36
N GLY C 17 -14.04 1.59 -0.71
CA GLY C 17 -14.99 0.93 -1.58
C GLY C 17 -16.34 0.81 -0.91
N LEU C 18 -17.07 -0.21 -1.31
CA LEU C 18 -18.50 -0.31 -1.03
C LEU C 18 -18.80 -0.03 0.44
N VAL C 19 -19.63 0.97 0.68
CA VAL C 19 -20.36 1.05 1.94
C VAL C 19 -21.44 -0.02 1.95
N LYS C 20 -21.38 -0.90 2.93
CA LYS C 20 -22.42 -1.88 3.20
C LYS C 20 -23.15 -1.48 4.46
N ALA C 21 -24.46 -1.33 4.38
CA ALA C 21 -25.22 -0.88 5.53
C ALA C 21 -26.62 -1.47 5.49
N GLY C 22 -27.26 -1.49 6.64
CA GLY C 22 -28.58 -2.07 6.78
C GLY C 22 -28.70 -2.94 8.01
N PHE C 23 -29.93 -3.14 8.44
CA PHE C 23 -30.23 -3.47 9.82
C PHE C 23 -29.65 -4.83 10.21
N ALA C 24 -29.26 -4.94 11.47
CA ALA C 24 -28.95 -6.24 12.02
C ALA C 24 -30.22 -7.05 12.15
N GLY C 25 -30.05 -8.36 12.24
CA GLY C 25 -31.19 -9.25 12.14
C GLY C 25 -31.63 -9.54 10.74
N ASP C 26 -30.82 -9.24 9.73
CA ASP C 26 -31.12 -9.59 8.35
C ASP C 26 -29.97 -10.40 7.77
N ASP C 27 -30.30 -11.14 6.72
CA ASP C 27 -29.36 -12.05 6.07
C ASP C 27 -28.41 -11.38 5.09
N ALA C 28 -28.69 -10.15 4.66
CA ALA C 28 -27.83 -9.50 3.69
C ALA C 28 -27.93 -7.99 3.87
N PRO C 29 -26.91 -7.26 3.44
CA PRO C 29 -27.00 -5.80 3.43
C PRO C 29 -28.23 -5.32 2.69
N ARG C 30 -28.81 -4.25 3.19
CA ARG C 30 -29.89 -3.56 2.49
C ARG C 30 -29.38 -2.48 1.55
N ALA C 31 -28.23 -1.88 1.88
CA ALA C 31 -27.59 -0.87 1.06
C ALA C 31 -26.19 -1.30 0.68
N VAL C 32 -25.88 -1.26 -0.61
CA VAL C 32 -24.53 -1.47 -1.10
C VAL C 32 -24.29 -0.49 -2.22
N PHE C 33 -23.35 0.43 -2.05
CA PHE C 33 -23.09 1.42 -3.08
C PHE C 33 -21.66 1.92 -3.01
N PRO C 34 -21.10 2.35 -4.15
CA PRO C 34 -19.64 2.50 -4.25
C PRO C 34 -18.96 3.49 -3.31
N SER C 35 -19.65 4.32 -2.55
CA SER C 35 -18.97 5.21 -1.60
C SER C 35 -18.06 6.22 -2.27
N ILE C 36 -18.33 6.58 -3.49
CA ILE C 36 -17.56 7.61 -4.19
C ILE C 36 -18.23 8.96 -3.97
N VAL C 37 -17.47 10.04 -4.02
CA VAL C 37 -18.00 11.39 -4.12
C VAL C 37 -17.54 12.03 -5.41
N GLY C 38 -18.44 12.73 -6.09
CA GLY C 38 -18.10 13.34 -7.36
C GLY C 38 -18.53 14.77 -7.55
N ARG C 39 -17.63 15.64 -7.97
CA ARG C 39 -17.96 17.01 -8.38
C ARG C 39 -17.98 17.10 -9.90
N PRO C 40 -18.88 17.88 -10.48
CA PRO C 40 -18.78 18.20 -11.90
C PRO C 40 -17.43 18.73 -12.30
N ARG C 41 -16.79 18.08 -13.27
CA ARG C 41 -15.42 18.43 -13.63
C ARG C 41 -15.37 19.60 -14.60
N HIS C 42 -16.08 19.46 -15.72
CA HIS C 42 -15.78 20.25 -16.89
C HIS C 42 -16.03 21.73 -16.69
N GLN C 43 -17.09 22.10 -16.01
CA GLN C 43 -17.40 23.51 -15.80
C GLN C 43 -17.95 23.73 -14.40
N GLY C 44 -17.59 24.87 -13.82
CA GLY C 44 -18.13 25.32 -12.56
C GLY C 44 -19.64 25.32 -12.55
N VAL C 45 -20.21 24.88 -11.43
CA VAL C 45 -21.60 24.46 -11.37
C VAL C 45 -22.55 25.63 -11.55
N MET C 46 -23.60 25.41 -12.34
CA MET C 46 -24.63 26.40 -12.65
C MET C 46 -25.60 26.53 -11.47
N VAL C 47 -25.01 26.86 -10.32
CA VAL C 47 -25.72 26.81 -9.03
C VAL C 47 -27.01 27.63 -9.06
N GLY C 48 -27.01 28.77 -9.74
CA GLY C 48 -28.25 29.53 -9.84
C GLY C 48 -29.39 28.78 -10.50
N MET C 49 -29.09 27.83 -11.39
CA MET C 49 -30.16 26.99 -11.91
C MET C 49 -30.40 25.75 -11.09
N GLY C 50 -29.58 25.48 -10.08
CA GLY C 50 -29.83 24.34 -9.22
C GLY C 50 -29.27 23.03 -9.71
N GLN C 51 -28.27 23.06 -10.60
CA GLN C 51 -27.56 21.84 -10.94
C GLN C 51 -26.86 21.33 -9.70
N LYS C 52 -27.16 20.10 -9.30
CA LYS C 52 -26.62 19.59 -8.05
C LYS C 52 -25.13 19.34 -8.19
N ASP C 53 -24.35 19.92 -7.30
CA ASP C 53 -22.90 19.91 -7.44
C ASP C 53 -22.24 18.72 -6.76
N SER C 54 -22.99 17.89 -6.06
CA SER C 54 -22.44 16.72 -5.38
C SER C 54 -23.19 15.49 -5.85
N TYR C 55 -22.44 14.42 -6.09
CA TYR C 55 -23.01 13.14 -6.49
C TYR C 55 -22.31 12.05 -5.70
N VAL C 56 -23.03 11.37 -4.83
CA VAL C 56 -22.43 10.40 -3.94
C VAL C 56 -23.06 9.04 -4.18
N GLY C 57 -22.26 8.00 -4.09
CA GLY C 57 -22.78 6.66 -4.07
C GLY C 57 -23.13 6.08 -5.42
N ASP C 58 -24.43 5.98 -5.72
CA ASP C 58 -24.87 5.35 -6.95
C ASP C 58 -24.96 6.33 -8.11
N GLU C 59 -25.50 7.52 -7.86
CA GLU C 59 -25.62 8.50 -8.92
C GLU C 59 -24.28 8.83 -9.52
N ALA C 60 -23.23 8.87 -8.71
CA ALA C 60 -21.91 9.16 -9.23
C ALA C 60 -21.50 8.13 -10.28
N GLN C 61 -21.65 6.85 -9.98
CA GLN C 61 -21.27 5.86 -10.98
C GLN C 61 -22.21 5.90 -12.18
N SER C 62 -23.49 6.18 -11.93
CA SER C 62 -24.46 6.26 -13.02
C SER C 62 -24.12 7.39 -13.98
N LYS C 63 -23.66 8.52 -13.46
CA LYS C 63 -23.32 9.66 -14.30
C LYS C 63 -21.84 9.91 -14.17
N ARG C 64 -21.09 8.83 -14.41
CA ARG C 64 -19.66 8.80 -14.12
C ARG C 64 -18.88 9.80 -14.95
N GLY C 65 -19.17 9.91 -16.24
CA GLY C 65 -18.20 10.49 -17.15
C GLY C 65 -17.93 11.97 -16.95
N ILE C 66 -18.85 12.70 -16.32
CA ILE C 66 -18.68 14.13 -16.13
C ILE C 66 -18.10 14.48 -14.77
N LEU C 67 -17.71 13.50 -13.95
CA LEU C 67 -17.44 13.73 -12.55
C LEU C 67 -16.00 13.39 -12.19
N THR C 68 -15.41 14.23 -11.34
CA THR C 68 -14.15 13.97 -10.64
C THR C 68 -14.40 13.08 -9.43
N LEU C 69 -14.43 11.78 -9.67
CA LEU C 69 -14.69 10.81 -8.60
C LEU C 69 -13.51 10.80 -7.63
N LYS C 70 -13.75 11.24 -6.41
CA LYS C 70 -12.79 11.16 -5.32
C LYS C 70 -13.22 10.04 -4.39
N TYR C 71 -12.25 9.33 -3.83
CA TYR C 71 -12.51 8.39 -2.76
C TYR C 71 -12.17 9.03 -1.43
N PRO C 72 -13.11 9.13 -0.51
CA PRO C 72 -12.86 9.84 0.74
C PRO C 72 -12.17 8.99 1.77
N ILE C 73 -12.03 7.69 1.53
CA ILE C 73 -11.27 6.80 2.40
C ILE C 73 -10.10 6.24 1.62
N GLU C 74 -8.90 6.49 2.11
CA GLU C 74 -7.69 6.12 1.43
C GLU C 74 -6.83 5.30 2.38
N GLY C 76 -7.83 3.04 4.26
CA GLY C 76 -8.62 2.83 5.45
C GLY C 76 -8.65 4.02 6.37
N ILE C 77 -7.90 5.06 6.05
CA ILE C 77 -7.88 6.28 6.82
C ILE C 77 -8.81 7.29 6.17
N ILE C 78 -9.76 7.81 6.93
CA ILE C 78 -10.63 8.86 6.41
C ILE C 78 -9.82 10.13 6.20
N THR C 79 -9.84 10.66 4.98
CA THR C 79 -9.04 11.83 4.65
C THR C 79 -9.88 13.10 4.58
N ASN C 80 -10.96 13.08 3.81
CA ASN C 80 -11.82 14.24 3.69
C ASN C 80 -12.94 14.13 4.71
N TRP C 81 -12.93 14.99 5.71
CA TRP C 81 -13.99 14.93 6.71
C TRP C 81 -15.24 15.65 6.23
N ASP C 82 -15.08 16.65 5.37
CA ASP C 82 -16.24 17.33 4.82
C ASP C 82 -17.01 16.43 3.88
N ASP C 83 -16.34 15.45 3.27
CA ASP C 83 -16.95 14.65 2.22
C ASP C 83 -17.41 13.28 2.69
N MET C 84 -16.70 12.68 3.64
CA MET C 84 -17.17 11.45 4.24
C MET C 84 -18.51 11.64 4.93
N GLU C 85 -18.69 12.80 5.56
CA GLU C 85 -19.97 13.09 6.18
C GLU C 85 -21.09 13.18 5.16
N LYS C 86 -20.79 13.54 3.92
CA LYS C 86 -21.82 13.46 2.89
C LYS C 86 -22.24 12.03 2.61
N ILE C 87 -21.30 11.09 2.72
CA ILE C 87 -21.65 9.70 2.47
C ILE C 87 -22.49 9.13 3.60
N TRP C 88 -22.14 9.40 4.85
CA TRP C 88 -23.07 8.98 5.91
C TRP C 88 -24.42 9.66 5.78
N HIS C 89 -24.44 10.95 5.44
CA HIS C 89 -25.69 11.66 5.21
C HIS C 89 -26.55 10.92 4.21
N HIS C 90 -25.94 10.52 3.09
CA HIS C 90 -26.68 9.84 2.05
C HIS C 90 -27.13 8.47 2.50
N THR C 91 -26.30 7.75 3.25
CA THR C 91 -26.68 6.40 3.63
C THR C 91 -27.90 6.44 4.53
N PHE C 92 -27.87 7.25 5.57
CA PHE C 92 -28.99 7.22 6.50
C PHE C 92 -30.24 7.85 5.89
N TYR C 93 -30.15 9.06 5.35
CA TYR C 93 -31.40 9.70 4.93
C TYR C 93 -31.92 9.21 3.58
N ASN C 94 -31.07 8.96 2.59
CA ASN C 94 -31.58 8.64 1.26
C ASN C 94 -31.67 7.16 0.97
N GLU C 95 -30.67 6.37 1.35
CA GLU C 95 -30.65 4.97 0.95
C GLU C 95 -31.45 4.08 1.89
N LEU C 96 -31.18 4.12 3.19
CA LEU C 96 -31.98 3.34 4.13
C LEU C 96 -33.27 4.02 4.53
N ARG C 97 -33.35 5.35 4.39
CA ARG C 97 -34.50 6.13 4.83
C ARG C 97 -34.85 5.86 6.29
N VAL C 98 -33.83 5.72 7.12
CA VAL C 98 -33.98 5.45 8.53
C VAL C 98 -33.62 6.69 9.33
N ALA C 99 -34.41 6.99 10.34
CA ALA C 99 -34.14 8.15 11.19
C ALA C 99 -33.07 7.81 12.20
N PRO C 100 -31.86 8.36 12.05
CA PRO C 100 -30.71 7.80 12.76
C PRO C 100 -30.67 8.10 14.23
N GLU C 101 -31.45 9.07 14.72
CA GLU C 101 -31.46 9.37 16.14
C GLU C 101 -32.01 8.24 16.98
N GLU C 102 -32.54 7.20 16.35
CA GLU C 102 -33.39 6.21 16.99
C GLU C 102 -32.73 4.85 17.16
N HIS C 103 -31.69 4.55 16.39
CA HIS C 103 -31.13 3.20 16.35
C HIS C 103 -29.63 3.26 16.58
N PRO C 104 -29.10 2.36 17.41
CA PRO C 104 -27.66 2.28 17.59
C PRO C 104 -26.96 1.83 16.33
N THR C 105 -25.71 2.27 16.17
CA THR C 105 -24.94 2.03 14.97
C THR C 105 -23.61 1.40 15.31
N LEU C 106 -23.31 0.27 14.68
CA LEU C 106 -22.04 -0.43 14.89
C LEU C 106 -21.11 -0.13 13.73
N LEU C 107 -20.21 0.82 13.92
CA LEU C 107 -19.24 1.20 12.91
C LEU C 107 -18.05 0.24 12.94
N THR C 108 -17.35 0.10 11.81
CA THR C 108 -16.23 -0.83 11.79
C THR C 108 -15.00 -0.17 11.18
N GLU C 109 -13.84 -0.69 11.56
CA GLU C 109 -12.55 -0.05 11.33
C GLU C 109 -11.50 -1.10 10.99
N ALA C 110 -10.42 -0.64 10.38
CA ALA C 110 -9.21 -1.43 10.25
C ALA C 110 -8.44 -1.45 11.56
N PRO C 111 -7.59 -2.45 11.79
CA PRO C 111 -6.66 -2.37 12.92
C PRO C 111 -5.53 -1.39 12.66
N LEU C 112 -4.88 -0.99 13.75
CA LEU C 112 -3.68 -0.14 13.71
C LEU C 112 -3.94 1.19 13.01
N ASN C 113 -5.16 1.68 13.05
CA ASN C 113 -5.42 3.02 12.56
C ASN C 113 -4.95 4.07 13.54
N PRO C 114 -4.68 5.28 13.06
CA PRO C 114 -4.46 6.40 13.97
C PRO C 114 -5.65 6.60 14.90
N LYS C 115 -5.36 6.84 16.17
CA LYS C 115 -6.41 7.16 17.13
C LYS C 115 -7.27 8.33 16.69
N ALA C 116 -6.65 9.36 16.11
CA ALA C 116 -7.41 10.54 15.70
C ALA C 116 -8.53 10.20 14.73
N ASN C 117 -8.36 9.15 13.93
CA ASN C 117 -9.41 8.78 13.00
C ASN C 117 -10.62 8.17 13.70
N ARG C 118 -10.37 7.40 14.74
CA ARG C 118 -11.47 6.87 15.54
C ARG C 118 -12.15 7.97 16.34
N GLU C 119 -11.37 8.94 16.83
CA GLU C 119 -11.98 10.00 17.63
C GLU C 119 -12.84 10.93 16.77
N LYS C 120 -12.33 11.36 15.62
CA LYS C 120 -13.19 12.13 14.71
C LYS C 120 -14.42 11.35 14.28
N MET C 121 -14.25 10.10 13.85
CA MET C 121 -15.39 9.29 13.43
C MET C 121 -16.43 9.18 14.53
N THR C 122 -16.00 9.06 15.79
CA THR C 122 -16.95 9.05 16.89
C THR C 122 -17.60 10.41 17.09
N GLN C 123 -16.79 11.47 17.12
CA GLN C 123 -17.30 12.79 17.44
C GLN C 123 -18.36 13.23 16.44
N ILE C 124 -18.18 12.92 15.16
CA ILE C 124 -19.20 13.27 14.18
C ILE C 124 -20.51 12.54 14.47
N MET C 125 -20.43 11.24 14.74
CA MET C 125 -21.65 10.46 14.94
C MET C 125 -22.42 10.95 16.16
N PHE C 126 -21.71 11.38 17.19
CA PHE C 126 -22.39 11.96 18.35
C PHE C 126 -22.75 13.43 18.19
N GLU C 127 -22.09 14.16 17.31
CA GLU C 127 -22.37 15.59 17.21
C GLU C 127 -23.43 15.92 16.18
N THR C 128 -23.29 15.46 14.94
CA THR C 128 -24.18 15.90 13.88
C THR C 128 -25.33 14.95 13.64
N PHE C 129 -25.06 13.65 13.57
CA PHE C 129 -26.16 12.68 13.47
C PHE C 129 -26.85 12.44 14.78
N ASN C 130 -26.20 12.76 15.90
CA ASN C 130 -26.76 12.55 17.23
C ASN C 130 -27.20 11.09 17.40
N VAL C 131 -26.31 10.18 17.07
CA VAL C 131 -26.60 8.74 17.23
C VAL C 131 -26.86 8.47 18.71
N PRO C 132 -27.82 7.64 19.07
CA PRO C 132 -28.07 7.41 20.49
C PRO C 132 -27.00 6.55 21.15
N ALA C 133 -26.47 5.57 20.45
CA ALA C 133 -25.39 4.77 21.01
C ALA C 133 -24.61 4.15 19.87
N MET C 134 -23.33 3.91 20.08
CA MET C 134 -22.46 3.65 18.96
C MET C 134 -21.29 2.81 19.41
N TYR C 135 -20.65 2.15 18.45
CA TYR C 135 -19.51 1.31 18.73
C TYR C 135 -18.63 1.23 17.49
N VAL C 136 -17.34 1.08 17.71
CA VAL C 136 -16.40 0.90 16.62
C VAL C 136 -15.70 -0.43 16.84
N ALA C 137 -15.94 -1.38 15.96
CA ALA C 137 -15.33 -2.70 16.05
C ALA C 137 -14.26 -2.84 15.00
N ILE C 138 -13.53 -3.94 15.08
CA ILE C 138 -12.47 -4.25 14.13
C ILE C 138 -12.97 -5.29 13.15
N GLN C 139 -12.74 -5.05 11.87
CA GLN C 139 -13.33 -5.89 10.83
C GLN C 139 -12.95 -7.36 10.94
N ALA C 140 -11.69 -7.66 11.28
CA ALA C 140 -11.27 -9.06 11.28
C ALA C 140 -11.88 -9.87 12.42
N VAL C 141 -12.31 -9.25 13.50
CA VAL C 141 -12.99 -9.99 14.56
C VAL C 141 -14.41 -10.31 14.15
N LEU C 142 -15.11 -9.31 13.62
CA LEU C 142 -16.48 -9.56 13.16
C LEU C 142 -16.47 -10.63 12.09
N SER C 143 -15.46 -10.63 11.23
CA SER C 143 -15.46 -11.57 10.12
C SER C 143 -15.45 -13.02 10.57
N LEU C 144 -15.01 -13.26 11.80
CA LEU C 144 -14.94 -14.63 12.33
C LEU C 144 -16.29 -15.14 12.81
N TYR C 145 -17.05 -14.31 13.52
CA TYR C 145 -18.41 -14.67 13.89
C TYR C 145 -19.25 -15.12 12.71
N ALA C 146 -19.01 -14.53 11.54
CA ALA C 146 -19.76 -14.92 10.36
C ALA C 146 -19.65 -16.39 10.03
N SER C 147 -18.52 -17.02 10.36
CA SER C 147 -18.44 -18.46 10.13
C SER C 147 -19.01 -19.28 11.27
N GLY C 148 -19.20 -18.68 12.45
CA GLY C 148 -19.57 -19.42 13.64
C GLY C 148 -18.41 -20.01 14.40
N ARG C 149 -17.21 -20.01 13.82
CA ARG C 149 -16.01 -20.50 14.47
C ARG C 149 -15.61 -19.61 15.63
N THR C 150 -14.75 -20.16 16.50
CA THR C 150 -14.13 -19.39 17.55
C THR C 150 -12.62 -19.57 17.54
N THR C 151 -12.07 -19.99 16.41
CA THR C 151 -10.63 -20.07 16.23
C THR C 151 -10.35 -19.86 14.75
N GLY C 152 -9.23 -19.24 14.45
CA GLY C 152 -8.81 -19.12 13.08
C GLY C 152 -7.98 -17.89 12.87
N ILE C 153 -7.23 -17.88 11.79
CA ILE C 153 -6.46 -16.72 11.39
C ILE C 153 -7.25 -16.01 10.29
N VAL C 154 -7.90 -14.92 10.65
CA VAL C 154 -8.79 -14.18 9.77
C VAL C 154 -7.93 -13.37 8.80
N LEU C 155 -7.82 -13.82 7.57
CA LEU C 155 -7.09 -13.06 6.56
C LEU C 155 -8.09 -12.22 5.80
N ASP C 156 -8.10 -10.93 6.08
CA ASP C 156 -9.10 -10.01 5.56
C ASP C 156 -8.49 -9.08 4.55
N SER C 157 -9.00 -9.11 3.34
CA SER C 157 -8.57 -8.25 2.27
C SER C 157 -9.57 -7.11 2.17
N GLY C 158 -9.52 -6.36 1.08
CA GLY C 158 -10.42 -5.24 0.93
C GLY C 158 -10.02 -4.38 -0.23
N ASP C 159 -10.63 -3.21 -0.30
CA ASP C 159 -10.20 -2.22 -1.27
C ASP C 159 -9.02 -1.43 -0.76
N GLY C 160 -8.89 -1.28 0.55
CA GLY C 160 -7.84 -0.45 1.08
C GLY C 160 -6.76 -1.16 1.85
N VAL C 161 -7.14 -1.91 2.86
CA VAL C 161 -6.21 -2.51 3.81
C VAL C 161 -6.38 -4.01 3.87
N THR C 162 -5.26 -4.73 3.85
CA THR C 162 -5.24 -6.14 4.15
C THR C 162 -4.72 -6.32 5.57
N HIS C 163 -5.34 -7.19 6.34
CA HIS C 163 -4.82 -7.42 7.68
C HIS C 163 -5.16 -8.82 8.18
N ASN C 164 -4.34 -9.31 9.09
CA ASN C 164 -4.52 -10.61 9.71
C ASN C 164 -4.84 -10.40 11.17
N VAL C 165 -5.80 -11.16 11.69
CA VAL C 165 -6.02 -11.18 13.12
C VAL C 165 -6.19 -12.63 13.55
N PRO C 166 -5.19 -13.25 14.16
CA PRO C 166 -5.42 -14.57 14.73
C PRO C 166 -6.27 -14.44 15.97
N ILE C 167 -7.20 -15.36 16.10
CA ILE C 167 -8.07 -15.48 17.27
C ILE C 167 -8.06 -16.93 17.70
N TYR C 168 -8.19 -17.16 19.00
CA TYR C 168 -8.16 -18.53 19.50
C TYR C 168 -9.07 -18.58 20.71
N GLU C 169 -9.91 -19.60 20.77
CA GLU C 169 -10.89 -19.78 21.85
C GLU C 169 -11.63 -18.49 22.17
N GLY C 170 -11.91 -17.68 21.17
CA GLY C 170 -12.56 -16.42 21.46
C GLY C 170 -11.63 -15.35 21.98
N TYR C 171 -10.42 -15.69 22.40
CA TYR C 171 -9.50 -14.64 22.79
C TYR C 171 -8.91 -14.03 21.53
N ALA C 172 -8.55 -12.76 21.63
CA ALA C 172 -7.90 -12.06 20.53
C ALA C 172 -6.46 -11.82 20.92
N LEU C 173 -5.54 -12.12 20.02
CA LEU C 173 -4.16 -11.88 20.34
C LEU C 173 -3.82 -10.53 19.73
N PRO C 174 -3.56 -9.49 20.52
CA PRO C 174 -3.27 -8.17 19.93
C PRO C 174 -1.81 -7.92 19.58
N HIS C 175 -0.91 -8.83 19.89
CA HIS C 175 0.49 -8.65 19.55
C HIS C 175 0.86 -9.25 18.20
N ALA C 176 -0.05 -9.94 17.54
CA ALA C 176 0.26 -10.50 16.22
C ALA C 176 -0.73 -10.06 15.17
N ILE C 177 -1.39 -8.92 15.35
CA ILE C 177 -2.06 -8.27 14.23
C ILE C 177 -1.01 -7.75 13.26
N MET C 178 -1.23 -8.01 11.99
CA MET C 178 -0.40 -7.50 10.91
C MET C 178 -1.29 -6.67 10.01
N ARG C 179 -0.71 -5.64 9.40
CA ARG C 179 -1.44 -4.84 8.44
C ARG C 179 -0.55 -4.56 7.25
N LEU C 180 -1.03 -4.87 6.06
CA LEU C 180 -0.35 -4.44 4.85
C LEU C 180 -1.10 -3.28 4.23
N ASP C 181 -0.47 -2.66 3.24
CA ASP C 181 -1.14 -1.61 2.51
C ASP C 181 -1.31 -2.06 1.07
N LEU C 182 -2.00 -3.17 0.87
CA LEU C 182 -2.02 -3.84 -0.42
C LEU C 182 -3.42 -4.42 -0.61
N ALA C 183 -4.11 -3.97 -1.64
CA ALA C 183 -5.53 -4.26 -1.73
C ALA C 183 -6.00 -3.90 -3.14
N GLY C 184 -7.30 -4.07 -3.35
CA GLY C 184 -7.87 -3.85 -4.66
C GLY C 184 -7.57 -2.51 -5.30
N ARG C 185 -7.34 -1.48 -4.52
CA ARG C 185 -6.97 -0.22 -5.15
C ARG C 185 -5.55 -0.26 -5.71
N ASP C 186 -4.67 -1.04 -5.12
CA ASP C 186 -3.33 -1.19 -5.67
C ASP C 186 -3.29 -2.19 -6.82
N LEU C 187 -4.12 -3.22 -6.78
CA LEU C 187 -4.27 -4.06 -7.96
C LEU C 187 -4.92 -3.32 -9.12
N THR C 188 -5.86 -2.42 -8.85
CA THR C 188 -6.38 -1.60 -9.94
C THR C 188 -5.31 -0.69 -10.50
N ASP C 189 -4.57 0.01 -9.65
CA ASP C 189 -3.53 0.88 -10.15
C ASP C 189 -2.39 0.12 -10.82
N TYR C 190 -2.24 -1.17 -10.55
CA TYR C 190 -1.31 -1.99 -11.32
C TYR C 190 -1.90 -2.44 -12.64
N LEU C 191 -3.14 -2.88 -12.67
CA LEU C 191 -3.76 -3.25 -13.94
C LEU C 191 -3.82 -2.09 -14.91
N MET C 192 -4.11 -0.89 -14.41
CA MET C 192 -4.05 0.29 -15.27
C MET C 192 -2.66 0.51 -15.84
N LYS C 193 -1.63 -0.04 -15.23
CA LYS C 193 -0.28 0.10 -15.75
C LYS C 193 0.14 -1.06 -16.65
N ILE C 194 -0.39 -2.25 -16.44
CA ILE C 194 0.00 -3.36 -17.32
C ILE C 194 -0.91 -3.46 -18.54
N LEU C 195 -2.07 -2.81 -18.53
CA LEU C 195 -2.92 -2.79 -19.71
C LEU C 195 -2.38 -1.85 -20.77
N THR C 196 -1.49 -0.94 -20.41
CA THR C 196 -0.86 -0.09 -21.42
C THR C 196 0.12 -0.87 -22.27
N GLU C 197 0.56 -2.04 -21.82
CA GLU C 197 1.34 -2.89 -22.70
C GLU C 197 0.55 -3.34 -23.92
N ARG C 198 -0.76 -3.37 -23.84
CA ARG C 198 -1.57 -3.67 -25.02
C ARG C 198 -2.04 -2.42 -25.72
N GLY C 199 -1.71 -1.25 -25.20
CA GLY C 199 -2.10 0.02 -25.77
C GLY C 199 -3.37 0.61 -25.23
N TYR C 200 -4.18 -0.14 -24.50
CA TYR C 200 -5.30 0.47 -23.78
C TYR C 200 -4.72 1.35 -22.69
N SER C 201 -5.10 2.62 -22.66
CA SER C 201 -4.56 3.54 -21.68
C SER C 201 -5.70 4.21 -20.93
N PHE C 202 -5.86 3.88 -19.66
CA PHE C 202 -6.89 4.49 -18.83
C PHE C 202 -6.22 5.48 -17.90
N VAL C 203 -6.77 6.69 -17.82
CA VAL C 203 -6.11 7.77 -17.10
C VAL C 203 -7.00 8.35 -16.01
N THR C 204 -8.16 8.85 -16.40
CA THR C 204 -9.06 9.53 -15.48
C THR C 204 -9.70 8.56 -14.50
N THR C 205 -10.23 9.13 -13.42
CA THR C 205 -10.86 8.34 -12.37
C THR C 205 -12.06 7.58 -12.89
N ALA C 206 -12.80 8.16 -13.83
CA ALA C 206 -13.93 7.46 -14.40
C ALA C 206 -13.47 6.20 -15.12
N GLU C 207 -12.33 6.26 -15.79
CA GLU C 207 -11.79 5.10 -16.49
C GLU C 207 -11.22 4.10 -15.51
N ARG C 208 -10.80 4.58 -14.35
CA ARG C 208 -10.39 3.69 -13.29
C ARG C 208 -11.56 2.88 -12.79
N GLU C 209 -12.73 3.50 -12.70
CA GLU C 209 -13.93 2.75 -12.36
C GLU C 209 -14.40 1.80 -13.46
N ILE C 210 -13.69 1.71 -14.57
CA ILE C 210 -13.88 0.64 -15.55
C ILE C 210 -12.85 -0.46 -15.40
N VAL C 211 -11.60 -0.08 -15.13
CA VAL C 211 -10.61 -1.11 -14.83
C VAL C 211 -10.94 -1.85 -13.53
N ARG C 212 -11.50 -1.14 -12.56
CA ARG C 212 -12.03 -1.77 -11.36
C ARG C 212 -13.19 -2.70 -11.64
N ASP C 213 -13.71 -2.72 -12.86
CA ASP C 213 -14.71 -3.70 -13.21
C ASP C 213 -14.17 -4.78 -14.11
N ILE C 214 -13.15 -4.46 -14.90
CA ILE C 214 -12.45 -5.50 -15.64
C ILE C 214 -11.93 -6.54 -14.67
N LYS C 215 -11.16 -6.11 -13.67
CA LYS C 215 -10.49 -7.10 -12.83
C LYS C 215 -11.50 -7.94 -12.08
N GLU C 216 -12.69 -7.41 -11.81
CA GLU C 216 -13.70 -8.18 -11.12
C GLU C 216 -14.14 -9.40 -11.92
N LYS C 217 -14.27 -9.25 -13.23
CA LYS C 217 -14.78 -10.34 -14.04
C LYS C 217 -13.70 -11.14 -14.75
N LEU C 218 -12.83 -10.48 -15.50
CA LEU C 218 -11.87 -11.20 -16.31
C LEU C 218 -10.80 -11.92 -15.50
N CYS C 219 -10.31 -11.32 -14.42
CA CYS C 219 -9.15 -11.90 -13.77
C CYS C 219 -9.46 -13.18 -13.01
N TYR C 220 -8.42 -13.97 -12.80
CA TYR C 220 -8.43 -15.19 -12.01
C TYR C 220 -7.01 -15.42 -11.54
N VAL C 221 -6.84 -16.13 -10.43
CA VAL C 221 -5.51 -16.42 -9.90
C VAL C 221 -4.95 -17.66 -10.58
N ALA C 222 -3.82 -17.50 -11.25
CA ALA C 222 -3.08 -18.61 -11.81
C ALA C 222 -2.60 -19.55 -10.72
N LEU C 223 -2.88 -20.84 -10.87
CA LEU C 223 -2.43 -21.80 -9.86
C LEU C 223 -0.91 -21.79 -9.75
N ASP C 224 -0.22 -21.97 -10.87
CA ASP C 224 1.23 -21.86 -10.93
C ASP C 224 1.54 -20.72 -11.89
N PHE C 225 2.02 -19.61 -11.35
CA PHE C 225 2.28 -18.43 -12.16
C PHE C 225 3.29 -18.69 -13.27
N GLU C 226 4.32 -19.47 -12.98
CA GLU C 226 5.39 -19.60 -13.96
C GLU C 226 5.05 -20.57 -15.10
N ASN C 227 4.08 -21.45 -14.91
CA ASN C 227 3.56 -22.22 -16.04
C ASN C 227 2.59 -21.41 -16.88
N GLU C 228 1.74 -20.61 -16.25
CA GLU C 228 0.82 -19.80 -17.05
C GLU C 228 1.53 -18.72 -17.83
N MET C 229 2.63 -18.17 -17.30
CA MET C 229 3.44 -17.31 -18.17
C MET C 229 4.07 -18.05 -19.33
N ALA C 230 4.08 -19.38 -19.33
CA ALA C 230 4.40 -20.12 -20.54
C ALA C 230 3.20 -20.25 -21.47
N THR C 231 2.09 -20.77 -20.94
CA THR C 231 0.91 -21.01 -21.77
C THR C 231 0.41 -19.73 -22.44
N ALA C 232 0.40 -18.62 -21.71
CA ALA C 232 -0.01 -17.34 -22.28
C ALA C 232 0.96 -16.82 -23.34
N ALA C 233 2.16 -17.39 -23.41
CA ALA C 233 3.13 -17.02 -24.44
C ALA C 233 3.02 -17.90 -25.68
N SER C 234 2.73 -19.19 -25.51
CA SER C 234 2.70 -20.13 -26.63
C SER C 234 1.34 -20.20 -27.31
N SER C 235 0.27 -19.78 -26.66
CA SER C 235 -1.07 -20.13 -27.09
C SER C 235 -2.03 -19.02 -26.65
N SER C 236 -3.25 -19.07 -27.19
CA SER C 236 -4.22 -18.01 -26.98
C SER C 236 -5.57 -18.50 -26.46
N SER C 237 -5.65 -19.74 -25.99
CA SER C 237 -6.85 -20.14 -25.24
C SER C 237 -7.02 -19.33 -23.96
N LEU C 238 -5.92 -18.82 -23.41
CA LEU C 238 -5.98 -17.94 -22.25
C LEU C 238 -6.60 -16.58 -22.56
N GLU C 239 -6.57 -16.14 -23.80
CA GLU C 239 -7.05 -14.80 -24.10
C GLU C 239 -8.56 -14.74 -24.04
N LYS C 240 -9.06 -13.60 -23.55
CA LYS C 240 -10.48 -13.40 -23.34
C LYS C 240 -10.79 -11.95 -23.62
N SER C 241 -12.06 -11.68 -23.89
CA SER C 241 -12.47 -10.42 -24.48
C SER C 241 -13.66 -9.85 -23.73
N TYR C 242 -13.71 -8.52 -23.67
CA TYR C 242 -14.63 -7.82 -22.80
C TYR C 242 -15.05 -6.55 -23.52
N GLU C 243 -16.30 -6.13 -23.27
CA GLU C 243 -16.90 -5.03 -23.98
C GLU C 243 -17.02 -3.79 -23.11
N LEU C 244 -16.55 -2.67 -23.62
CA LEU C 244 -16.54 -1.43 -22.87
C LEU C 244 -17.93 -0.81 -22.92
N PRO C 245 -18.17 0.24 -22.14
CA PRO C 245 -19.50 0.88 -22.20
C PRO C 245 -19.87 1.42 -23.56
N ASP C 246 -18.90 1.94 -24.32
CA ASP C 246 -19.14 2.51 -25.64
C ASP C 246 -19.36 1.46 -26.71
N GLY C 247 -19.08 0.20 -26.42
CA GLY C 247 -19.26 -0.88 -27.35
C GLY C 247 -18.00 -1.37 -28.02
N GLN C 248 -16.84 -0.86 -27.62
CA GLN C 248 -15.58 -1.31 -28.16
C GLN C 248 -15.15 -2.54 -27.37
N VAL C 249 -14.48 -3.47 -28.03
CA VAL C 249 -14.07 -4.71 -27.37
C VAL C 249 -12.58 -4.68 -27.09
N ILE C 250 -12.25 -4.98 -25.86
CA ILE C 250 -10.90 -5.21 -25.37
C ILE C 250 -10.55 -6.67 -25.62
N THR C 251 -9.27 -6.95 -25.86
CA THR C 251 -8.71 -8.29 -25.69
C THR C 251 -7.60 -8.23 -24.68
N ILE C 252 -7.79 -8.93 -23.56
CA ILE C 252 -6.99 -8.69 -22.36
C ILE C 252 -5.82 -9.65 -22.20
N GLY C 253 -5.94 -10.86 -22.72
CA GLY C 253 -4.85 -11.83 -22.70
C GLY C 253 -3.99 -12.01 -21.45
N ASN C 254 -2.67 -11.99 -21.62
CA ASN C 254 -1.69 -12.20 -20.53
C ASN C 254 -1.99 -11.46 -19.24
N GLU C 255 -2.51 -10.24 -19.32
CA GLU C 255 -2.71 -9.42 -18.14
C GLU C 255 -3.71 -10.05 -17.20
N ARG C 256 -4.51 -10.97 -17.70
CA ARG C 256 -5.65 -11.51 -16.99
C ARG C 256 -5.29 -12.16 -15.66
N PHE C 257 -4.09 -12.71 -15.52
CA PHE C 257 -3.70 -13.34 -14.27
C PHE C 257 -2.49 -12.73 -13.59
N ARG C 258 -1.88 -11.69 -14.16
CA ARG C 258 -0.77 -11.02 -13.50
C ARG C 258 -1.24 -10.06 -12.42
N CYS C 259 -2.47 -9.57 -12.49
CA CYS C 259 -2.95 -8.63 -11.48
C CYS C 259 -3.15 -9.26 -10.12
N PRO C 260 -3.77 -10.43 -9.98
CA PRO C 260 -3.87 -11.00 -8.65
C PRO C 260 -2.56 -11.58 -8.18
N GLU C 261 -1.65 -11.87 -9.09
CA GLU C 261 -0.33 -12.35 -8.68
C GLU C 261 0.37 -11.36 -7.76
N THR C 262 0.14 -10.05 -7.93
CA THR C 262 0.79 -9.09 -7.05
C THR C 262 0.39 -9.26 -5.60
N LEU C 263 -0.70 -9.97 -5.33
CA LEU C 263 -1.04 -10.31 -3.95
C LEU C 263 0.10 -11.10 -3.35
N PHE C 264 0.55 -12.12 -4.05
CA PHE C 264 1.57 -13.03 -3.57
C PHE C 264 2.98 -12.50 -3.78
N GLN C 265 3.17 -11.53 -4.67
CA GLN C 265 4.48 -10.92 -4.92
C GLN C 265 4.38 -9.40 -4.89
N PRO C 266 4.26 -8.81 -3.71
CA PRO C 266 4.21 -7.36 -3.58
C PRO C 266 5.39 -6.63 -4.19
N SER C 267 6.47 -7.33 -4.52
CA SER C 267 7.59 -6.69 -5.20
C SER C 267 7.14 -6.09 -6.52
N PHE C 268 6.19 -6.76 -7.18
CA PHE C 268 5.69 -6.33 -8.47
C PHE C 268 5.19 -4.89 -8.43
N ILE C 269 4.57 -4.47 -7.33
CA ILE C 269 4.01 -3.14 -7.26
C ILE C 269 5.00 -2.17 -6.58
N GLY C 270 6.26 -2.57 -6.43
CA GLY C 270 7.17 -1.71 -5.71
C GLY C 270 7.05 -1.76 -4.21
N MET C 271 6.17 -2.60 -3.68
CA MET C 271 5.98 -2.74 -2.25
C MET C 271 6.99 -3.73 -1.70
N GLU C 272 7.84 -3.28 -0.80
CA GLU C 272 8.79 -4.19 -0.16
C GLU C 272 8.06 -4.90 0.96
N SER C 273 7.50 -6.07 0.64
CA SER C 273 6.79 -6.81 1.67
C SER C 273 6.77 -8.27 1.30
N ALA C 274 6.55 -9.09 2.33
CA ALA C 274 5.96 -10.40 2.15
C ALA C 274 4.62 -10.32 1.44
N GLY C 275 4.30 -11.36 0.67
CA GLY C 275 2.97 -11.48 0.14
C GLY C 275 1.99 -11.80 1.25
N ILE C 276 0.74 -12.03 0.85
CA ILE C 276 -0.24 -12.48 1.83
C ILE C 276 0.02 -13.91 2.30
N HIS C 277 0.64 -14.75 1.47
CA HIS C 277 0.99 -16.09 1.93
C HIS C 277 2.11 -16.07 2.95
N GLU C 278 3.09 -15.18 2.79
CA GLU C 278 4.10 -15.06 3.82
C GLU C 278 3.63 -14.28 5.02
N THR C 279 2.57 -13.49 4.89
CA THR C 279 2.14 -12.73 6.05
C THR C 279 1.23 -13.55 6.96
N THR C 280 0.36 -14.39 6.39
CA THR C 280 -0.33 -15.34 7.27
C THR C 280 0.68 -16.24 7.98
N TYR C 281 1.63 -16.79 7.24
CA TYR C 281 2.63 -17.66 7.84
C TYR C 281 3.49 -16.95 8.88
N ASN C 282 3.90 -15.72 8.64
CA ASN C 282 4.60 -14.96 9.69
C ASN C 282 3.73 -14.70 10.91
N SER C 283 2.47 -14.34 10.72
CA SER C 283 1.63 -14.11 11.88
C SER C 283 1.34 -15.38 12.65
N ILE C 284 1.38 -16.53 11.98
CA ILE C 284 1.30 -17.80 12.71
C ILE C 284 2.61 -18.10 13.43
N MET C 285 3.74 -18.02 12.74
CA MET C 285 5.01 -18.32 13.38
C MET C 285 5.28 -17.42 14.58
N LYS C 286 4.78 -16.18 14.54
CA LYS C 286 4.95 -15.30 15.68
C LYS C 286 4.21 -15.84 16.91
N CYS C 287 3.10 -16.52 16.70
CA CYS C 287 2.28 -17.00 17.80
C CYS C 287 2.96 -18.17 18.49
N ASP C 288 2.44 -18.51 19.67
CA ASP C 288 3.03 -19.57 20.47
C ASP C 288 2.89 -20.92 19.79
N ILE C 289 3.91 -21.77 19.98
CA ILE C 289 3.98 -23.08 19.34
C ILE C 289 2.76 -23.95 19.63
N ASP C 290 2.13 -23.77 20.79
CA ASP C 290 0.99 -24.61 21.12
C ASP C 290 -0.21 -24.32 20.24
N ILE C 291 -0.32 -23.10 19.73
CA ILE C 291 -1.50 -22.68 18.98
C ILE C 291 -1.49 -23.22 17.57
N ARG C 292 -0.32 -23.33 16.95
CA ARG C 292 -0.21 -23.27 15.50
C ARG C 292 -0.96 -24.40 14.80
N LYS C 293 -1.02 -25.59 15.39
CA LYS C 293 -1.78 -26.64 14.73
C LYS C 293 -3.25 -26.32 14.65
N ASP C 294 -3.76 -25.43 15.51
CA ASP C 294 -5.16 -25.07 15.42
C ASP C 294 -5.42 -23.96 14.43
N LEU C 295 -4.49 -23.01 14.32
CA LEU C 295 -4.62 -21.97 13.30
C LEU C 295 -4.53 -22.56 11.89
N TYR C 296 -3.59 -23.47 11.65
CA TYR C 296 -3.51 -24.03 10.30
C TYR C 296 -4.82 -24.67 9.86
N ALA C 297 -5.60 -25.21 10.77
CA ALA C 297 -6.84 -25.87 10.41
C ALA C 297 -8.04 -24.93 10.27
N ASN C 298 -7.89 -23.65 10.59
CA ASN C 298 -9.03 -22.75 10.66
C ASN C 298 -8.78 -21.44 9.92
N ASN C 299 -7.97 -21.46 8.87
CA ASN C 299 -7.55 -20.25 8.17
C ASN C 299 -8.70 -19.73 7.32
N VAL C 300 -9.37 -18.69 7.81
CA VAL C 300 -10.57 -18.11 7.21
C VAL C 300 -10.19 -16.92 6.33
N MET C 301 -10.92 -16.75 5.23
CA MET C 301 -10.73 -15.63 4.32
C MET C 301 -11.96 -14.76 4.31
N SER C 302 -11.78 -13.46 4.05
CA SER C 302 -12.93 -12.57 3.89
C SER C 302 -12.60 -11.40 2.98
N GLY C 303 -13.65 -10.73 2.54
CA GLY C 303 -13.54 -9.55 1.72
C GLY C 303 -13.24 -9.85 0.27
N GLY C 304 -13.64 -8.91 -0.59
CA GLY C 304 -13.20 -8.93 -1.97
C GLY C 304 -11.71 -8.75 -2.08
N THR C 305 -11.20 -8.93 -3.31
CA THR C 305 -9.81 -9.34 -3.53
C THR C 305 -9.49 -10.61 -2.77
N THR C 306 -10.50 -11.31 -2.31
CA THR C 306 -10.35 -12.70 -1.94
C THR C 306 -11.53 -13.48 -2.49
N MET C 307 -12.02 -13.04 -3.64
CA MET C 307 -13.03 -13.76 -4.39
C MET C 307 -12.57 -14.08 -5.79
N TYR C 308 -11.32 -13.81 -6.12
CA TYR C 308 -10.82 -14.23 -7.41
C TYR C 308 -10.92 -15.75 -7.51
N PRO C 309 -11.37 -16.29 -8.63
CA PRO C 309 -11.46 -17.74 -8.76
C PRO C 309 -10.14 -18.42 -8.46
N GLY C 310 -10.21 -19.46 -7.63
CA GLY C 310 -9.03 -20.20 -7.26
C GLY C 310 -8.06 -19.56 -6.31
N ILE C 311 -8.38 -18.43 -5.68
CA ILE C 311 -7.42 -17.84 -4.75
C ILE C 311 -7.16 -18.78 -3.59
N ALA C 312 -8.19 -19.47 -3.12
CA ALA C 312 -8.01 -20.39 -2.01
C ALA C 312 -7.12 -21.56 -2.42
N ASP C 313 -7.43 -22.18 -3.55
CA ASP C 313 -6.67 -23.32 -4.03
C ASP C 313 -5.21 -22.99 -4.32
N ARG C 314 -4.88 -21.74 -4.67
CA ARG C 314 -3.47 -21.39 -4.65
C ARG C 314 -2.93 -21.17 -3.25
N MET C 315 -3.62 -20.36 -2.45
CA MET C 315 -3.13 -20.04 -1.12
C MET C 315 -2.76 -21.31 -0.34
N GLN C 316 -3.65 -22.30 -0.37
CA GLN C 316 -3.43 -23.53 0.37
C GLN C 316 -2.19 -24.29 -0.07
N LYS C 317 -1.91 -24.29 -1.37
CA LYS C 317 -0.64 -24.81 -1.87
C LYS C 317 0.54 -23.96 -1.46
N GLU C 318 0.36 -22.66 -1.40
CA GLU C 318 1.53 -21.82 -1.23
C GLU C 318 1.94 -21.73 0.23
N ILE C 319 0.97 -21.77 1.14
CA ILE C 319 1.33 -21.92 2.56
C ILE C 319 1.73 -23.36 2.87
N THR C 320 1.13 -24.36 2.23
CA THR C 320 1.61 -25.73 2.39
C THR C 320 3.08 -25.87 2.05
N ALA C 321 3.56 -25.08 1.09
CA ALA C 321 4.99 -25.13 0.78
C ALA C 321 5.86 -24.58 1.89
N LEU C 322 5.32 -23.77 2.80
CA LEU C 322 6.10 -23.26 3.93
C LEU C 322 5.99 -24.15 5.16
N ALA C 323 4.78 -24.32 5.69
CA ALA C 323 4.58 -25.00 6.95
C ALA C 323 4.96 -26.47 6.86
N PRO C 324 5.25 -27.11 8.00
CA PRO C 324 5.60 -28.53 7.98
C PRO C 324 4.55 -29.42 7.34
N SER C 325 5.03 -30.48 6.70
CA SER C 325 4.20 -31.44 5.97
C SER C 325 3.39 -32.36 6.88
N THR C 326 3.61 -32.35 8.18
CA THR C 326 2.73 -33.07 9.09
C THR C 326 1.41 -32.35 9.32
N MET C 327 1.31 -31.07 8.94
CA MET C 327 0.13 -30.26 9.22
C MET C 327 -0.81 -30.30 8.04
N LYS C 328 -2.04 -30.73 8.28
CA LYS C 328 -3.14 -30.47 7.38
C LYS C 328 -3.45 -28.97 7.40
N ILE C 329 -3.65 -28.40 6.21
CA ILE C 329 -4.00 -26.99 6.08
C ILE C 329 -5.28 -26.90 5.28
N LYS C 330 -6.31 -26.36 5.89
CA LYS C 330 -7.62 -26.17 5.29
C LYS C 330 -7.93 -24.68 5.27
N ILE C 331 -8.32 -24.17 4.12
CA ILE C 331 -8.62 -22.75 3.97
C ILE C 331 -10.11 -22.60 3.79
N ILE C 332 -10.73 -21.95 4.77
CA ILE C 332 -12.18 -21.83 4.84
C ILE C 332 -12.54 -20.56 4.07
N ALA C 333 -12.87 -20.72 2.80
CA ALA C 333 -13.36 -19.62 1.98
C ALA C 333 -14.82 -19.84 1.64
N PRO C 334 -15.75 -19.41 2.49
CA PRO C 334 -17.16 -19.71 2.24
C PRO C 334 -17.67 -18.86 1.09
N PRO C 335 -18.81 -19.20 0.51
CA PRO C 335 -19.50 -18.25 -0.36
C PRO C 335 -19.99 -17.02 0.37
N GLU C 336 -20.11 -15.91 -0.37
CA GLU C 336 -20.43 -14.60 0.19
C GLU C 336 -19.37 -14.07 1.15
N ARG C 337 -18.09 -14.31 0.85
CA ARG C 337 -17.04 -13.57 1.54
C ARG C 337 -17.25 -12.06 1.51
N LYS C 338 -17.80 -11.52 0.42
CA LYS C 338 -18.05 -10.08 0.36
C LYS C 338 -18.89 -9.56 1.51
N TYR C 339 -19.76 -10.38 2.07
CA TYR C 339 -20.63 -9.94 3.14
C TYR C 339 -20.22 -10.47 4.49
N SER C 340 -19.10 -11.17 4.58
CA SER C 340 -18.73 -11.83 5.82
C SER C 340 -18.72 -10.84 6.98
N VAL C 341 -18.04 -9.72 6.82
CA VAL C 341 -17.97 -8.71 7.88
C VAL C 341 -19.34 -8.14 8.21
N TRP C 342 -20.17 -7.90 7.21
CA TRP C 342 -21.49 -7.39 7.55
C TRP C 342 -22.34 -8.42 8.29
N ILE C 343 -22.31 -9.68 7.88
CA ILE C 343 -23.09 -10.66 8.61
C ILE C 343 -22.54 -10.87 10.01
N GLY C 344 -21.23 -10.77 10.18
CA GLY C 344 -20.66 -10.74 11.51
C GLY C 344 -21.21 -9.61 12.36
N GLY C 345 -21.36 -8.44 11.78
CA GLY C 345 -22.04 -7.37 12.49
C GLY C 345 -23.49 -7.66 12.77
N SER C 346 -24.19 -8.26 11.81
CA SER C 346 -25.60 -8.58 12.01
C SER C 346 -25.82 -9.67 13.04
N ILE C 347 -24.79 -10.42 13.40
CA ILE C 347 -24.89 -11.39 14.48
C ILE C 347 -24.46 -10.79 15.81
N LEU C 348 -23.32 -10.10 15.79
CA LEU C 348 -22.76 -9.53 17.00
C LEU C 348 -23.63 -8.41 17.56
N ALA C 349 -24.31 -7.66 16.71
CA ALA C 349 -25.21 -6.62 17.19
C ALA C 349 -26.50 -7.17 17.76
N SER C 350 -26.84 -8.41 17.43
CA SER C 350 -28.02 -9.04 17.99
C SER C 350 -27.67 -9.97 19.14
N LEU C 351 -26.40 -10.10 19.48
CA LEU C 351 -25.93 -11.00 20.52
C LEU C 351 -26.25 -10.40 21.89
N SER C 352 -26.89 -11.21 22.74
CA SER C 352 -27.42 -10.73 24.02
C SER C 352 -26.35 -10.28 25.01
N THR C 353 -25.13 -10.81 24.92
CA THR C 353 -24.07 -10.34 25.81
C THR C 353 -23.52 -8.98 25.43
N PHE C 354 -23.60 -8.59 24.16
CA PHE C 354 -22.93 -7.40 23.67
C PHE C 354 -23.53 -6.12 24.21
N GLN C 355 -24.78 -6.14 24.65
CA GLN C 355 -25.54 -4.93 24.89
C GLN C 355 -24.96 -4.05 26.00
N GLN C 356 -23.97 -4.52 26.75
CA GLN C 356 -23.26 -3.68 27.70
C GLN C 356 -22.09 -2.91 27.11
N MET C 357 -21.65 -3.22 25.89
CA MET C 357 -20.47 -2.57 25.33
C MET C 357 -20.76 -1.29 24.56
N TRP C 358 -22.03 -1.03 24.23
CA TRP C 358 -22.39 0.22 23.56
C TRP C 358 -21.84 1.41 24.31
N ILE C 359 -21.30 2.37 23.56
CA ILE C 359 -20.80 3.62 24.13
C ILE C 359 -21.94 4.61 24.10
N THR C 360 -22.66 4.73 25.21
CA THR C 360 -23.81 5.60 25.27
C THR C 360 -23.39 7.06 25.08
N LYS C 361 -24.25 7.84 24.41
CA LYS C 361 -23.92 9.23 24.12
C LYS C 361 -23.61 9.99 25.40
N GLN C 362 -24.41 9.77 26.44
CA GLN C 362 -24.16 10.40 27.73
C GLN C 362 -22.75 10.07 28.24
N GLU C 363 -22.33 8.83 28.09
CA GLU C 363 -21.04 8.41 28.64
C GLU C 363 -19.89 9.11 27.93
N TYR C 364 -19.97 9.26 26.61
CA TYR C 364 -18.98 10.04 25.88
C TYR C 364 -19.05 11.52 26.22
N ASP C 365 -20.25 12.07 26.38
CA ASP C 365 -20.39 13.48 26.73
C ASP C 365 -19.74 13.80 28.07
N GLU C 366 -19.82 12.88 29.03
CA GLU C 366 -19.20 13.16 30.32
C GLU C 366 -17.74 12.71 30.44
N ALA C 367 -17.39 11.51 29.94
CA ALA C 367 -16.05 10.96 30.11
C ALA C 367 -15.04 11.43 29.08
N GLY C 368 -15.48 12.08 28.01
CA GLY C 368 -14.58 12.62 27.03
C GLY C 368 -14.00 11.62 26.04
N PRO C 369 -13.53 12.14 24.90
CA PRO C 369 -13.25 11.29 23.73
C PRO C 369 -12.33 10.12 23.97
N SER C 370 -11.49 10.14 25.01
CA SER C 370 -10.68 8.97 25.31
C SER C 370 -11.49 7.71 25.58
N ILE C 371 -12.79 7.84 25.86
CA ILE C 371 -13.66 6.68 26.05
C ILE C 371 -13.57 5.67 24.91
N VAL C 372 -13.30 6.13 23.69
CA VAL C 372 -13.48 5.25 22.54
C VAL C 372 -12.41 4.19 22.44
N HIS C 373 -11.30 4.32 23.14
CA HIS C 373 -10.23 3.33 23.08
C HIS C 373 -10.36 2.24 24.13
N ARG C 374 -11.34 2.32 25.02
CA ARG C 374 -11.52 1.27 26.01
C ARG C 374 -11.82 -0.06 25.30
N LYS C 375 -11.49 -1.16 25.96
CA LYS C 375 -11.73 -2.48 25.40
C LYS C 375 -12.16 -3.47 26.48
N CYS C 376 -13.10 -3.05 27.32
CA CYS C 376 -13.75 -3.99 28.22
C CYS C 376 -14.70 -4.85 27.40
N PHE C 377 -14.10 -5.69 26.55
CA PHE C 377 -14.80 -6.40 25.49
C PHE C 377 -15.61 -7.57 26.03
N THR D 7 33.59 2.89 -34.65
CA THR D 7 33.27 3.32 -36.00
C THR D 7 32.37 4.55 -35.98
N THR D 8 31.09 4.30 -35.71
CA THR D 8 30.08 5.35 -35.76
C THR D 8 28.90 4.86 -34.95
N ALA D 9 28.04 5.79 -34.54
CA ALA D 9 26.68 5.40 -34.19
C ALA D 9 25.71 6.50 -34.55
N LEU D 10 24.53 6.11 -35.04
CA LEU D 10 23.50 7.04 -35.46
C LEU D 10 22.47 7.14 -34.35
N VAL D 11 22.30 8.33 -33.80
CA VAL D 11 21.36 8.56 -32.73
C VAL D 11 20.18 9.31 -33.33
N CYS D 12 18.97 8.84 -33.08
CA CYS D 12 17.79 9.54 -33.58
C CYS D 12 16.79 9.79 -32.48
N ASP D 13 16.47 11.05 -32.20
CA ASP D 13 15.28 11.33 -31.41
C ASP D 13 14.13 11.11 -32.37
N ASN D 14 13.42 10.03 -32.20
CA ASN D 14 12.38 9.68 -33.13
C ASN D 14 11.02 10.23 -32.73
N GLY D 15 10.95 10.93 -31.60
CA GLY D 15 9.66 11.39 -31.11
C GLY D 15 8.98 12.40 -32.00
N SER D 16 7.80 12.79 -31.54
CA SER D 16 6.86 13.62 -32.28
C SER D 16 7.36 15.04 -32.42
N GLY D 17 7.00 15.68 -33.52
CA GLY D 17 7.75 16.85 -33.92
C GLY D 17 9.14 16.47 -34.39
N LEU D 18 10.06 17.40 -34.25
CA LEU D 18 11.35 17.35 -34.92
C LEU D 18 12.00 15.98 -34.77
N VAL D 19 12.28 15.34 -35.90
CA VAL D 19 13.29 14.29 -35.94
C VAL D 19 14.66 14.92 -35.81
N LYS D 20 15.39 14.52 -34.79
CA LYS D 20 16.79 14.89 -34.61
C LYS D 20 17.65 13.67 -34.88
N ALA D 21 18.60 13.80 -35.80
CA ALA D 21 19.41 12.65 -36.16
C ALA D 21 20.79 13.12 -36.58
N GLY D 22 21.74 12.20 -36.53
CA GLY D 22 23.12 12.51 -36.85
C GLY D 22 24.08 11.89 -35.86
N PHE D 23 25.32 11.75 -36.30
CA PHE D 23 26.22 10.76 -35.74
C PHE D 23 26.55 11.06 -34.29
N ALA D 24 26.75 10.00 -33.53
CA ALA D 24 27.33 10.14 -32.21
C ALA D 24 28.79 10.57 -32.32
N GLY D 25 29.30 11.13 -31.24
CA GLY D 25 30.59 11.77 -31.32
C GLY D 25 30.57 13.17 -31.88
N ASP D 26 29.41 13.80 -31.97
CA ASP D 26 29.30 15.19 -32.39
C ASP D 26 28.56 15.98 -31.32
N ASP D 27 28.77 17.30 -31.36
CA ASP D 27 28.22 18.21 -30.37
C ASP D 27 26.78 18.63 -30.65
N ALA D 28 26.27 18.40 -31.86
CA ALA D 28 24.91 18.83 -32.15
C ALA D 28 24.34 17.93 -33.23
N PRO D 29 23.01 17.83 -33.31
CA PRO D 29 22.40 17.10 -34.42
C PRO D 29 22.88 17.62 -35.76
N ARG D 30 23.01 16.71 -36.71
CA ARG D 30 23.29 17.07 -38.08
C ARG D 30 22.02 17.27 -38.90
N ALA D 31 20.94 16.59 -38.53
CA ALA D 31 19.64 16.71 -39.18
C ALA D 31 18.59 17.12 -38.16
N VAL D 32 17.85 18.19 -38.46
CA VAL D 32 16.69 18.57 -37.69
C VAL D 32 15.61 19.02 -38.66
N PHE D 33 14.49 18.31 -38.69
CA PHE D 33 13.43 18.67 -39.62
C PHE D 33 12.07 18.23 -39.11
N PRO D 34 11.01 18.93 -39.48
CA PRO D 34 9.73 18.80 -38.78
C PRO D 34 9.06 17.44 -38.74
N SER D 35 9.51 16.43 -39.48
CA SER D 35 8.88 15.10 -39.38
C SER D 35 7.42 15.07 -39.80
N ILE D 36 7.02 15.96 -40.66
CA ILE D 36 5.67 15.96 -41.19
C ILE D 36 5.64 15.17 -42.49
N VAL D 37 4.49 14.59 -42.82
CA VAL D 37 4.24 14.04 -44.15
C VAL D 37 3.08 14.79 -44.79
N GLY D 38 3.23 15.11 -46.08
CA GLY D 38 2.20 15.85 -46.76
C GLY D 38 1.79 15.34 -48.13
N ARG D 39 0.50 15.17 -48.37
CA ARG D 39 -0.03 14.87 -49.69
C ARG D 39 -0.64 16.13 -50.31
N PRO D 40 -0.49 16.32 -51.61
CA PRO D 40 -1.25 17.37 -52.30
C PRO D 40 -2.74 17.31 -52.02
N ARG D 41 -3.30 18.40 -51.52
CA ARG D 41 -4.68 18.40 -51.08
C ARG D 41 -5.64 18.65 -52.23
N HIS D 42 -5.42 19.74 -52.96
CA HIS D 42 -6.47 20.33 -53.78
C HIS D 42 -6.90 19.43 -54.92
N GLN D 43 -5.96 18.76 -55.58
CA GLN D 43 -6.32 17.90 -56.70
C GLN D 43 -5.47 16.64 -56.68
N GLY D 44 -6.09 15.53 -57.08
CA GLY D 44 -5.40 14.28 -57.28
C GLY D 44 -4.19 14.41 -58.17
N VAL D 45 -3.12 13.73 -57.80
CA VAL D 45 -1.77 14.03 -58.29
C VAL D 45 -1.65 13.68 -59.77
N MET D 46 -1.00 14.58 -60.51
CA MET D 46 -0.77 14.44 -61.95
C MET D 46 0.39 13.45 -62.19
N VAL D 47 0.19 12.24 -61.68
CA VAL D 47 1.26 11.23 -61.61
C VAL D 47 1.88 10.96 -62.98
N GLY D 48 1.09 10.97 -64.04
CA GLY D 48 1.68 10.80 -65.36
C GLY D 48 2.71 11.85 -65.73
N MET D 49 2.59 13.06 -65.19
CA MET D 49 3.65 14.05 -65.41
C MET D 49 4.74 13.99 -64.35
N GLY D 50 4.58 13.18 -63.31
CA GLY D 50 5.64 13.04 -62.35
C GLY D 50 5.63 14.07 -61.24
N GLN D 51 4.49 14.71 -60.98
CA GLN D 51 4.39 15.56 -59.79
C GLN D 51 4.52 14.68 -58.57
N LYS D 52 5.49 14.99 -57.72
CA LYS D 52 5.77 14.12 -56.59
C LYS D 52 4.65 14.22 -55.56
N ASP D 53 4.08 13.08 -55.21
CA ASP D 53 2.87 13.08 -54.39
C ASP D 53 3.17 13.03 -52.89
N SER D 54 4.42 12.91 -52.49
CA SER D 54 4.79 12.87 -51.09
C SER D 54 5.79 13.96 -50.80
N TYR D 55 5.61 14.64 -49.68
CA TYR D 55 6.53 15.68 -49.24
C TYR D 55 6.78 15.49 -47.76
N VAL D 56 8.00 15.15 -47.38
CA VAL D 56 8.32 14.82 -46.01
C VAL D 56 9.39 15.77 -45.49
N GLY D 57 9.26 16.13 -44.23
CA GLY D 57 10.33 16.85 -43.56
C GLY D 57 10.39 18.34 -43.84
N ASP D 58 11.35 18.77 -44.64
CA ASP D 58 11.55 20.19 -44.90
C ASP D 58 10.74 20.69 -46.07
N GLU D 59 10.69 19.93 -47.16
CA GLU D 59 9.93 20.37 -48.32
C GLU D 59 8.47 20.59 -47.97
N ALA D 60 7.92 19.76 -47.07
CA ALA D 60 6.54 19.94 -46.69
C ALA D 60 6.31 21.31 -46.08
N GLN D 61 7.16 21.72 -45.14
CA GLN D 61 6.95 23.04 -44.56
C GLN D 61 7.24 24.14 -45.57
N SER D 62 8.22 23.92 -46.44
CA SER D 62 8.55 24.90 -47.47
C SER D 62 7.40 25.12 -48.43
N LYS D 63 6.68 24.06 -48.78
CA LYS D 63 5.55 24.17 -49.70
C LYS D 63 4.30 23.79 -48.95
N ARG D 64 4.13 24.46 -47.81
CA ARG D 64 3.11 24.09 -46.84
C ARG D 64 1.70 24.23 -47.39
N GLY D 65 1.41 25.32 -48.11
CA GLY D 65 0.02 25.70 -48.27
C GLY D 65 -0.83 24.76 -49.10
N ILE D 66 -0.22 23.94 -49.95
CA ILE D 66 -0.96 23.03 -50.81
C ILE D 66 -1.07 21.63 -50.23
N LEU D 67 -0.62 21.40 -49.01
CA LEU D 67 -0.44 20.05 -48.51
C LEU D 67 -1.28 19.77 -47.28
N THR D 68 -1.84 18.55 -47.23
CA THR D 68 -2.47 17.97 -46.05
C THR D 68 -1.40 17.40 -45.12
N LEU D 69 -0.84 18.27 -44.29
CA LEU D 69 0.21 17.86 -43.36
C LEU D 69 -0.36 16.93 -42.31
N LYS D 70 0.08 15.68 -42.33
CA LYS D 70 -0.25 14.70 -41.31
C LYS D 70 0.97 14.49 -40.43
N TYR D 71 0.74 14.28 -39.14
CA TYR D 71 1.80 13.87 -38.25
C TYR D 71 1.70 12.38 -38.02
N PRO D 72 2.75 11.61 -38.33
CA PRO D 72 2.67 10.17 -38.24
C PRO D 72 2.91 9.64 -36.85
N ILE D 73 3.33 10.48 -35.93
CA ILE D 73 3.46 10.11 -34.53
C ILE D 73 2.51 10.96 -33.70
N GLU D 74 1.62 10.29 -32.99
CA GLU D 74 0.57 10.94 -32.25
C GLU D 74 0.62 10.47 -30.80
N GLY D 76 3.19 10.09 -29.10
CA GLY D 76 4.36 9.25 -29.00
C GLY D 76 4.16 7.86 -29.54
N ILE D 77 2.95 7.54 -29.96
CA ILE D 77 2.64 6.25 -30.55
C ILE D 77 2.65 6.40 -32.06
N ILE D 78 3.44 5.58 -32.74
CA ILE D 78 3.44 5.58 -34.19
C ILE D 78 2.12 5.04 -34.70
N THR D 79 1.44 5.82 -35.54
CA THR D 79 0.12 5.44 -36.01
C THR D 79 0.15 4.93 -37.45
N ASN D 80 0.74 5.71 -38.35
CA ASN D 80 0.84 5.31 -39.75
C ASN D 80 2.16 4.60 -39.96
N TRP D 81 2.12 3.31 -40.23
CA TRP D 81 3.36 2.58 -40.46
C TRP D 81 3.84 2.75 -41.89
N ASP D 82 2.92 2.97 -42.82
CA ASP D 82 3.31 3.21 -44.20
C ASP D 82 4.01 4.55 -44.34
N ASP D 83 3.72 5.49 -43.45
CA ASP D 83 4.19 6.86 -43.62
C ASP D 83 5.38 7.19 -42.74
N MET D 84 5.45 6.61 -41.54
CA MET D 84 6.64 6.76 -40.72
C MET D 84 7.88 6.20 -41.41
N GLU D 85 7.70 5.10 -42.12
CA GLU D 85 8.82 4.54 -42.87
C GLU D 85 9.28 5.48 -43.96
N LYS D 86 8.42 6.34 -44.49
CA LYS D 86 8.89 7.35 -45.42
C LYS D 86 9.80 8.36 -44.73
N ILE D 87 9.56 8.64 -43.46
CA ILE D 87 10.40 9.59 -42.75
C ILE D 87 11.75 9.00 -42.43
N TRP D 88 11.81 7.76 -41.97
CA TRP D 88 13.14 7.15 -41.84
C TRP D 88 13.85 7.04 -43.19
N HIS D 89 13.12 6.69 -44.25
CA HIS D 89 13.70 6.65 -45.59
C HIS D 89 14.37 7.97 -45.92
N HIS D 90 13.66 9.07 -45.67
CA HIS D 90 14.19 10.37 -46.00
C HIS D 90 15.36 10.73 -45.11
N THR D 91 15.32 10.35 -43.84
CA THR D 91 16.41 10.75 -42.95
C THR D 91 17.70 10.08 -43.39
N PHE D 92 17.67 8.77 -43.58
CA PHE D 92 18.93 8.10 -43.90
C PHE D 92 19.40 8.42 -45.30
N TYR D 93 18.55 8.26 -46.32
CA TYR D 93 19.08 8.43 -47.67
C TYR D 93 19.23 9.88 -48.12
N ASN D 94 18.31 10.77 -47.78
CA ASN D 94 18.37 12.12 -48.33
C ASN D 94 19.05 13.13 -47.42
N GLU D 95 18.77 13.11 -46.12
CA GLU D 95 19.26 14.15 -45.24
C GLU D 95 20.68 13.88 -44.73
N LEU D 96 20.92 12.72 -44.14
CA LEU D 96 22.27 12.38 -43.71
C LEU D 96 23.13 11.82 -44.84
N ARG D 97 22.51 11.28 -45.89
CA ARG D 97 23.22 10.61 -46.98
C ARG D 97 24.17 9.53 -46.48
N VAL D 98 23.72 8.79 -45.48
CA VAL D 98 24.50 7.73 -44.85
C VAL D 98 23.91 6.38 -45.25
N ALA D 99 24.78 5.44 -45.59
CA ALA D 99 24.33 4.11 -45.95
C ALA D 99 24.00 3.30 -44.71
N PRO D 100 22.73 3.04 -44.44
CA PRO D 100 22.32 2.60 -43.10
C PRO D 100 22.70 1.18 -42.77
N GLU D 101 23.04 0.35 -43.76
CA GLU D 101 23.42 -1.03 -43.47
C GLU D 101 24.72 -1.11 -42.68
N GLU D 102 25.41 0.00 -42.47
CA GLU D 102 26.78 0.02 -42.04
C GLU D 102 26.97 0.51 -40.62
N HIS D 103 26.00 1.22 -40.04
CA HIS D 103 26.18 1.88 -38.76
C HIS D 103 25.05 1.51 -37.82
N PRO D 104 25.36 1.20 -36.57
CA PRO D 104 24.31 0.95 -35.59
C PRO D 104 23.49 2.19 -35.30
N THR D 105 22.24 1.97 -34.93
CA THR D 105 21.29 3.06 -34.74
C THR D 105 20.65 2.96 -33.36
N LEU D 106 20.73 4.03 -32.59
CA LEU D 106 20.11 4.08 -31.26
C LEU D 106 18.80 4.84 -31.34
N LEU D 107 17.69 4.12 -31.41
CA LEU D 107 16.36 4.70 -31.47
C LEU D 107 15.89 5.03 -30.07
N THR D 108 14.98 5.99 -29.95
CA THR D 108 14.52 6.39 -28.62
C THR D 108 13.00 6.45 -28.59
N GLU D 109 12.46 6.29 -27.38
CA GLU D 109 11.04 6.03 -27.16
C GLU D 109 10.58 6.75 -25.90
N ALA D 110 9.27 6.95 -25.81
CA ALA D 110 8.64 7.33 -24.56
C ALA D 110 8.51 6.14 -23.62
N PRO D 111 8.39 6.37 -22.31
CA PRO D 111 8.03 5.28 -21.42
C PRO D 111 6.57 4.89 -21.54
N LEU D 112 6.26 3.68 -21.05
CA LEU D 112 4.88 3.17 -20.98
C LEU D 112 4.21 3.13 -22.33
N ASN D 113 4.95 2.97 -23.40
CA ASN D 113 4.35 2.75 -24.68
C ASN D 113 3.82 1.32 -24.81
N PRO D 114 2.86 1.11 -25.70
CA PRO D 114 2.49 -0.26 -26.06
C PRO D 114 3.68 -1.05 -26.57
N LYS D 115 3.81 -2.29 -26.11
CA LYS D 115 4.85 -3.17 -26.62
C LYS D 115 4.82 -3.30 -28.14
N ALA D 116 3.62 -3.39 -28.72
CA ALA D 116 3.52 -3.55 -30.17
C ALA D 116 4.21 -2.44 -30.94
N ASN D 117 4.28 -1.24 -30.37
CA ASN D 117 4.95 -0.15 -31.06
C ASN D 117 6.46 -0.34 -31.09
N ARG D 118 7.02 -0.87 -30.01
CA ARG D 118 8.44 -1.17 -30.00
C ARG D 118 8.75 -2.35 -30.91
N GLU D 119 7.86 -3.33 -30.97
CA GLU D 119 8.13 -4.50 -31.82
C GLU D 119 8.05 -4.15 -33.30
N LYS D 120 7.02 -3.43 -33.73
CA LYS D 120 7.00 -2.95 -35.11
C LYS D 120 8.21 -2.07 -35.43
N MET D 121 8.50 -1.08 -34.58
CA MET D 121 9.63 -0.21 -34.83
C MET D 121 10.93 -0.99 -34.97
N THR D 122 11.10 -2.05 -34.19
CA THR D 122 12.28 -2.90 -34.35
C THR D 122 12.23 -3.70 -35.65
N GLN D 123 11.09 -4.34 -35.92
CA GLN D 123 10.98 -5.22 -37.06
C GLN D 123 11.25 -4.48 -38.36
N ILE D 124 10.79 -3.25 -38.48
CA ILE D 124 11.07 -2.48 -39.69
C ILE D 124 12.56 -2.23 -39.85
N MET D 125 13.22 -1.82 -38.76
CA MET D 125 14.63 -1.49 -38.86
C MET D 125 15.47 -2.70 -39.23
N PHE D 126 15.08 -3.88 -38.75
CA PHE D 126 15.78 -5.10 -39.16
C PHE D 126 15.31 -5.67 -40.48
N GLU D 127 14.11 -5.34 -40.94
CA GLU D 127 13.60 -5.96 -42.17
C GLU D 127 13.92 -5.13 -43.41
N THR D 128 13.56 -3.85 -43.43
CA THR D 128 13.67 -3.08 -44.66
C THR D 128 14.96 -2.28 -44.74
N PHE D 129 15.34 -1.58 -43.67
CA PHE D 129 16.63 -0.91 -43.65
C PHE D 129 17.79 -1.86 -43.43
N ASN D 130 17.54 -3.03 -42.88
CA ASN D 130 18.57 -4.01 -42.58
C ASN D 130 19.68 -3.39 -41.73
N VAL D 131 19.28 -2.71 -40.66
CA VAL D 131 20.25 -2.11 -39.74
C VAL D 131 21.13 -3.21 -39.17
N PRO D 132 22.44 -3.01 -39.02
CA PRO D 132 23.27 -4.09 -38.49
C PRO D 132 23.07 -4.33 -37.01
N ALA D 133 22.84 -3.28 -36.23
CA ALA D 133 22.57 -3.46 -34.81
C ALA D 133 21.83 -2.24 -34.32
N MET D 134 21.00 -2.44 -33.30
CA MET D 134 20.01 -1.42 -33.00
C MET D 134 19.64 -1.49 -31.53
N TYR D 135 19.10 -0.41 -31.02
CA TYR D 135 18.68 -0.32 -29.63
C TYR D 135 17.57 0.69 -29.49
N VAL D 136 16.69 0.45 -28.54
CA VAL D 136 15.62 1.39 -28.24
C VAL D 136 15.77 1.80 -26.78
N ALA D 137 16.09 3.06 -26.55
CA ALA D 137 16.26 3.58 -25.22
C ALA D 137 15.09 4.46 -24.85
N ILE D 138 15.06 4.88 -23.60
CA ILE D 138 14.00 5.74 -23.08
C ILE D 138 14.55 7.16 -22.99
N GLN D 139 13.77 8.12 -23.47
CA GLN D 139 14.25 9.49 -23.59
C GLN D 139 14.70 10.10 -22.26
N ALA D 140 13.96 9.82 -21.18
CA ALA D 140 14.29 10.49 -19.92
C ALA D 140 15.58 9.99 -19.29
N VAL D 141 16.03 8.78 -19.61
CA VAL D 141 17.32 8.31 -19.10
C VAL D 141 18.45 8.97 -19.86
N LEU D 142 18.34 9.00 -21.19
CA LEU D 142 19.37 9.64 -21.99
C LEU D 142 19.48 11.10 -21.60
N SER D 143 18.37 11.74 -21.29
CA SER D 143 18.40 13.17 -21.02
C SER D 143 19.24 13.50 -19.81
N LEU D 144 19.47 12.53 -18.93
CA LEU D 144 20.25 12.75 -17.72
C LEU D 144 21.75 12.74 -17.98
N TYR D 145 22.23 11.78 -18.77
CA TYR D 145 23.63 11.78 -19.20
C TYR D 145 24.06 13.10 -19.79
N ALA D 146 23.17 13.78 -20.49
CA ALA D 146 23.52 15.06 -21.08
C ALA D 146 24.01 16.07 -20.06
N SER D 147 23.52 16.01 -18.82
CA SER D 147 24.05 16.93 -17.82
C SER D 147 25.32 16.40 -17.16
N GLY D 148 25.63 15.11 -17.29
CA GLY D 148 26.71 14.50 -16.55
C GLY D 148 26.35 14.04 -15.16
N ARG D 149 25.17 14.42 -14.65
CA ARG D 149 24.69 13.99 -13.35
C ARG D 149 24.37 12.50 -13.35
N THR D 150 24.28 11.96 -12.13
CA THR D 150 23.80 10.60 -11.94
C THR D 150 22.67 10.55 -10.92
N THR D 151 22.01 11.69 -10.69
CA THR D 151 20.84 11.74 -9.85
C THR D 151 19.98 12.87 -10.36
N GLY D 152 18.67 12.72 -10.24
CA GLY D 152 17.78 13.80 -10.57
C GLY D 152 16.45 13.27 -11.04
N ILE D 153 15.45 14.12 -10.98
CA ILE D 153 14.13 13.80 -11.51
C ILE D 153 14.01 14.47 -12.87
N VAL D 154 14.16 13.67 -13.91
CA VAL D 154 14.18 14.14 -15.30
C VAL D 154 12.76 14.48 -15.72
N LEU D 155 12.42 15.75 -15.77
CA LEU D 155 11.10 16.16 -16.24
C LEU D 155 11.23 16.48 -17.71
N ASP D 156 10.72 15.59 -18.54
CA ASP D 156 10.90 15.68 -19.98
C ASP D 156 9.58 16.02 -20.66
N SER D 157 9.57 17.11 -21.37
CA SER D 157 8.41 17.55 -22.11
C SER D 157 8.63 17.17 -23.57
N GLY D 158 7.83 17.72 -24.46
CA GLY D 158 7.97 17.37 -25.85
C GLY D 158 6.80 17.90 -26.65
N ASP D 159 6.72 17.43 -27.89
CA ASP D 159 5.55 17.72 -28.69
C ASP D 159 4.41 16.76 -28.38
N GLY D 160 4.72 15.56 -27.93
CA GLY D 160 3.69 14.58 -27.73
C GLY D 160 3.44 14.18 -26.29
N VAL D 161 4.49 13.72 -25.62
CA VAL D 161 4.37 13.11 -24.30
C VAL D 161 5.25 13.83 -23.29
N THR D 162 4.69 14.11 -22.13
CA THR D 162 5.45 14.57 -20.98
C THR D 162 5.64 13.38 -20.04
N HIS D 163 6.84 13.21 -19.50
CA HIS D 163 7.03 12.14 -18.55
C HIS D 163 8.14 12.45 -17.58
N ASN D 164 8.07 11.84 -16.39
CA ASN D 164 9.06 11.98 -15.35
C ASN D 164 9.75 10.64 -15.17
N VAL D 165 11.06 10.67 -15.01
CA VAL D 165 11.78 9.48 -14.61
C VAL D 165 12.77 9.87 -13.52
N PRO D 166 12.49 9.55 -12.27
CA PRO D 166 13.51 9.75 -11.24
C PRO D 166 14.59 8.70 -11.40
N ILE D 167 15.82 9.14 -11.24
CA ILE D 167 17.00 8.29 -11.27
C ILE D 167 17.85 8.66 -10.06
N TYR D 168 18.53 7.66 -9.51
CA TYR D 168 19.34 7.93 -8.32
C TYR D 168 20.54 6.99 -8.38
N GLU D 169 21.73 7.54 -8.14
CA GLU D 169 22.99 6.80 -8.20
C GLU D 169 23.09 5.94 -9.46
N GLY D 170 22.56 6.42 -10.57
CA GLY D 170 22.57 5.60 -11.75
C GLY D 170 21.52 4.52 -11.79
N TYR D 171 20.87 4.21 -10.67
CA TYR D 171 19.78 3.26 -10.74
C TYR D 171 18.56 3.98 -11.27
N ALA D 172 17.70 3.23 -11.94
CA ALA D 172 16.44 3.75 -12.46
C ALA D 172 15.32 3.15 -11.63
N LEU D 173 14.39 3.99 -11.20
CA LEU D 173 13.30 3.46 -10.43
C LEU D 173 12.16 3.28 -11.42
N PRO D 174 11.75 2.05 -11.74
CA PRO D 174 10.68 1.86 -12.72
C PRO D 174 9.26 1.89 -12.16
N HIS D 175 9.09 1.99 -10.87
CA HIS D 175 7.77 2.06 -10.27
C HIS D 175 7.25 3.47 -10.10
N ALA D 176 8.06 4.49 -10.38
CA ALA D 176 7.60 5.87 -10.27
C ALA D 176 7.79 6.65 -11.55
N ILE D 177 7.84 5.98 -12.70
CA ILE D 177 7.65 6.67 -13.95
C ILE D 177 6.21 7.14 -14.06
N MET D 178 6.03 8.40 -14.46
CA MET D 178 4.73 8.98 -14.71
C MET D 178 4.70 9.42 -16.17
N ARG D 179 3.54 9.36 -16.77
CA ARG D 179 3.39 9.86 -18.13
C ARG D 179 2.10 10.65 -18.23
N LEU D 180 2.19 11.88 -18.71
CA LEU D 180 1.00 12.64 -19.05
C LEU D 180 0.82 12.64 -20.55
N ASP D 181 -0.34 13.13 -20.98
CA ASP D 181 -0.58 13.29 -22.40
C ASP D 181 -0.77 14.76 -22.69
N LEU D 182 0.24 15.56 -22.36
CA LEU D 182 0.11 17.01 -22.36
C LEU D 182 1.42 17.61 -22.84
N ALA D 183 1.38 18.32 -23.94
CA ALA D 183 2.62 18.70 -24.61
C ALA D 183 2.30 19.76 -25.65
N GLY D 184 3.33 20.15 -26.38
CA GLY D 184 3.21 21.23 -27.34
C GLY D 184 2.09 21.07 -28.35
N ARG D 185 1.71 19.85 -28.68
CA ARG D 185 0.58 19.72 -29.59
C ARG D 185 -0.74 20.09 -28.93
N ASP D 186 -0.86 19.89 -27.63
CA ASP D 186 -2.05 20.31 -26.92
C ASP D 186 -2.04 21.79 -26.58
N LEU D 187 -0.87 22.36 -26.33
CA LEU D 187 -0.78 23.82 -26.22
C LEU D 187 -1.04 24.50 -27.55
N THR D 188 -0.63 23.90 -28.67
CA THR D 188 -0.99 24.47 -29.96
C THR D 188 -2.50 24.40 -30.17
N ASP D 189 -3.10 23.24 -29.94
CA ASP D 189 -4.54 23.12 -30.12
C ASP D 189 -5.32 23.98 -29.13
N TYR D 190 -4.73 24.37 -28.02
CA TYR D 190 -5.38 25.36 -27.16
C TYR D 190 -5.19 26.79 -27.65
N LEU D 191 -3.99 27.15 -28.08
CA LEU D 191 -3.79 28.48 -28.64
C LEU D 191 -4.65 28.73 -29.86
N MET D 192 -4.80 27.73 -30.71
CA MET D 192 -5.73 27.87 -31.83
C MET D 192 -7.16 28.11 -31.37
N LYS D 193 -7.49 27.76 -30.14
CA LYS D 193 -8.82 28.01 -29.62
C LYS D 193 -8.94 29.33 -28.86
N ILE D 194 -7.88 29.80 -28.24
CA ILE D 194 -7.98 31.08 -27.54
C ILE D 194 -7.67 32.26 -28.44
N LEU D 195 -7.05 32.04 -29.59
CA LEU D 195 -6.81 33.12 -30.52
C LEU D 195 -8.07 33.51 -31.26
N THR D 196 -9.09 32.65 -31.26
CA THR D 196 -10.36 33.03 -31.86
C THR D 196 -11.09 34.06 -31.01
N GLU D 197 -10.72 34.21 -29.75
CA GLU D 197 -11.26 35.33 -28.99
C GLU D 197 -10.88 36.67 -29.57
N ARG D 198 -9.78 36.75 -30.30
CA ARG D 198 -9.43 37.99 -30.98
C ARG D 198 -9.90 38.01 -32.43
N GLY D 199 -10.54 36.94 -32.87
CA GLY D 199 -11.03 36.82 -34.23
C GLY D 199 -10.10 36.19 -35.23
N TYR D 200 -8.84 36.01 -34.89
CA TYR D 200 -7.97 35.21 -35.74
C TYR D 200 -8.44 33.77 -35.64
N SER D 201 -8.73 33.14 -36.78
CA SER D 201 -9.23 31.77 -36.77
C SER D 201 -8.37 30.91 -37.66
N PHE D 202 -7.61 29.99 -37.07
CA PHE D 202 -6.78 29.08 -37.81
C PHE D 202 -7.44 27.71 -37.80
N VAL D 203 -7.55 27.09 -38.97
CA VAL D 203 -8.32 25.86 -39.10
C VAL D 203 -7.48 24.72 -39.66
N THR D 204 -6.94 24.93 -40.86
CA THR D 204 -6.22 23.87 -41.55
C THR D 204 -4.87 23.58 -40.88
N THR D 205 -4.32 22.41 -41.22
CA THR D 205 -3.06 21.96 -40.65
C THR D 205 -1.92 22.92 -41.00
N ALA D 206 -1.96 23.50 -42.19
CA ALA D 206 -0.94 24.46 -42.57
C ALA D 206 -0.97 25.66 -41.64
N GLU D 207 -2.16 26.10 -41.24
CA GLU D 207 -2.29 27.24 -40.34
C GLU D 207 -1.91 26.85 -38.92
N ARG D 208 -2.05 25.57 -38.61
CA ARG D 208 -1.56 25.07 -37.34
C ARG D 208 -0.05 25.16 -37.29
N GLU D 209 0.61 24.88 -38.40
CA GLU D 209 2.07 25.08 -38.45
C GLU D 209 2.48 26.56 -38.43
N ILE D 210 1.54 27.48 -38.33
CA ILE D 210 1.85 28.88 -38.03
C ILE D 210 1.59 29.20 -36.58
N VAL D 211 0.52 28.67 -36.00
CA VAL D 211 0.34 28.84 -34.57
C VAL D 211 1.43 28.13 -33.77
N ARG D 212 1.90 26.98 -34.26
CA ARG D 212 3.07 26.32 -33.70
C ARG D 212 4.33 27.14 -33.83
N ASP D 213 4.30 28.26 -34.54
CA ASP D 213 5.44 29.15 -34.56
C ASP D 213 5.18 30.40 -33.78
N ILE D 214 3.93 30.83 -33.69
CA ILE D 214 3.59 31.92 -32.79
C ILE D 214 4.03 31.57 -31.38
N LYS D 215 3.57 30.41 -30.88
CA LYS D 215 3.83 30.12 -29.47
C LYS D 215 5.31 30.00 -29.20
N GLU D 216 6.10 29.63 -30.19
CA GLU D 216 7.54 29.51 -29.99
C GLU D 216 8.16 30.85 -29.66
N LYS D 217 7.71 31.92 -30.31
CA LYS D 217 8.34 33.21 -30.12
C LYS D 217 7.60 34.12 -29.15
N LEU D 218 6.31 34.35 -29.38
CA LEU D 218 5.59 35.32 -28.58
C LEU D 218 5.38 34.88 -27.14
N CYS D 219 5.11 33.60 -26.89
CA CYS D 219 4.69 33.22 -25.55
C CYS D 219 5.83 33.24 -24.55
N TYR D 220 5.45 33.37 -23.27
CA TYR D 220 6.32 33.30 -22.12
C TYR D 220 5.48 32.87 -20.93
N VAL D 221 6.10 32.25 -19.94
CA VAL D 221 5.37 31.83 -18.75
C VAL D 221 5.26 32.98 -17.76
N ALA D 222 4.03 33.36 -17.45
CA ALA D 222 3.76 34.34 -16.40
C ALA D 222 4.23 33.83 -15.05
N LEU D 223 5.02 34.63 -14.35
CA LEU D 223 5.48 34.22 -13.03
C LEU D 223 4.30 33.97 -12.10
N ASP D 224 3.43 34.95 -11.94
CA ASP D 224 2.19 34.81 -11.18
C ASP D 224 1.05 35.03 -12.16
N PHE D 225 0.33 33.96 -12.48
CA PHE D 225 -0.73 34.03 -13.47
C PHE D 225 -1.82 35.01 -13.08
N GLU D 226 -2.17 35.06 -11.80
CA GLU D 226 -3.32 35.87 -11.42
C GLU D 226 -3.01 37.36 -11.33
N ASN D 227 -1.75 37.74 -11.21
CA ASN D 227 -1.38 39.14 -11.37
C ASN D 227 -1.30 39.56 -12.83
N GLU D 228 -0.77 38.69 -13.69
CA GLU D 228 -0.72 39.06 -15.09
C GLU D 228 -2.09 39.11 -15.73
N MET D 229 -3.03 38.28 -15.29
CA MET D 229 -4.41 38.50 -15.73
C MET D 229 -4.99 39.81 -15.24
N ALA D 230 -4.36 40.49 -14.28
CA ALA D 230 -4.71 41.88 -13.99
C ALA D 230 -4.03 42.85 -14.94
N THR D 231 -2.71 42.77 -15.03
CA THR D 231 -1.96 43.71 -15.85
C THR D 231 -2.42 43.69 -17.31
N ALA D 232 -2.67 42.50 -17.86
CA ALA D 232 -3.17 42.39 -19.23
C ALA D 232 -4.58 42.94 -19.40
N ALA D 233 -5.29 43.17 -18.30
CA ALA D 233 -6.62 43.78 -18.36
C ALA D 233 -6.57 45.30 -18.23
N SER D 234 -5.66 45.83 -17.41
CA SER D 234 -5.60 47.26 -17.16
C SER D 234 -4.74 48.02 -18.16
N SER D 235 -3.84 47.34 -18.88
CA SER D 235 -2.75 48.02 -19.56
C SER D 235 -2.36 47.18 -20.77
N SER D 236 -1.57 47.78 -21.66
CA SER D 236 -1.21 47.16 -22.93
C SER D 236 0.28 47.10 -23.19
N SER D 237 1.12 47.32 -22.18
CA SER D 237 2.54 46.99 -22.33
C SER D 237 2.76 45.51 -22.57
N LEU D 238 1.85 44.67 -22.08
CA LEU D 238 1.91 43.24 -22.33
C LEU D 238 1.64 42.88 -23.79
N GLU D 239 0.94 43.72 -24.54
CA GLU D 239 0.57 43.35 -25.90
C GLU D 239 1.78 43.40 -26.82
N LYS D 240 1.81 42.47 -27.76
CA LYS D 240 2.93 42.32 -28.67
C LYS D 240 2.39 41.86 -30.01
N SER D 241 3.17 42.07 -31.05
CA SER D 241 2.68 41.98 -32.41
C SER D 241 3.64 41.17 -33.27
N TYR D 242 3.07 40.45 -34.22
CA TYR D 242 3.79 39.44 -34.97
C TYR D 242 3.26 39.46 -36.39
N GLU D 243 4.13 39.16 -37.34
CA GLU D 243 3.84 39.27 -38.75
C GLU D 243 3.67 37.90 -39.40
N LEU D 244 2.57 37.73 -40.12
CA LEU D 244 2.26 36.47 -40.72
C LEU D 244 3.04 36.32 -42.03
N PRO D 245 3.03 35.15 -42.65
CA PRO D 245 3.76 35.00 -43.92
C PRO D 245 3.30 35.94 -45.02
N ASP D 246 2.00 36.23 -45.08
CA ASP D 246 1.43 37.10 -46.10
C ASP D 246 1.71 38.58 -45.86
N GLY D 247 2.18 38.93 -44.68
CA GLY D 247 2.51 40.29 -44.34
C GLY D 247 1.48 41.00 -43.48
N GLN D 248 0.46 40.28 -43.02
CA GLN D 248 -0.53 40.84 -42.13
C GLN D 248 0.00 40.74 -40.71
N VAL D 249 -0.33 41.71 -39.87
CA VAL D 249 0.18 41.75 -38.50
C VAL D 249 -0.93 41.34 -37.54
N ILE D 250 -0.60 40.41 -36.69
CA ILE D 250 -1.38 39.97 -35.54
C ILE D 250 -1.06 40.89 -34.37
N THR D 251 -2.04 41.10 -33.50
CA THR D 251 -1.77 41.59 -32.16
C THR D 251 -2.32 40.58 -31.16
N ILE D 252 -1.43 39.99 -30.37
CA ILE D 252 -1.73 38.76 -29.65
C ILE D 252 -2.15 39.00 -28.20
N GLY D 253 -1.67 40.07 -27.57
CA GLY D 253 -2.08 40.43 -26.22
C GLY D 253 -2.21 39.38 -25.14
N ASN D 254 -3.34 39.37 -24.42
CA ASN D 254 -3.62 38.46 -23.31
C ASN D 254 -3.26 37.00 -23.56
N GLU D 255 -3.44 36.51 -24.78
CA GLU D 255 -3.24 35.10 -25.06
C GLU D 255 -1.80 34.70 -24.86
N ARG D 256 -0.91 35.68 -24.85
CA ARG D 256 0.52 35.46 -24.90
C ARG D 256 1.04 34.60 -23.74
N PHE D 257 0.39 34.65 -22.59
CA PHE D 257 0.84 33.85 -21.46
C PHE D 257 -0.17 32.83 -20.93
N ARG D 258 -1.36 32.75 -21.51
CA ARG D 258 -2.31 31.73 -21.10
C ARG D 258 -2.00 30.36 -21.70
N CYS D 259 -1.27 30.30 -22.80
CA CYS D 259 -0.97 29.01 -23.41
C CYS D 259 -0.01 28.18 -22.57
N PRO D 260 1.10 28.70 -22.06
CA PRO D 260 1.94 27.86 -21.23
C PRO D 260 1.35 27.63 -19.87
N GLU D 261 0.42 28.47 -19.44
CA GLU D 261 -0.25 28.23 -18.17
C GLU D 261 -0.94 26.87 -18.14
N THR D 262 -1.44 26.38 -19.28
CA THR D 262 -2.10 25.08 -19.27
C THR D 262 -1.16 23.96 -18.86
N LEU D 263 0.14 24.19 -18.91
CA LEU D 263 1.08 23.21 -18.37
C LEU D 263 0.78 22.97 -16.90
N PHE D 264 0.64 24.06 -16.15
CA PHE D 264 0.44 24.00 -14.72
C PHE D 264 -1.01 23.77 -14.34
N GLN D 265 -1.96 24.04 -15.25
CA GLN D 265 -3.39 23.82 -14.99
C GLN D 265 -4.01 23.04 -16.14
N PRO D 266 -3.76 21.73 -16.20
CA PRO D 266 -4.38 20.89 -17.24
C PRO D 266 -5.89 20.94 -17.29
N SER D 267 -6.53 21.47 -16.26
CA SER D 267 -7.99 21.62 -16.29
C SER D 267 -8.39 22.49 -17.47
N PHE D 268 -7.56 23.48 -17.78
CA PHE D 268 -7.85 24.43 -18.85
C PHE D 268 -8.12 23.72 -20.17
N ILE D 269 -7.41 22.63 -20.45
CA ILE D 269 -7.58 21.94 -21.71
C ILE D 269 -8.57 20.77 -21.57
N GLY D 270 -9.34 20.73 -20.50
CA GLY D 270 -10.21 19.59 -20.31
C GLY D 270 -9.54 18.34 -19.81
N MET D 271 -8.23 18.40 -19.54
CA MET D 271 -7.48 17.25 -19.04
C MET D 271 -7.61 17.19 -17.54
N GLU D 272 -8.17 16.10 -17.03
CA GLU D 272 -8.27 15.91 -15.58
C GLU D 272 -6.93 15.39 -15.10
N SER D 273 -6.04 16.30 -14.71
CA SER D 273 -4.75 15.86 -14.23
C SER D 273 -4.17 16.92 -13.31
N ALA D 274 -3.23 16.48 -12.50
CA ALA D 274 -2.19 17.34 -11.96
C ALA D 274 -1.42 18.05 -13.08
N GLY D 275 -0.97 19.25 -12.79
CA GLY D 275 -0.04 19.91 -13.69
C GLY D 275 1.30 19.21 -13.64
N ILE D 276 2.26 19.78 -14.36
CA ILE D 276 3.62 19.27 -14.27
C ILE D 276 4.27 19.57 -12.92
N HIS D 277 3.86 20.63 -12.24
CA HIS D 277 4.39 20.88 -10.90
C HIS D 277 3.86 19.88 -9.89
N GLU D 278 2.60 19.48 -10.00
CA GLU D 278 2.11 18.44 -9.12
C GLU D 278 2.57 17.06 -9.54
N THR D 279 2.98 16.88 -10.78
CA THR D 279 3.40 15.54 -11.18
C THR D 279 4.84 15.27 -10.79
N THR D 280 5.73 16.26 -10.90
CA THR D 280 7.05 16.06 -10.31
C THR D 280 6.95 15.80 -8.82
N TYR D 281 6.17 16.62 -8.13
CA TYR D 281 6.00 16.44 -6.69
C TYR D 281 5.37 15.11 -6.31
N ASN D 282 4.37 14.65 -7.05
CA ASN D 282 3.84 13.31 -6.80
C ASN D 282 4.85 12.21 -7.07
N SER D 283 5.62 12.32 -8.14
CA SER D 283 6.61 11.28 -8.40
C SER D 283 7.74 11.29 -7.38
N ILE D 284 8.01 12.45 -6.76
CA ILE D 284 8.94 12.47 -5.64
C ILE D 284 8.31 11.86 -4.39
N MET D 285 7.10 12.32 -4.02
CA MET D 285 6.48 11.79 -2.81
C MET D 285 6.27 10.29 -2.89
N LYS D 286 6.06 9.74 -4.07
CA LYS D 286 5.94 8.30 -4.22
C LYS D 286 7.22 7.59 -3.83
N CYS D 287 8.37 8.23 -4.07
CA CYS D 287 9.66 7.60 -3.82
C CYS D 287 9.92 7.53 -2.32
N ASP D 288 10.94 6.74 -1.97
CA ASP D 288 11.27 6.53 -0.57
C ASP D 288 11.77 7.82 0.08
N ILE D 289 11.43 7.97 1.36
CA ILE D 289 11.76 9.17 2.12
C ILE D 289 13.25 9.48 2.13
N ASP D 290 14.09 8.46 2.04
CA ASP D 290 15.53 8.71 2.08
C ASP D 290 16.03 9.44 0.85
N ILE D 291 15.35 9.27 -0.28
CA ILE D 291 15.82 9.81 -1.54
C ILE D 291 15.54 11.31 -1.66
N ARG D 292 14.43 11.77 -1.11
CA ARG D 292 13.78 12.99 -1.60
C ARG D 292 14.65 14.22 -1.49
N LYS D 293 15.49 14.32 -0.45
CA LYS D 293 16.34 15.49 -0.37
C LYS D 293 17.34 15.54 -1.52
N ASP D 294 17.64 14.40 -2.15
CA ASP D 294 18.56 14.43 -3.28
C ASP D 294 17.86 14.74 -4.58
N LEU D 295 16.64 14.27 -4.76
CA LEU D 295 15.87 14.64 -5.94
C LEU D 295 15.55 16.13 -5.97
N TYR D 296 15.15 16.71 -4.84
CA TYR D 296 14.86 18.14 -4.87
C TYR D 296 16.03 18.97 -5.35
N ALA D 297 17.26 18.53 -5.09
CA ALA D 297 18.42 19.30 -5.48
C ALA D 297 18.88 19.06 -6.92
N ASN D 298 18.28 18.12 -7.64
CA ASN D 298 18.78 17.71 -8.95
C ASN D 298 17.69 17.66 -10.00
N ASN D 299 16.67 18.50 -9.87
CA ASN D 299 15.50 18.45 -10.75
C ASN D 299 15.85 19.04 -12.11
N VAL D 300 16.08 18.15 -13.10
CA VAL D 300 16.53 18.49 -14.44
C VAL D 300 15.34 18.62 -15.37
N MET D 301 15.43 19.53 -16.33
CA MET D 301 14.41 19.73 -17.34
C MET D 301 14.97 19.42 -18.72
N SER D 302 14.12 18.97 -19.64
CA SER D 302 14.56 18.77 -21.01
C SER D 302 13.40 18.92 -21.99
N GLY D 303 13.75 19.07 -23.25
CA GLY D 303 12.81 19.16 -24.33
C GLY D 303 12.17 20.53 -24.46
N GLY D 304 11.72 20.83 -25.67
CA GLY D 304 10.87 21.98 -25.89
C GLY D 304 9.56 21.85 -25.17
N THR D 305 8.78 22.94 -25.18
CA THR D 305 7.79 23.21 -24.13
C THR D 305 8.41 23.16 -22.75
N THR D 306 9.74 23.23 -22.69
CA THR D 306 10.40 23.59 -21.46
C THR D 306 11.51 24.57 -21.80
N MET D 307 11.27 25.38 -22.83
CA MET D 307 12.13 26.48 -23.18
C MET D 307 11.40 27.81 -23.17
N TYR D 308 10.15 27.84 -22.73
CA TYR D 308 9.49 29.10 -22.60
C TYR D 308 10.25 29.95 -21.60
N PRO D 309 10.45 31.24 -21.87
CA PRO D 309 11.16 32.10 -20.93
C PRO D 309 10.54 32.05 -19.54
N GLY D 310 11.40 31.87 -18.54
CA GLY D 310 10.96 31.81 -17.17
C GLY D 310 10.22 30.57 -16.72
N ILE D 311 10.18 29.49 -17.50
CA ILE D 311 9.47 28.31 -17.03
C ILE D 311 10.14 27.75 -15.78
N ALA D 312 11.47 27.81 -15.73
CA ALA D 312 12.17 27.30 -14.55
C ALA D 312 11.86 28.15 -13.33
N ASP D 313 11.98 29.46 -13.48
CA ASP D 313 11.75 30.37 -12.37
C ASP D 313 10.31 30.33 -11.85
N ARG D 314 9.34 29.96 -12.67
CA ARG D 314 8.04 29.63 -12.09
C ARG D 314 8.03 28.27 -11.42
N MET D 315 8.49 27.23 -12.13
CA MET D 315 8.43 25.88 -11.59
C MET D 315 9.03 25.82 -10.18
N GLN D 316 10.20 26.43 -10.00
CA GLN D 316 10.88 26.39 -8.72
C GLN D 316 10.09 27.04 -7.60
N LYS D 317 9.39 28.13 -7.89
CA LYS D 317 8.45 28.70 -6.94
C LYS D 317 7.25 27.81 -6.70
N GLU D 318 6.79 27.12 -7.73
CA GLU D 318 5.52 26.43 -7.58
C GLU D 318 5.69 25.10 -6.88
N ILE D 319 6.81 24.42 -7.09
CA ILE D 319 7.12 23.25 -6.28
C ILE D 319 7.60 23.66 -4.89
N THR D 320 8.32 24.78 -4.74
CA THR D 320 8.65 25.29 -3.43
C THR D 320 7.42 25.51 -2.58
N ALA D 321 6.31 25.89 -3.19
CA ALA D 321 5.08 26.04 -2.42
C ALA D 321 4.54 24.72 -1.90
N LEU D 322 4.91 23.59 -2.49
CA LEU D 322 4.47 22.29 -1.98
C LEU D 322 5.44 21.69 -0.97
N ALA D 323 6.67 21.44 -1.38
CA ALA D 323 7.62 20.72 -0.55
C ALA D 323 7.98 21.51 0.71
N PRO D 324 8.48 20.82 1.73
CA PRO D 324 8.87 21.52 2.97
C PRO D 324 9.89 22.62 2.75
N SER D 325 9.78 23.67 3.58
CA SER D 325 10.62 24.85 3.51
C SER D 325 12.05 24.61 4.01
N THR D 326 12.34 23.47 4.61
CA THR D 326 13.73 23.14 4.92
C THR D 326 14.53 22.70 3.70
N MET D 327 13.86 22.40 2.59
CA MET D 327 14.51 21.85 1.41
C MET D 327 14.84 22.98 0.45
N LYS D 328 16.12 23.12 0.12
CA LYS D 328 16.54 23.85 -1.05
C LYS D 328 16.08 23.12 -2.31
N ILE D 329 15.54 23.86 -3.26
CA ILE D 329 15.10 23.31 -4.53
C ILE D 329 15.78 24.07 -5.64
N LYS D 330 16.56 23.36 -6.43
CA LYS D 330 17.30 23.92 -7.56
C LYS D 330 16.84 23.22 -8.82
N ILE D 331 16.47 23.98 -9.83
CA ILE D 331 15.98 23.42 -11.08
C ILE D 331 17.03 23.65 -12.15
N ILE D 332 17.59 22.54 -12.63
CA ILE D 332 18.71 22.54 -13.56
C ILE D 332 18.11 22.60 -14.96
N ALA D 333 17.97 23.81 -15.50
CA ALA D 333 17.54 24.00 -16.88
C ALA D 333 18.69 24.55 -17.71
N PRO D 334 19.54 23.69 -18.26
CA PRO D 334 20.70 24.19 -18.97
C PRO D 334 20.30 24.80 -20.30
N PRO D 335 21.16 25.58 -20.94
CA PRO D 335 20.93 25.92 -22.34
C PRO D 335 21.02 24.71 -23.27
N GLU D 336 20.30 24.80 -24.39
CA GLU D 336 20.13 23.69 -25.34
C GLU D 336 19.40 22.49 -24.73
N ARG D 337 18.38 22.75 -23.92
CA ARG D 337 17.44 21.69 -23.57
C ARG D 337 16.89 20.96 -24.80
N LYS D 338 16.65 21.68 -25.90
CA LYS D 338 16.15 21.04 -27.12
C LYS D 338 16.99 19.87 -27.58
N TYR D 339 18.29 19.89 -27.30
CA TYR D 339 19.17 18.83 -27.75
C TYR D 339 19.61 17.90 -26.65
N SER D 340 19.06 18.06 -25.45
CA SER D 340 19.55 17.29 -24.32
C SER D 340 19.50 15.80 -24.60
N VAL D 341 18.36 15.30 -25.06
CA VAL D 341 18.22 13.88 -25.37
C VAL D 341 19.17 13.45 -26.47
N TRP D 342 19.34 14.26 -27.50
CA TRP D 342 20.27 13.85 -28.53
C TRP D 342 21.71 13.80 -28.03
N ILE D 343 22.13 14.79 -27.25
CA ILE D 343 23.50 14.74 -26.74
C ILE D 343 23.67 13.59 -25.77
N GLY D 344 22.64 13.26 -25.00
CA GLY D 344 22.67 12.05 -24.21
C GLY D 344 22.88 10.80 -25.05
N GLY D 345 22.22 10.73 -26.20
CA GLY D 345 22.52 9.65 -27.11
C GLY D 345 23.93 9.68 -27.67
N SER D 346 24.42 10.88 -28.00
CA SER D 346 25.78 11.02 -28.52
C SER D 346 26.85 10.69 -27.50
N ILE D 347 26.51 10.67 -26.22
CA ILE D 347 27.46 10.24 -25.19
C ILE D 347 27.30 8.76 -24.90
N LEU D 348 26.07 8.31 -24.72
CA LEU D 348 25.79 6.93 -24.37
C LEU D 348 26.17 5.97 -25.49
N ALA D 349 26.04 6.39 -26.75
CA ALA D 349 26.43 5.55 -27.86
C ALA D 349 27.93 5.46 -28.03
N SER D 350 28.68 6.40 -27.45
CA SER D 350 30.13 6.35 -27.50
C SER D 350 30.73 5.79 -26.21
N LEU D 351 29.88 5.45 -25.24
CA LEU D 351 30.32 4.96 -23.94
C LEU D 351 30.81 3.52 -24.08
N SER D 352 32.01 3.25 -23.56
CA SER D 352 32.68 1.97 -23.78
C SER D 352 31.97 0.79 -23.11
N THR D 353 31.22 1.02 -22.04
CA THR D 353 30.48 -0.09 -21.43
C THR D 353 29.25 -0.50 -22.21
N PHE D 354 28.66 0.40 -22.99
CA PHE D 354 27.38 0.15 -23.63
C PHE D 354 27.44 -0.90 -24.72
N GLN D 355 28.62 -1.14 -25.28
CA GLN D 355 28.74 -1.89 -26.53
C GLN D 355 28.28 -3.34 -26.42
N GLN D 356 27.98 -3.84 -25.23
CA GLN D 356 27.36 -5.15 -25.07
C GLN D 356 25.84 -5.14 -25.14
N MET D 357 25.19 -3.99 -25.09
CA MET D 357 23.74 -3.95 -25.05
C MET D 357 23.08 -3.90 -26.42
N TRP D 358 23.83 -3.62 -27.48
CA TRP D 358 23.29 -3.64 -28.84
C TRP D 358 22.55 -4.94 -29.10
N ILE D 359 21.39 -4.83 -29.74
CA ILE D 359 20.61 -6.00 -30.13
C ILE D 359 21.04 -6.37 -31.55
N THR D 360 21.96 -7.32 -31.66
CA THR D 360 22.49 -7.70 -32.96
C THR D 360 21.39 -8.29 -33.82
N LYS D 361 21.46 -8.04 -35.13
CA LYS D 361 20.43 -8.53 -36.05
C LYS D 361 20.28 -10.04 -35.95
N GLN D 362 21.41 -10.74 -35.90
CA GLN D 362 21.40 -12.19 -35.73
C GLN D 362 20.61 -12.60 -34.50
N GLU D 363 20.81 -11.89 -33.39
CA GLU D 363 20.18 -12.27 -32.14
C GLU D 363 18.67 -12.12 -32.20
N TYR D 364 18.18 -11.06 -32.83
CA TYR D 364 16.74 -10.93 -33.07
C TYR D 364 16.22 -11.96 -34.05
N ASP D 365 16.98 -12.24 -35.10
CA ASP D 365 16.56 -13.26 -36.07
C ASP D 365 16.38 -14.62 -35.43
N GLU D 366 17.23 -14.98 -34.48
CA GLU D 366 17.08 -16.29 -33.85
C GLU D 366 16.17 -16.29 -32.62
N ALA D 367 16.28 -15.30 -31.73
CA ALA D 367 15.55 -15.30 -30.47
C ALA D 367 14.12 -14.75 -30.58
N GLY D 368 13.77 -14.11 -31.70
CA GLY D 368 12.42 -13.63 -31.89
C GLY D 368 12.08 -12.33 -31.19
N PRO D 369 11.03 -11.67 -31.68
CA PRO D 369 10.78 -10.26 -31.32
C PRO D 369 10.69 -9.97 -29.84
N SER D 370 10.41 -10.95 -28.99
CA SER D 370 10.42 -10.69 -27.55
C SER D 370 11.77 -10.21 -27.04
N ILE D 371 12.84 -10.39 -27.80
CA ILE D 371 14.17 -9.89 -27.42
C ILE D 371 14.15 -8.41 -27.04
N VAL D 372 13.27 -7.62 -27.66
CA VAL D 372 13.40 -6.17 -27.53
C VAL D 372 13.02 -5.64 -26.17
N HIS D 373 12.33 -6.42 -25.35
CA HIS D 373 11.93 -5.97 -24.03
C HIS D 373 12.93 -6.31 -22.94
N ARG D 374 14.01 -7.02 -23.26
CA ARG D 374 15.02 -7.32 -22.26
C ARG D 374 15.62 -6.02 -21.74
N LYS D 375 16.13 -6.07 -20.51
CA LYS D 375 16.74 -4.90 -19.90
C LYS D 375 17.96 -5.28 -19.05
N CYS D 376 18.82 -6.12 -19.62
CA CYS D 376 20.12 -6.36 -19.00
C CYS D 376 20.97 -5.12 -19.23
N PHE D 377 20.59 -4.03 -18.59
CA PHE D 377 21.09 -2.69 -18.87
C PHE D 377 22.48 -2.50 -18.32
N THR E 7 -44.02 39.49 -18.23
CA THR E 7 -44.47 40.47 -19.21
C THR E 7 -44.33 39.92 -20.62
N THR E 8 -43.10 39.93 -21.12
CA THR E 8 -42.81 39.54 -22.49
C THR E 8 -41.33 39.22 -22.56
N ALA E 9 -40.93 38.48 -23.59
CA ALA E 9 -39.54 38.50 -23.99
C ALA E 9 -39.43 38.35 -25.49
N LEU E 10 -38.48 39.08 -26.08
CA LEU E 10 -38.25 39.07 -27.51
C LEU E 10 -37.07 38.17 -27.82
N VAL E 11 -37.30 37.11 -28.57
CA VAL E 11 -36.25 36.17 -28.92
C VAL E 11 -35.90 36.43 -30.37
N CYS E 12 -34.61 36.57 -30.67
CA CYS E 12 -34.20 36.76 -32.05
C CYS E 12 -33.10 35.78 -32.43
N ASP E 13 -33.35 34.94 -33.43
CA ASP E 13 -32.25 34.24 -34.07
C ASP E 13 -31.59 35.28 -34.94
N ASN E 14 -30.44 35.75 -34.52
CA ASN E 14 -29.78 36.82 -35.22
C ASN E 14 -28.82 36.32 -36.28
N GLY E 15 -28.66 35.02 -36.42
CA GLY E 15 -27.69 34.50 -37.34
C GLY E 15 -27.95 34.81 -38.80
N SER E 16 -27.02 34.33 -39.62
CA SER E 16 -26.95 34.64 -41.03
C SER E 16 -28.07 33.99 -41.82
N GLY E 17 -28.50 34.66 -42.88
CA GLY E 17 -29.80 34.33 -43.42
C GLY E 17 -30.90 34.80 -42.49
N LEU E 18 -32.03 34.11 -42.55
CA LEU E 18 -33.28 34.60 -41.99
C LEU E 18 -33.09 35.09 -40.57
N VAL E 19 -33.42 36.36 -40.34
CA VAL E 19 -33.75 36.82 -39.00
C VAL E 19 -35.09 36.26 -38.59
N LYS E 20 -35.12 35.51 -37.50
CA LYS E 20 -36.34 35.04 -36.86
C LYS E 20 -36.54 35.80 -35.58
N ALA E 21 -37.69 36.44 -35.43
CA ALA E 21 -37.93 37.25 -34.24
C ALA E 21 -39.41 37.23 -33.91
N GLY E 22 -39.71 37.56 -32.67
CA GLY E 22 -41.08 37.55 -32.18
C GLY E 22 -41.18 36.92 -30.82
N PHE E 23 -42.26 37.25 -30.12
CA PHE E 23 -42.30 37.17 -28.67
C PHE E 23 -42.17 35.75 -28.18
N ALA E 24 -41.53 35.61 -27.02
CA ALA E 24 -41.59 34.34 -26.31
C ALA E 24 -42.98 34.09 -25.80
N GLY E 25 -43.27 32.83 -25.51
CA GLY E 25 -44.63 32.45 -25.23
C GLY E 25 -45.49 32.22 -26.45
N ASP E 26 -44.89 32.10 -27.63
CA ASP E 26 -45.63 31.76 -28.83
C ASP E 26 -45.02 30.53 -29.48
N ASP E 27 -45.83 29.87 -30.31
CA ASP E 27 -45.46 28.61 -30.94
C ASP E 27 -44.62 28.78 -32.20
N ALA E 28 -44.54 29.98 -32.77
CA ALA E 28 -43.77 30.15 -33.99
C ALA E 28 -43.29 31.59 -34.07
N PRO E 29 -42.21 31.84 -34.81
CA PRO E 29 -41.80 33.22 -35.05
C PRO E 29 -42.91 34.06 -35.62
N ARG E 30 -42.94 35.32 -35.22
CA ARG E 30 -43.84 36.29 -35.80
C ARG E 30 -43.22 37.01 -36.99
N ALA E 31 -41.90 37.14 -37.02
CA ALA E 31 -41.16 37.75 -38.10
C ALA E 31 -40.14 36.79 -38.67
N VAL E 32 -40.18 36.58 -39.97
CA VAL E 32 -39.14 35.83 -40.67
C VAL E 32 -38.86 36.55 -41.99
N PHE E 33 -37.64 37.04 -42.16
CA PHE E 33 -37.32 37.76 -43.38
C PHE E 33 -35.83 37.67 -43.68
N PRO E 34 -35.45 37.75 -44.96
CA PRO E 34 -34.11 37.32 -45.38
C PRO E 34 -32.92 38.05 -44.77
N SER E 35 -33.06 39.15 -44.05
CA SER E 35 -31.90 39.79 -43.42
C SER E 35 -30.89 40.31 -44.42
N ILE E 36 -31.30 40.63 -45.62
CA ILE E 36 -30.41 41.22 -46.61
C ILE E 36 -30.49 42.74 -46.51
N VAL E 37 -29.42 43.43 -46.91
CA VAL E 37 -29.46 44.87 -47.13
C VAL E 37 -29.13 45.16 -48.58
N GLY E 38 -29.87 46.09 -49.18
CA GLY E 38 -29.66 46.40 -50.59
C GLY E 38 -29.60 47.86 -50.94
N ARG E 39 -28.57 48.29 -51.67
CA ARG E 39 -28.50 49.62 -52.24
C ARG E 39 -28.85 49.58 -53.72
N PRO E 40 -29.53 50.59 -54.25
CA PRO E 40 -29.69 50.71 -55.70
C PRO E 40 -28.37 50.65 -56.44
N ARG E 41 -28.26 49.72 -57.38
CA ARG E 41 -26.99 49.48 -58.05
C ARG E 41 -26.77 50.44 -59.21
N HIS E 42 -27.73 50.49 -60.12
CA HIS E 42 -27.48 50.99 -61.46
C HIS E 42 -27.13 52.47 -61.48
N GLN E 43 -27.80 53.28 -60.67
CA GLN E 43 -27.53 54.71 -60.66
C GLN E 43 -27.60 55.26 -59.24
N GLY E 44 -26.72 56.21 -58.96
CA GLY E 44 -26.75 56.95 -57.71
C GLY E 44 -28.12 57.54 -57.41
N VAL E 45 -28.51 57.45 -56.14
CA VAL E 45 -29.89 57.59 -55.74
C VAL E 45 -30.38 59.03 -55.92
N MET E 46 -31.60 59.15 -56.46
CA MET E 46 -32.25 60.43 -56.73
C MET E 46 -32.80 61.03 -55.42
N VAL E 47 -31.87 61.21 -54.48
CA VAL E 47 -32.21 61.56 -53.10
C VAL E 47 -33.08 62.79 -53.02
N GLY E 48 -32.85 63.78 -53.88
CA GLY E 48 -33.73 64.94 -53.87
C GLY E 48 -35.19 64.64 -54.15
N MET E 49 -35.47 63.57 -54.89
CA MET E 49 -36.86 63.17 -55.04
C MET E 49 -37.31 62.18 -53.99
N GLY E 50 -36.41 61.72 -53.12
CA GLY E 50 -36.83 60.85 -52.04
C GLY E 50 -36.90 59.38 -52.40
N GLN E 51 -36.21 58.94 -53.45
CA GLN E 51 -36.09 57.52 -53.70
C GLN E 51 -35.32 56.89 -52.55
N LYS E 52 -35.93 55.92 -51.89
CA LYS E 52 -35.32 55.36 -50.69
C LYS E 52 -34.10 54.53 -51.07
N ASP E 53 -32.96 54.85 -50.47
CA ASP E 53 -31.70 54.27 -50.88
C ASP E 53 -31.35 52.99 -50.16
N SER E 54 -32.16 52.58 -49.18
CA SER E 54 -31.90 51.36 -48.43
C SER E 54 -33.12 50.47 -48.51
N TYR E 55 -32.89 49.18 -48.71
CA TYR E 55 -33.95 48.19 -48.76
C TYR E 55 -33.50 46.99 -47.94
N VAL E 56 -34.18 46.72 -46.84
CA VAL E 56 -33.77 45.67 -45.92
C VAL E 56 -34.88 44.65 -45.78
N GLY E 57 -34.49 43.39 -45.67
CA GLY E 57 -35.43 42.36 -45.32
C GLY E 57 -36.29 41.84 -46.45
N ASP E 58 -37.56 42.22 -46.47
CA ASP E 58 -38.49 41.70 -47.46
C ASP E 58 -38.51 42.53 -48.73
N GLU E 59 -38.51 43.85 -48.59
CA GLU E 59 -38.55 44.70 -49.77
C GLU E 59 -37.37 44.43 -50.67
N ALA E 60 -36.20 44.13 -50.09
CA ALA E 60 -35.04 43.85 -50.91
C ALA E 60 -35.28 42.65 -51.81
N GLN E 61 -35.80 41.56 -51.27
CA GLN E 61 -36.06 40.41 -52.14
C GLN E 61 -37.18 40.71 -53.13
N SER E 62 -38.18 41.47 -52.68
CA SER E 62 -39.29 41.83 -53.56
C SER E 62 -38.83 42.65 -54.75
N LYS E 63 -37.89 43.55 -54.53
CA LYS E 63 -37.39 44.39 -55.61
C LYS E 63 -35.93 44.06 -55.83
N ARG E 64 -35.69 42.77 -56.00
CA ARG E 64 -34.35 42.21 -56.00
C ARG E 64 -33.49 42.76 -57.13
N GLY E 65 -34.04 42.86 -58.34
CA GLY E 65 -33.17 42.93 -59.50
C GLY E 65 -32.36 44.20 -59.63
N ILE E 66 -32.78 45.28 -58.97
CA ILE E 66 -32.06 46.56 -59.07
C ILE E 66 -31.09 46.77 -57.93
N LEU E 67 -30.88 45.80 -57.05
CA LEU E 67 -30.21 46.03 -55.79
C LEU E 67 -28.94 45.20 -55.66
N THR E 68 -27.90 45.82 -55.10
CA THR E 68 -26.68 45.17 -54.63
C THR E 68 -26.93 44.56 -53.26
N LEU E 69 -27.47 43.35 -53.24
CA LEU E 69 -27.77 42.66 -52.00
C LEU E 69 -26.48 42.28 -51.29
N LYS E 70 -26.25 42.89 -50.14
CA LYS E 70 -25.14 42.54 -49.26
C LYS E 70 -25.69 41.77 -48.08
N TYR E 71 -24.93 40.80 -47.61
CA TYR E 71 -25.24 40.13 -46.35
C TYR E 71 -24.38 40.70 -45.25
N PRO E 72 -24.96 41.24 -44.19
CA PRO E 72 -24.16 41.91 -43.18
C PRO E 72 -23.59 40.96 -42.16
N ILE E 73 -23.99 39.69 -42.18
CA ILE E 73 -23.40 38.67 -41.34
C ILE E 73 -22.74 37.63 -42.22
N GLU E 74 -21.45 37.44 -42.02
CA GLU E 74 -20.65 36.57 -42.85
C GLU E 74 -19.92 35.58 -41.97
N GLY E 76 -21.16 34.04 -39.55
CA GLY E 76 -21.66 34.27 -38.21
C GLY E 76 -21.03 35.47 -37.52
N ILE E 77 -20.07 36.10 -38.17
CA ILE E 77 -19.43 37.28 -37.64
C ILE E 77 -20.07 38.50 -38.27
N ILE E 78 -20.56 39.42 -37.44
CA ILE E 78 -21.10 40.68 -37.96
C ILE E 78 -19.98 41.51 -38.55
N THR E 79 -20.11 41.89 -39.81
CA THR E 79 -19.05 42.63 -40.48
C THR E 79 -19.37 44.11 -40.62
N ASN E 80 -20.54 44.43 -41.15
CA ASN E 80 -20.95 45.83 -41.31
C ASN E 80 -21.75 46.24 -40.08
N TRP E 81 -21.20 47.12 -39.27
CA TRP E 81 -21.92 47.57 -38.09
C TRP E 81 -22.92 48.66 -38.43
N ASP E 82 -22.63 49.44 -39.47
CA ASP E 82 -23.57 50.46 -39.89
C ASP E 82 -24.82 49.84 -40.50
N ASP E 83 -24.71 48.63 -41.03
CA ASP E 83 -25.80 48.04 -41.79
C ASP E 83 -26.58 47.01 -41.01
N MET E 84 -25.92 46.26 -40.13
CA MET E 84 -26.63 45.36 -39.24
C MET E 84 -27.61 46.12 -38.35
N GLU E 85 -27.20 47.31 -37.90
CA GLU E 85 -28.10 48.12 -37.11
C GLU E 85 -29.33 48.54 -37.89
N LYS E 86 -29.23 48.64 -39.22
CA LYS E 86 -30.45 48.88 -39.99
C LYS E 86 -31.40 47.70 -39.93
N ILE E 87 -30.86 46.49 -39.83
CA ILE E 87 -31.72 45.31 -39.76
C ILE E 87 -32.41 45.20 -38.41
N TRP E 88 -31.69 45.43 -37.32
CA TRP E 88 -32.41 45.51 -36.04
C TRP E 88 -33.42 46.65 -36.03
N HIS E 89 -33.06 47.80 -36.58
CA HIS E 89 -34.01 48.91 -36.68
C HIS E 89 -35.29 48.47 -37.35
N HIS E 90 -35.16 47.77 -38.48
CA HIS E 90 -36.32 47.34 -39.22
C HIS E 90 -37.11 46.28 -38.46
N THR E 91 -36.42 45.38 -37.76
CA THR E 91 -37.15 44.33 -37.09
C THR E 91 -38.02 44.91 -35.99
N PHE E 92 -37.44 45.74 -35.13
CA PHE E 92 -38.23 46.22 -34.01
C PHE E 92 -39.29 47.23 -34.46
N TYR E 93 -38.91 48.26 -35.22
CA TYR E 93 -39.92 49.28 -35.50
C TYR E 93 -40.90 48.91 -36.61
N ASN E 94 -40.46 48.26 -37.68
CA ASN E 94 -41.36 48.05 -38.81
C ASN E 94 -42.04 46.69 -38.81
N GLU E 95 -41.32 45.62 -38.51
CA GLU E 95 -41.88 44.29 -38.66
C GLU E 95 -42.70 43.86 -37.43
N LEU E 96 -42.12 43.91 -36.23
CA LEU E 96 -42.88 43.58 -35.03
C LEU E 96 -43.71 44.75 -34.52
N ARG E 97 -43.35 45.98 -34.87
CA ARG E 97 -44.00 47.19 -34.36
C ARG E 97 -44.06 47.21 -32.84
N VAL E 98 -42.98 46.76 -32.22
CA VAL E 98 -42.86 46.70 -30.76
C VAL E 98 -41.90 47.77 -30.29
N ALA E 99 -42.26 48.44 -29.21
CA ALA E 99 -41.41 49.48 -28.65
C ALA E 99 -40.29 48.85 -27.82
N PRO E 100 -39.05 48.87 -28.30
CA PRO E 100 -38.03 47.98 -27.75
C PRO E 100 -37.53 48.38 -26.38
N GLU E 101 -37.77 49.61 -25.93
CA GLU E 101 -37.32 50.02 -24.60
C GLU E 101 -38.02 49.27 -23.49
N GLU E 102 -39.02 48.45 -23.82
CA GLU E 102 -39.96 47.94 -22.86
C GLU E 102 -39.82 46.46 -22.58
N HIS E 103 -39.18 45.70 -23.47
CA HIS E 103 -39.16 44.25 -23.38
C HIS E 103 -37.73 43.75 -23.46
N PRO E 104 -37.36 42.79 -22.61
CA PRO E 104 -36.04 42.18 -22.69
C PRO E 104 -35.88 41.38 -23.97
N THR E 105 -34.64 41.30 -24.44
CA THR E 105 -34.32 40.67 -25.71
C THR E 105 -33.26 39.61 -25.53
N LEU E 106 -33.54 38.40 -25.98
CA LEU E 106 -32.60 37.30 -25.91
C LEU E 106 -31.93 37.11 -27.27
N LEU E 107 -30.74 37.64 -27.44
CA LEU E 107 -29.97 37.53 -28.67
C LEU E 107 -29.23 36.20 -28.69
N THR E 108 -28.93 35.70 -29.88
CA THR E 108 -28.26 34.41 -29.97
C THR E 108 -27.06 34.49 -30.91
N GLU E 109 -26.11 33.59 -30.69
CA GLU E 109 -24.77 33.67 -31.26
C GLU E 109 -24.26 32.28 -31.61
N ALA E 110 -23.28 32.22 -32.49
CA ALA E 110 -22.51 31.02 -32.71
C ALA E 110 -21.49 30.83 -31.59
N PRO E 111 -21.03 29.60 -31.36
CA PRO E 111 -19.87 29.42 -30.47
C PRO E 111 -18.58 29.87 -31.11
N LEU E 112 -17.58 30.08 -30.25
CA LEU E 112 -16.21 30.40 -30.68
C LEU E 112 -16.14 31.66 -31.54
N ASN E 113 -17.07 32.57 -31.35
CA ASN E 113 -16.95 33.85 -32.01
C ASN E 113 -15.90 34.73 -31.34
N PRO E 114 -15.35 35.70 -32.06
CA PRO E 114 -14.54 36.73 -31.43
C PRO E 114 -15.31 37.45 -30.34
N LYS E 115 -14.65 37.68 -29.21
CA LYS E 115 -15.25 38.46 -28.13
C LYS E 115 -15.72 39.83 -28.59
N ALA E 116 -14.95 40.48 -29.46
CA ALA E 116 -15.31 41.82 -29.91
C ALA E 116 -16.69 41.86 -30.58
N ASN E 117 -17.10 40.75 -31.20
CA ASN E 117 -18.41 40.73 -31.83
C ASN E 117 -19.54 40.69 -30.80
N ARG E 118 -19.33 39.99 -29.71
CA ARG E 118 -20.31 40.00 -28.64
C ARG E 118 -20.34 41.34 -27.92
N GLU E 119 -19.17 41.98 -27.76
CA GLU E 119 -19.15 43.26 -27.07
C GLU E 119 -19.81 44.36 -27.89
N LYS E 120 -19.49 44.46 -29.18
CA LYS E 120 -20.21 45.42 -30.03
C LYS E 120 -21.72 45.13 -30.07
N MET E 121 -22.10 43.87 -30.29
CA MET E 121 -23.52 43.54 -30.33
C MET E 121 -24.23 43.93 -29.05
N THR E 122 -23.57 43.77 -27.91
CA THR E 122 -24.16 44.22 -26.65
C THR E 122 -24.22 45.74 -26.57
N GLN E 123 -23.11 46.40 -26.88
CA GLN E 123 -23.03 47.85 -26.71
C GLN E 123 -24.07 48.57 -27.55
N ILE E 124 -24.33 48.09 -28.77
CA ILE E 124 -25.37 48.72 -29.58
C ILE E 124 -26.74 48.58 -28.93
N MET E 125 -27.06 47.38 -28.44
CA MET E 125 -28.39 47.15 -27.87
C MET E 125 -28.60 48.01 -26.63
N PHE E 126 -27.56 48.22 -25.85
CA PHE E 126 -27.68 49.12 -24.70
C PHE E 126 -27.53 50.59 -25.04
N GLU E 127 -26.89 50.94 -26.15
CA GLU E 127 -26.67 52.35 -26.45
C GLU E 127 -27.76 52.96 -27.29
N THR E 128 -28.09 52.38 -28.44
CA THR E 128 -29.01 53.02 -29.37
C THR E 128 -30.45 52.57 -29.20
N PHE E 129 -30.68 51.26 -29.10
CA PHE E 129 -32.03 50.79 -28.81
C PHE E 129 -32.42 50.95 -27.35
N ASN E 130 -31.45 51.09 -26.47
CA ASN E 130 -31.70 51.22 -25.04
C ASN E 130 -32.57 50.08 -24.52
N VAL E 131 -32.17 48.87 -24.87
CA VAL E 131 -32.89 47.68 -24.39
C VAL E 131 -32.85 47.66 -22.86
N PRO E 132 -33.94 47.30 -22.18
CA PRO E 132 -33.89 47.31 -20.72
C PRO E 132 -33.07 46.18 -20.15
N ALA E 133 -33.10 45.00 -20.76
CA ALA E 133 -32.27 43.90 -20.28
C ALA E 133 -32.07 42.94 -21.42
N MET E 134 -30.94 42.25 -21.42
CA MET E 134 -30.53 41.57 -22.63
C MET E 134 -29.66 40.38 -22.27
N TYR E 135 -29.54 39.45 -23.21
CA TYR E 135 -28.75 38.26 -23.02
C TYR E 135 -28.28 37.74 -24.35
N VAL E 136 -27.12 37.12 -24.38
CA VAL E 136 -26.60 36.50 -25.58
C VAL E 136 -26.38 35.03 -25.26
N ALA E 137 -27.15 34.16 -25.90
CA ALA E 137 -27.05 32.73 -25.69
C ALA E 137 -26.39 32.09 -26.90
N ILE E 138 -26.10 30.81 -26.77
CA ILE E 138 -25.48 30.03 -27.83
C ILE E 138 -26.55 29.18 -28.50
N GLN E 139 -26.57 29.20 -29.82
CA GLN E 139 -27.66 28.55 -30.57
C GLN E 139 -27.80 27.07 -30.27
N ALA E 140 -26.69 26.34 -30.13
CA ALA E 140 -26.80 24.90 -29.96
C ALA E 140 -27.36 24.49 -28.60
N VAL E 141 -27.27 25.32 -27.59
CA VAL E 141 -27.87 24.99 -26.31
C VAL E 141 -29.37 25.21 -26.37
N LEU E 142 -29.79 26.35 -26.93
CA LEU E 142 -31.21 26.60 -27.06
C LEU E 142 -31.86 25.52 -27.90
N SER E 143 -31.15 25.04 -28.92
CA SER E 143 -31.76 24.09 -29.83
C SER E 143 -32.14 22.80 -29.14
N LEU E 144 -31.54 22.51 -28.00
CA LEU E 144 -31.82 21.28 -27.26
C LEU E 144 -33.10 21.37 -26.44
N TYR E 145 -33.32 22.48 -25.74
CA TYR E 145 -34.59 22.72 -25.06
C TYR E 145 -35.79 22.52 -25.97
N ALA E 146 -35.65 22.86 -27.24
CA ALA E 146 -36.76 22.69 -28.17
C ALA E 146 -37.25 21.26 -28.24
N SER E 147 -36.38 20.27 -28.05
CA SER E 147 -36.87 18.91 -28.03
C SER E 147 -37.39 18.48 -26.65
N GLY E 148 -37.07 19.21 -25.60
CA GLY E 148 -37.37 18.77 -24.25
C GLY E 148 -36.33 17.85 -23.64
N ARG E 149 -35.41 17.34 -24.43
CA ARG E 149 -34.33 16.50 -23.95
C ARG E 149 -33.36 17.26 -23.06
N THR E 150 -32.58 16.51 -22.30
CA THR E 150 -31.47 17.07 -21.53
C THR E 150 -30.18 16.33 -21.81
N THR E 151 -30.11 15.63 -22.94
CA THR E 151 -28.89 14.98 -23.37
C THR E 151 -28.93 14.93 -24.89
N GLY E 152 -27.77 15.05 -25.50
CA GLY E 152 -27.70 14.87 -26.93
C GLY E 152 -26.56 15.66 -27.51
N ILE E 153 -26.15 15.28 -28.70
CA ILE E 153 -25.14 16.02 -29.45
C ILE E 153 -25.86 16.87 -30.48
N VAL E 154 -25.99 18.16 -30.19
CA VAL E 154 -26.74 19.10 -31.00
C VAL E 154 -25.92 19.42 -32.25
N LEU E 155 -26.28 18.87 -33.39
CA LEU E 155 -25.59 19.18 -34.63
C LEU E 155 -26.40 20.28 -35.31
N ASP E 156 -25.88 21.49 -35.27
CA ASP E 156 -26.60 22.67 -35.74
C ASP E 156 -25.95 23.20 -37.01
N SER E 157 -26.73 23.26 -38.06
CA SER E 157 -26.30 23.78 -39.33
C SER E 157 -26.83 25.20 -39.43
N GLY E 158 -26.78 25.77 -40.63
CA GLY E 158 -27.24 27.13 -40.79
C GLY E 158 -26.86 27.66 -42.14
N ASP E 159 -27.02 28.96 -42.30
CA ASP E 159 -26.52 29.62 -43.49
C ASP E 159 -25.05 29.95 -43.37
N GLY E 160 -24.56 30.14 -42.16
CA GLY E 160 -23.19 30.56 -42.00
C GLY E 160 -22.28 29.56 -41.34
N VAL E 161 -22.63 29.11 -40.15
CA VAL E 161 -21.77 28.29 -39.33
C VAL E 161 -22.43 26.98 -38.95
N THR E 162 -21.68 25.89 -39.07
CA THR E 162 -22.09 24.61 -38.53
C THR E 162 -21.33 24.38 -37.24
N HIS E 163 -22.00 23.88 -36.22
CA HIS E 163 -21.29 23.59 -34.99
C HIS E 163 -21.97 22.49 -34.20
N ASN E 164 -21.17 21.80 -33.38
CA ASN E 164 -21.64 20.73 -32.52
C ASN E 164 -21.50 21.18 -31.08
N VAL E 165 -22.49 20.91 -30.26
CA VAL E 165 -22.35 21.09 -28.83
C VAL E 165 -22.92 19.87 -28.13
N PRO E 166 -22.09 18.98 -27.63
CA PRO E 166 -22.61 17.90 -26.80
C PRO E 166 -23.03 18.46 -25.46
N ILE E 167 -24.17 17.98 -24.99
CA ILE E 167 -24.69 18.31 -23.68
C ILE E 167 -25.11 17.02 -23.01
N TYR E 168 -24.97 16.97 -21.69
CA TYR E 168 -25.31 15.75 -20.97
C TYR E 168 -25.84 16.17 -19.61
N GLU E 169 -26.96 15.55 -19.22
CA GLU E 169 -27.63 15.86 -17.96
C GLU E 169 -27.76 17.36 -17.72
N GLY E 170 -27.98 18.12 -18.78
CA GLY E 170 -28.05 19.54 -18.59
C GLY E 170 -26.71 20.23 -18.46
N TYR E 171 -25.63 19.49 -18.23
CA TYR E 171 -24.33 20.14 -18.22
C TYR E 171 -23.89 20.35 -19.65
N ALA E 172 -23.10 21.39 -19.87
CA ALA E 172 -22.53 21.69 -21.17
C ALA E 172 -21.05 21.39 -21.12
N LEU E 173 -20.56 20.68 -22.11
CA LEU E 173 -19.14 20.40 -22.11
C LEU E 173 -18.51 21.45 -23.00
N PRO E 174 -17.72 22.38 -22.48
CA PRO E 174 -17.13 23.42 -23.34
C PRO E 174 -15.81 23.07 -24.01
N HIS E 175 -15.24 21.92 -23.72
CA HIS E 175 -14.00 21.50 -24.35
C HIS E 175 -14.20 20.69 -25.61
N ALA E 176 -15.44 20.34 -25.95
CA ALA E 176 -15.68 19.60 -27.18
C ALA E 176 -16.69 20.28 -28.08
N ILE E 177 -16.83 21.60 -27.98
CA ILE E 177 -17.48 22.34 -29.04
C ILE E 177 -16.60 22.33 -30.28
N MET E 178 -17.20 22.07 -31.43
CA MET E 178 -16.53 22.12 -32.72
C MET E 178 -17.26 23.14 -33.56
N ARG E 179 -16.52 23.81 -34.43
CA ARG E 179 -17.14 24.74 -35.36
C ARG E 179 -16.53 24.55 -36.73
N LEU E 180 -17.37 24.33 -37.73
CA LEU E 180 -16.91 24.36 -39.12
C LEU E 180 -17.32 25.67 -39.76
N ASP E 181 -16.78 25.90 -40.95
CA ASP E 181 -17.20 27.05 -41.72
C ASP E 181 -17.86 26.57 -42.99
N LEU E 182 -18.92 25.80 -42.85
CA LEU E 182 -19.51 25.08 -43.97
C LEU E 182 -21.02 25.06 -43.79
N ALA E 183 -21.74 25.65 -44.73
CA ALA E 183 -23.14 25.91 -44.49
C ALA E 183 -23.78 26.29 -45.81
N GLY E 184 -25.06 26.63 -45.74
CA GLY E 184 -25.83 26.92 -46.94
C GLY E 184 -25.25 27.97 -47.84
N ARG E 185 -24.48 28.91 -47.32
CA ARG E 185 -23.85 29.87 -48.21
C ARG E 185 -22.73 29.24 -49.03
N ASP E 186 -22.06 28.23 -48.49
CA ASP E 186 -21.05 27.54 -49.26
C ASP E 186 -21.64 26.50 -50.20
N LEU E 187 -22.75 25.87 -49.82
CA LEU E 187 -23.46 25.05 -50.78
C LEU E 187 -24.08 25.87 -51.89
N THR E 188 -24.54 27.08 -51.62
CA THR E 188 -24.99 27.94 -52.70
C THR E 188 -23.84 28.32 -53.63
N ASP E 189 -22.72 28.75 -53.06
CA ASP E 189 -21.58 29.10 -53.91
C ASP E 189 -21.00 27.91 -54.64
N TYR E 190 -21.25 26.69 -54.17
CA TYR E 190 -20.89 25.52 -54.95
C TYR E 190 -21.90 25.20 -56.04
N LEU E 191 -23.19 25.27 -55.75
CA LEU E 191 -24.19 25.05 -56.78
C LEU E 191 -24.07 26.06 -57.91
N MET E 192 -23.79 27.32 -57.60
CA MET E 192 -23.53 28.29 -58.64
C MET E 192 -22.34 27.92 -59.50
N LYS E 193 -21.45 27.07 -59.01
CA LYS E 193 -20.32 26.62 -59.80
C LYS E 193 -20.57 25.32 -60.55
N ILE E 194 -21.41 24.45 -60.03
CA ILE E 194 -21.68 23.20 -60.76
C ILE E 194 -22.83 23.35 -61.75
N LEU E 195 -23.64 24.39 -61.63
CA LEU E 195 -24.69 24.63 -62.60
C LEU E 195 -24.14 25.19 -63.89
N THR E 196 -22.93 25.71 -63.88
CA THR E 196 -22.31 26.16 -65.12
C THR E 196 -21.91 24.99 -65.99
N GLU E 197 -21.81 23.80 -65.44
CA GLU E 197 -21.62 22.63 -66.29
C GLU E 197 -22.79 22.41 -67.24
N ARG E 198 -23.98 22.88 -66.90
CA ARG E 198 -25.09 22.81 -67.82
C ARG E 198 -25.26 24.09 -68.63
N GLY E 199 -24.42 25.08 -68.41
CA GLY E 199 -24.46 26.35 -69.10
C GLY E 199 -25.27 27.43 -68.44
N TYR E 200 -26.08 27.11 -67.44
CA TYR E 200 -26.70 28.16 -66.65
C TYR E 200 -25.60 28.85 -65.85
N SER E 201 -25.48 30.17 -65.98
CA SER E 201 -24.44 30.90 -65.29
C SER E 201 -25.03 32.02 -64.47
N PHE E 202 -24.98 31.89 -63.16
CA PHE E 202 -25.49 32.92 -62.26
C PHE E 202 -24.31 33.67 -61.67
N VAL E 203 -24.36 34.99 -61.71
CA VAL E 203 -23.21 35.79 -61.33
C VAL E 203 -23.55 36.76 -60.20
N THR E 204 -24.51 37.64 -60.45
CA THR E 204 -24.84 38.69 -59.51
C THR E 204 -25.52 38.14 -58.26
N THR E 205 -25.53 38.97 -57.21
CA THR E 205 -26.12 38.58 -55.93
C THR E 205 -27.61 38.28 -56.07
N ALA E 206 -28.29 39.02 -56.94
CA ALA E 206 -29.71 38.76 -57.16
C ALA E 206 -29.91 37.36 -57.71
N GLU E 207 -29.03 36.91 -58.58
CA GLU E 207 -29.14 35.58 -59.16
C GLU E 207 -28.72 34.52 -58.16
N ARG E 208 -27.88 34.92 -57.20
CA ARG E 208 -27.56 34.03 -56.10
C ARG E 208 -28.79 33.79 -55.25
N GLU E 209 -29.61 34.81 -55.04
CA GLU E 209 -30.88 34.62 -54.35
C GLU E 209 -31.89 33.82 -55.15
N ILE E 210 -31.55 33.36 -56.35
CA ILE E 210 -32.35 32.37 -57.06
C ILE E 210 -31.76 30.98 -56.93
N VAL E 211 -30.45 30.87 -56.97
CA VAL E 211 -29.84 29.57 -56.70
C VAL E 211 -30.08 29.13 -55.25
N ARG E 212 -30.09 30.09 -54.32
CA ARG E 212 -30.51 29.82 -52.95
C ARG E 212 -31.95 29.39 -52.83
N ASP E 213 -32.71 29.45 -53.91
CA ASP E 213 -34.06 28.91 -53.88
C ASP E 213 -34.16 27.63 -54.66
N ILE E 214 -33.34 27.46 -55.68
CA ILE E 214 -33.26 26.17 -56.35
C ILE E 214 -32.91 25.10 -55.32
N LYS E 215 -31.81 25.29 -54.59
CA LYS E 215 -31.35 24.21 -53.73
C LYS E 215 -32.37 23.88 -52.66
N GLU E 216 -33.19 24.85 -52.27
CA GLU E 216 -34.20 24.59 -51.26
C GLU E 216 -35.23 23.57 -51.74
N LYS E 217 -35.61 23.63 -53.00
CA LYS E 217 -36.67 22.76 -53.49
C LYS E 217 -36.15 21.54 -54.24
N LEU E 218 -35.32 21.75 -55.25
CA LEU E 218 -34.90 20.65 -56.10
C LEU E 218 -33.99 19.64 -55.39
N CYS E 219 -33.07 20.11 -54.55
CA CYS E 219 -32.06 19.19 -54.05
C CYS E 219 -32.61 18.21 -53.02
N TYR E 220 -31.89 17.09 -52.89
CA TYR E 220 -32.14 16.05 -51.91
C TYR E 220 -30.82 15.33 -51.68
N VAL E 221 -30.65 14.73 -50.52
CA VAL E 221 -29.43 14.00 -50.23
C VAL E 221 -29.53 12.57 -50.77
N ALA E 222 -28.61 12.23 -51.66
CA ALA E 222 -28.47 10.87 -52.15
C ALA E 222 -28.09 9.92 -51.03
N LEU E 223 -28.85 8.84 -50.88
CA LEU E 223 -28.53 7.87 -49.83
C LEU E 223 -27.13 7.31 -50.03
N ASP E 224 -26.85 6.77 -51.21
CA ASP E 224 -25.52 6.31 -51.57
C ASP E 224 -25.07 7.15 -52.75
N PHE E 225 -24.10 8.03 -52.52
CA PHE E 225 -23.66 8.95 -53.57
C PHE E 225 -23.10 8.22 -54.78
N GLU E 226 -22.38 7.13 -54.57
CA GLU E 226 -21.70 6.51 -55.70
C GLU E 226 -22.63 5.65 -56.55
N ASN E 227 -23.77 5.24 -56.03
CA ASN E 227 -24.79 4.62 -56.88
C ASN E 227 -25.60 5.67 -57.65
N GLU E 228 -25.93 6.79 -57.01
CA GLU E 228 -26.66 7.80 -57.75
C GLU E 228 -25.83 8.46 -58.83
N MET E 229 -24.52 8.59 -58.64
CA MET E 229 -23.70 8.98 -59.77
C MET E 229 -23.68 7.96 -60.90
N ALA E 230 -24.13 6.73 -60.67
CA ALA E 230 -24.41 5.81 -61.77
C ALA E 230 -25.76 6.08 -62.40
N THR E 231 -26.81 6.07 -61.58
CA THR E 231 -28.17 6.23 -62.11
C THR E 231 -28.33 7.53 -62.89
N ALA E 232 -27.77 8.63 -62.38
CA ALA E 232 -27.84 9.91 -63.08
C ALA E 232 -27.04 9.92 -64.37
N ALA E 233 -26.16 8.93 -64.58
CA ALA E 233 -25.42 8.79 -65.82
C ALA E 233 -26.12 7.91 -66.84
N SER E 234 -26.81 6.86 -66.40
CA SER E 234 -27.45 5.91 -67.30
C SER E 234 -28.86 6.31 -67.69
N SER E 235 -29.52 7.17 -66.91
CA SER E 235 -30.97 7.31 -67.01
C SER E 235 -31.33 8.74 -66.60
N SER E 236 -32.58 9.11 -66.87
CA SER E 236 -33.03 10.48 -66.67
C SER E 236 -34.29 10.60 -65.82
N SER E 237 -34.70 9.54 -65.13
CA SER E 237 -35.72 9.70 -64.11
C SER E 237 -35.27 10.61 -62.98
N LEU E 238 -33.97 10.70 -62.75
CA LEU E 238 -33.43 11.65 -61.78
C LEU E 238 -33.58 13.10 -62.20
N GLU E 239 -33.70 13.39 -63.49
CA GLU E 239 -33.74 14.78 -63.92
C GLU E 239 -35.07 15.43 -63.57
N LYS E 240 -35.00 16.70 -63.20
CA LYS E 240 -36.15 17.45 -62.75
C LYS E 240 -36.00 18.88 -63.22
N SER E 241 -37.11 19.60 -63.28
CA SER E 241 -37.19 20.85 -64.00
C SER E 241 -37.87 21.90 -63.14
N TYR E 242 -37.43 23.14 -63.31
CA TYR E 242 -37.81 24.23 -62.42
C TYR E 242 -37.91 25.48 -63.25
N GLU E 243 -38.82 26.37 -62.84
CA GLU E 243 -39.17 27.56 -63.61
C GLU E 243 -38.61 28.81 -62.96
N LEU E 244 -37.92 29.62 -63.74
CA LEU E 244 -37.29 30.82 -63.24
C LEU E 244 -38.33 31.92 -63.13
N PRO E 245 -37.99 33.06 -62.51
CA PRO E 245 -38.98 34.15 -62.43
C PRO E 245 -39.45 34.66 -63.77
N ASP E 246 -38.59 34.69 -64.77
CA ASP E 246 -38.93 35.18 -66.10
C ASP E 246 -39.76 34.21 -66.91
N GLY E 247 -39.89 32.97 -66.46
CA GLY E 247 -40.66 31.96 -67.13
C GLY E 247 -39.85 30.97 -67.93
N GLN E 248 -38.53 31.03 -67.87
CA GLN E 248 -37.68 30.08 -68.55
C GLN E 248 -37.53 28.86 -67.65
N VAL E 249 -37.42 27.68 -68.26
CA VAL E 249 -37.33 26.44 -67.48
C VAL E 249 -35.90 25.93 -67.51
N ILE E 250 -35.40 25.64 -66.34
CA ILE E 250 -34.15 24.95 -66.08
C ILE E 250 -34.40 23.45 -66.14
N THR E 251 -33.41 22.69 -66.56
CA THR E 251 -33.35 21.26 -66.28
C THR E 251 -32.06 20.98 -65.52
N ILE E 252 -32.20 20.50 -64.28
CA ILE E 252 -31.11 20.53 -63.33
C ILE E 252 -30.35 19.22 -63.22
N GLY E 253 -31.01 18.09 -63.49
CA GLY E 253 -30.36 16.79 -63.51
C GLY E 253 -29.35 16.40 -62.45
N ASN E 254 -28.18 15.91 -62.86
CA ASN E 254 -27.11 15.43 -61.97
C ASN E 254 -26.80 16.35 -60.80
N GLU E 255 -26.87 17.66 -60.99
CA GLU E 255 -26.46 18.60 -59.95
C GLU E 255 -27.34 18.49 -58.73
N ARG E 256 -28.52 17.90 -58.90
CA ARG E 256 -29.57 17.91 -57.90
C ARG E 256 -29.15 17.30 -56.58
N PHE E 257 -28.22 16.35 -56.58
CA PHE E 257 -27.77 15.73 -55.34
C PHE E 257 -26.30 15.89 -55.02
N ARG E 258 -25.52 16.55 -55.87
CA ARG E 258 -24.13 16.81 -55.57
C ARG E 258 -23.94 17.98 -54.61
N CYS E 259 -24.91 18.89 -54.53
CA CYS E 259 -24.75 20.02 -53.62
C CYS E 259 -24.81 19.64 -52.16
N PRO E 260 -25.76 18.82 -51.69
CA PRO E 260 -25.72 18.45 -50.28
C PRO E 260 -24.63 17.46 -49.99
N GLU E 261 -24.13 16.76 -51.00
CA GLU E 261 -23.01 15.86 -50.77
C GLU E 261 -21.80 16.58 -50.20
N THR E 262 -21.60 17.85 -50.55
CA THR E 262 -20.44 18.57 -50.00
C THR E 262 -20.51 18.70 -48.49
N LEU E 263 -21.68 18.50 -47.88
CA LEU E 263 -21.76 18.43 -46.43
C LEU E 263 -20.86 17.32 -45.93
N PHE E 264 -20.99 16.15 -46.52
CA PHE E 264 -20.27 14.95 -46.09
C PHE E 264 -18.86 14.90 -46.66
N GLN E 265 -18.57 15.63 -47.73
CA GLN E 265 -17.24 15.66 -48.33
C GLN E 265 -16.79 17.10 -48.55
N PRO E 266 -16.38 17.79 -47.50
CA PRO E 266 -15.88 19.16 -47.61
C PRO E 266 -14.72 19.32 -48.57
N SER E 267 -14.07 18.23 -48.97
CA SER E 267 -13.00 18.33 -49.96
C SER E 267 -13.53 18.93 -51.24
N PHE E 268 -14.78 18.62 -51.58
CA PHE E 268 -15.40 19.10 -52.80
C PHE E 268 -15.33 20.61 -52.93
N ILE E 269 -15.49 21.33 -51.82
CA ILE E 269 -15.49 22.78 -51.87
C ILE E 269 -14.09 23.36 -51.57
N GLY E 270 -13.06 22.52 -51.62
CA GLY E 270 -11.75 23.02 -51.25
C GLY E 270 -11.51 23.15 -49.76
N MET E 271 -12.47 22.77 -48.93
CA MET E 271 -12.34 22.84 -47.49
C MET E 271 -11.65 21.59 -46.99
N GLU E 272 -10.49 21.76 -46.36
CA GLU E 272 -9.79 20.63 -45.76
C GLU E 272 -10.44 20.35 -44.42
N SER E 273 -11.43 19.47 -44.41
CA SER E 273 -12.07 19.15 -43.15
C SER E 273 -12.70 17.78 -43.24
N ALA E 274 -12.94 17.21 -42.07
CA ALA E 274 -13.98 16.21 -41.89
C ALA E 274 -15.33 16.73 -42.33
N GLY E 275 -16.18 15.84 -42.82
CA GLY E 275 -17.55 16.18 -43.06
C GLY E 275 -18.27 16.37 -41.74
N ILE E 276 -19.58 16.60 -41.83
CA ILE E 276 -20.39 16.65 -40.63
C ILE E 276 -20.54 15.29 -39.97
N HIS E 277 -20.48 14.20 -40.74
CA HIS E 277 -20.51 12.88 -40.13
C HIS E 277 -19.25 12.56 -39.37
N GLU E 278 -18.09 12.99 -39.87
CA GLU E 278 -16.87 12.80 -39.09
C GLU E 278 -16.74 13.81 -37.98
N THR E 279 -17.45 14.92 -38.04
CA THR E 279 -17.29 15.90 -36.98
C THR E 279 -18.17 15.57 -35.78
N THR E 280 -19.39 15.09 -36.00
CA THR E 280 -20.13 14.56 -34.86
C THR E 280 -19.37 13.41 -34.21
N TYR E 281 -18.88 12.47 -35.01
CA TYR E 281 -18.13 11.35 -34.47
C TYR E 281 -16.85 11.75 -33.76
N ASN E 282 -16.10 12.72 -34.28
CA ASN E 282 -14.95 13.23 -33.54
C ASN E 282 -15.33 13.91 -32.25
N SER E 283 -16.40 14.71 -32.25
CA SER E 283 -16.78 15.35 -31.00
C SER E 283 -17.31 14.37 -29.98
N ILE E 284 -17.85 13.23 -30.43
CA ILE E 284 -18.19 12.16 -29.48
C ILE E 284 -16.93 11.46 -29.00
N MET E 285 -16.06 11.03 -29.90
CA MET E 285 -14.85 10.33 -29.47
C MET E 285 -14.00 11.17 -28.53
N LYS E 286 -14.02 12.49 -28.68
CA LYS E 286 -13.28 13.34 -27.76
C LYS E 286 -13.82 13.24 -26.35
N CYS E 287 -15.13 13.01 -26.21
CA CYS E 287 -15.77 12.99 -24.92
C CYS E 287 -15.39 11.72 -24.16
N ASP E 288 -15.69 11.71 -22.87
CA ASP E 288 -15.33 10.59 -22.02
C ASP E 288 -16.11 9.33 -22.41
N ILE E 289 -15.44 8.19 -22.28
CA ILE E 289 -16.00 6.89 -22.67
C ILE E 289 -17.32 6.59 -22.00
N ASP E 290 -17.54 7.09 -20.80
CA ASP E 290 -18.79 6.80 -20.10
C ASP E 290 -19.99 7.44 -20.78
N ILE E 291 -19.79 8.56 -21.46
CA ILE E 291 -20.89 9.32 -22.02
C ILE E 291 -21.42 8.70 -23.31
N ARG E 292 -20.55 8.09 -24.11
CA ARG E 292 -20.80 7.97 -25.54
C ARG E 292 -22.04 7.17 -25.87
N LYS E 293 -22.37 6.15 -25.07
CA LYS E 293 -23.58 5.41 -25.38
C LYS E 293 -24.82 6.26 -25.23
N ASP E 294 -24.75 7.35 -24.46
CA ASP E 294 -25.91 8.22 -24.33
C ASP E 294 -25.99 9.25 -25.43
N LEU E 295 -24.86 9.76 -25.89
CA LEU E 295 -24.85 10.65 -27.03
C LEU E 295 -25.33 9.96 -28.29
N TYR E 296 -24.86 8.74 -28.56
CA TYR E 296 -25.32 8.07 -29.77
C TYR E 296 -26.84 7.94 -29.84
N ALA E 297 -27.50 7.83 -28.71
CA ALA E 297 -28.95 7.66 -28.70
C ALA E 297 -29.72 8.97 -28.76
N ASN E 298 -29.07 10.12 -28.71
CA ASN E 298 -29.76 11.40 -28.58
C ASN E 298 -29.26 12.45 -29.57
N ASN E 299 -28.80 12.01 -30.73
CA ASN E 299 -28.16 12.89 -31.71
C ASN E 299 -29.22 13.74 -32.40
N VAL E 300 -29.34 15.00 -31.97
CA VAL E 300 -30.37 15.94 -32.43
C VAL E 300 -29.82 16.80 -33.56
N MET E 301 -30.69 17.15 -34.51
CA MET E 301 -30.34 18.02 -35.63
C MET E 301 -31.15 19.29 -35.56
N SER E 302 -30.59 20.39 -36.07
CA SER E 302 -31.35 21.63 -36.15
C SER E 302 -30.87 22.50 -37.29
N GLY E 303 -31.70 23.48 -37.64
CA GLY E 303 -31.38 24.45 -38.66
C GLY E 303 -31.58 23.93 -40.07
N GLY E 304 -31.81 24.86 -40.98
CA GLY E 304 -31.76 24.56 -42.39
C GLY E 304 -30.38 24.13 -42.83
N THR E 305 -30.29 23.66 -44.08
CA THR E 305 -29.24 22.73 -44.48
C THR E 305 -29.21 21.51 -43.59
N THR E 306 -30.26 21.29 -42.83
CA THR E 306 -30.52 19.99 -42.25
C THR E 306 -32.00 19.67 -42.42
N MET E 307 -32.56 20.17 -43.51
CA MET E 307 -33.91 19.83 -43.92
C MET E 307 -33.96 19.23 -45.30
N TYR E 308 -32.81 18.96 -45.91
CA TYR E 308 -32.83 18.26 -47.18
C TYR E 308 -33.48 16.91 -46.98
N PRO E 309 -34.35 16.48 -47.88
CA PRO E 309 -34.97 15.17 -47.74
C PRO E 309 -33.95 14.06 -47.58
N GLY E 310 -34.17 13.21 -46.59
CA GLY E 310 -33.28 12.10 -46.32
C GLY E 310 -31.94 12.41 -45.70
N ILE E 311 -31.69 13.63 -45.24
CA ILE E 311 -30.38 13.89 -44.63
C ILE E 311 -30.18 13.04 -43.38
N ALA E 312 -31.25 12.84 -42.62
CA ALA E 312 -31.13 12.01 -41.42
C ALA E 312 -30.85 10.57 -41.77
N ASP E 313 -31.62 10.02 -42.70
CA ASP E 313 -31.45 8.64 -43.11
C ASP E 313 -30.10 8.35 -43.73
N ARG E 314 -29.44 9.34 -44.35
CA ARG E 314 -28.04 9.12 -44.68
C ARG E 314 -27.13 9.24 -43.47
N MET E 315 -27.27 10.33 -42.70
CA MET E 315 -26.38 10.54 -41.56
C MET E 315 -26.31 9.32 -40.67
N GLN E 316 -27.47 8.74 -40.34
CA GLN E 316 -27.52 7.59 -39.45
C GLN E 316 -26.77 6.39 -39.99
N LYS E 317 -26.85 6.15 -41.30
CA LYS E 317 -26.01 5.14 -41.93
C LYS E 317 -24.53 5.50 -41.92
N GLU E 318 -24.22 6.77 -42.06
CA GLU E 318 -22.83 7.12 -42.27
C GLU E 318 -22.08 7.18 -40.96
N ILE E 319 -22.73 7.59 -39.87
CA ILE E 319 -22.12 7.45 -38.57
C ILE E 319 -22.18 6.00 -38.07
N THR E 320 -23.24 5.25 -38.41
CA THR E 320 -23.26 3.82 -38.11
C THR E 320 -22.06 3.09 -38.70
N ALA E 321 -21.58 3.54 -39.85
CA ALA E 321 -20.39 2.92 -40.42
C ALA E 321 -19.13 3.20 -39.61
N LEU E 322 -19.10 4.23 -38.78
CA LEU E 322 -17.95 4.51 -37.93
C LEU E 322 -18.06 3.84 -36.56
N ALA E 323 -19.08 4.21 -35.78
CA ALA E 323 -19.18 3.77 -34.41
C ALA E 323 -19.38 2.26 -34.32
N PRO E 324 -19.07 1.67 -33.16
CA PRO E 324 -19.25 0.22 -32.98
C PRO E 324 -20.68 -0.24 -33.25
N SER E 325 -20.77 -1.46 -33.78
CA SER E 325 -22.04 -2.09 -34.14
C SER E 325 -22.88 -2.54 -32.95
N THR E 326 -22.35 -2.51 -31.73
CA THR E 326 -23.18 -2.74 -30.57
C THR E 326 -24.05 -1.55 -30.21
N MET E 327 -23.79 -0.38 -30.77
CA MET E 327 -24.49 0.84 -30.42
C MET E 327 -25.65 1.07 -31.38
N LYS E 328 -26.85 1.16 -30.82
CA LYS E 328 -27.97 1.75 -31.53
C LYS E 328 -27.73 3.24 -31.72
N ILE E 329 -28.00 3.74 -32.92
CA ILE E 329 -27.84 5.15 -33.23
C ILE E 329 -29.17 5.66 -33.77
N LYS E 330 -29.76 6.61 -33.07
CA LYS E 330 -31.02 7.23 -33.44
C LYS E 330 -30.78 8.71 -33.65
N ILE E 331 -31.24 9.23 -34.79
CA ILE E 331 -31.04 10.63 -35.12
C ILE E 331 -32.38 11.32 -35.03
N ILE E 332 -32.47 12.25 -34.08
CA ILE E 332 -33.71 12.93 -33.75
C ILE E 332 -33.78 14.16 -34.64
N ALA E 333 -34.44 14.02 -35.79
CA ALA E 333 -34.71 15.15 -36.67
C ALA E 333 -36.19 15.48 -36.67
N PRO E 334 -36.67 16.30 -35.74
CA PRO E 334 -38.10 16.56 -35.66
C PRO E 334 -38.54 17.42 -36.83
N PRO E 335 -39.84 17.50 -37.09
CA PRO E 335 -40.35 18.54 -37.98
C PRO E 335 -40.18 19.95 -37.38
N GLU E 336 -40.07 20.93 -38.28
CA GLU E 336 -39.75 22.31 -37.91
C GLU E 336 -38.38 22.48 -37.27
N ARG E 337 -37.38 21.75 -37.77
CA ARG E 337 -36.00 22.08 -37.45
C ARG E 337 -35.67 23.55 -37.69
N LYS E 338 -36.23 24.15 -38.74
CA LYS E 338 -35.97 25.57 -39.01
C LYS E 338 -36.26 26.48 -37.83
N TYR E 339 -37.20 26.10 -36.97
CA TYR E 339 -37.57 26.94 -35.84
C TYR E 339 -37.07 26.42 -34.53
N SER E 340 -36.26 25.36 -34.54
CA SER E 340 -35.86 24.73 -33.29
C SER E 340 -35.22 25.73 -32.35
N VAL E 341 -34.24 26.48 -32.83
CA VAL E 341 -33.58 27.48 -32.00
C VAL E 341 -34.52 28.55 -31.52
N TRP E 342 -35.43 29.01 -32.37
CA TRP E 342 -36.36 30.01 -31.88
C TRP E 342 -37.30 29.47 -30.81
N ILE E 343 -37.82 28.25 -30.99
CA ILE E 343 -38.70 27.72 -29.96
C ILE E 343 -37.93 27.43 -28.68
N GLY E 344 -36.67 27.05 -28.79
CA GLY E 344 -35.81 26.98 -27.62
C GLY E 344 -35.71 28.30 -26.89
N GLY E 345 -35.56 29.38 -27.63
CA GLY E 345 -35.63 30.69 -27.00
C GLY E 345 -36.97 31.01 -26.40
N SER E 346 -38.05 30.64 -27.08
CA SER E 346 -39.40 30.90 -26.56
C SER E 346 -39.72 30.07 -25.33
N ILE E 347 -38.97 29.03 -25.06
CA ILE E 347 -39.13 28.28 -23.81
C ILE E 347 -38.20 28.78 -22.73
N LEU E 348 -36.94 28.97 -23.09
CA LEU E 348 -35.93 29.40 -22.13
C LEU E 348 -36.18 30.81 -21.61
N ALA E 349 -36.74 31.68 -22.43
CA ALA E 349 -37.06 33.03 -22.00
C ALA E 349 -38.28 33.06 -21.10
N SER E 350 -39.11 32.03 -21.12
CA SER E 350 -40.26 31.95 -20.23
C SER E 350 -39.99 31.06 -19.03
N LEU E 351 -38.80 30.49 -18.94
CA LEU E 351 -38.44 29.58 -17.86
C LEU E 351 -38.20 30.38 -16.58
N SER E 352 -38.83 29.96 -15.49
CA SER E 352 -38.83 30.72 -14.24
C SER E 352 -37.46 30.81 -13.57
N THR E 353 -36.56 29.85 -13.80
CA THR E 353 -35.23 29.95 -13.24
C THR E 353 -34.34 30.96 -13.95
N PHE E 354 -34.59 31.21 -15.23
CA PHE E 354 -33.68 32.02 -16.04
C PHE E 354 -33.64 33.48 -15.63
N GLN E 355 -34.67 33.97 -14.95
CA GLN E 355 -34.87 35.41 -14.79
C GLN E 355 -33.77 36.09 -13.98
N GLN E 356 -32.85 35.35 -13.38
CA GLN E 356 -31.68 35.93 -12.75
C GLN E 356 -30.49 36.14 -13.68
N MET E 357 -30.52 35.58 -14.89
CA MET E 357 -29.35 35.66 -15.77
C MET E 357 -29.36 36.88 -16.68
N TRP E 358 -30.49 37.58 -16.81
CA TRP E 358 -30.54 38.80 -17.59
C TRP E 358 -29.43 39.76 -17.19
N ILE E 359 -28.80 40.37 -18.19
CA ILE E 359 -27.77 41.37 -17.96
C ILE E 359 -28.45 42.73 -17.94
N THR E 360 -28.78 43.20 -16.75
CA THR E 360 -29.50 44.46 -16.63
C THR E 360 -28.66 45.61 -17.16
N LYS E 361 -29.33 46.60 -17.76
CA LYS E 361 -28.61 47.73 -18.35
C LYS E 361 -27.74 48.43 -17.32
N GLN E 362 -28.28 48.62 -16.12
CA GLN E 362 -27.52 49.22 -15.03
C GLN E 362 -26.24 48.43 -14.75
N GLU E 363 -26.33 47.10 -14.76
CA GLU E 363 -25.18 46.28 -14.41
C GLU E 363 -24.07 46.42 -15.44
N TYR E 364 -24.41 46.46 -16.72
CA TYR E 364 -23.42 46.73 -17.76
C TYR E 364 -22.87 48.16 -17.68
N ASP E 365 -23.73 49.12 -17.39
CA ASP E 365 -23.27 50.51 -17.27
C ASP E 365 -22.24 50.67 -16.15
N GLU E 366 -22.40 49.95 -15.06
CA GLU E 366 -21.42 50.08 -13.98
C GLU E 366 -20.24 49.11 -14.08
N ALA E 367 -20.47 47.85 -14.40
CA ALA E 367 -19.41 46.84 -14.40
C ALA E 367 -18.59 46.78 -15.68
N GLY E 368 -19.02 47.45 -16.75
CA GLY E 368 -18.25 47.52 -17.96
C GLY E 368 -18.34 46.29 -18.85
N PRO E 369 -18.00 46.48 -20.13
CA PRO E 369 -18.35 45.49 -21.17
C PRO E 369 -17.86 44.07 -20.91
N SER E 370 -16.85 43.87 -20.07
CA SER E 370 -16.45 42.51 -19.73
C SER E 370 -17.57 41.68 -19.10
N ILE E 371 -18.62 42.33 -18.58
CA ILE E 371 -19.77 41.61 -18.03
C ILE E 371 -20.32 40.56 -18.97
N VAL E 372 -20.23 40.76 -20.28
CA VAL E 372 -20.96 39.92 -21.21
C VAL E 372 -20.42 38.52 -21.33
N HIS E 373 -19.18 38.28 -20.89
CA HIS E 373 -18.59 36.96 -20.98
C HIS E 373 -18.82 36.09 -19.75
N ARG E 374 -19.47 36.62 -18.72
CA ARG E 374 -19.76 35.81 -17.53
C ARG E 374 -20.66 34.65 -17.92
N LYS E 375 -20.59 33.57 -17.15
CA LYS E 375 -21.42 32.40 -17.42
C LYS E 375 -21.89 31.76 -16.11
N CYS E 376 -22.39 32.58 -15.19
CA CYS E 376 -23.08 32.04 -14.03
C CYS E 376 -24.44 31.53 -14.49
N PHE E 377 -24.41 30.47 -15.28
CA PHE E 377 -25.55 29.99 -16.04
C PHE E 377 -26.54 29.28 -15.15
#